data_9HVL
#
_entry.id   9HVL
#
_cell.length_a   1.00
_cell.length_b   1.00
_cell.length_c   1.00
_cell.angle_alpha   90.00
_cell.angle_beta   90.00
_cell.angle_gamma   90.00
#
_symmetry.space_group_name_H-M   'P 1'
#
loop_
_entity.id
_entity.type
_entity.pdbx_description
1 polymer 'Glutamate carboxypeptidase 2'
2 polymer 'Nanobody 37'
3 branched 2-acetamido-2-deoxy-beta-D-glucopyranose-(1-4)-2-acetamido-2-deoxy-beta-D-glucopyranose
4 branched beta-D-mannopyranose-(1-4)-2-acetamido-2-deoxy-beta-D-glucopyranose-(1-4)-2-acetamido-2-deoxy-beta-D-glucopyranose
5 branched alpha-D-mannopyranose-(1-3)-[alpha-D-mannopyranose-(1-6)]beta-D-mannopyranose-(1-4)-2-acetamido-2-deoxy-beta-D-glucopyranose-(1-4)-2-acetamido-2-deoxy-beta-D-glucopyranose
6 non-polymer 2-acetamido-2-deoxy-beta-D-glucopyranose
7 non-polymer 'ZINC ION'
8 non-polymer 'CALCIUM ION'
9 non-polymer 'CHLORIDE ION'
#
loop_
_entity_poly.entity_id
_entity_poly.type
_entity_poly.pdbx_seq_one_letter_code
_entity_poly.pdbx_strand_id
1 'polypeptide(L)'
;HNMKAFLDELKAENIKKFLYNFTQIPHLAGTEQNFQLAKQIQSQWKEFGLDSVELAHYDVLLSYPNKTHPNYISIINEDG
NEIFNTSLFEPPPPGYENVSDIVPPFSAFSPQGMPEGDLVYVNYARTEDFFKLERDMKINCSGKIVIARYGKVFRGNKVK
NAQLAGAKGVILYSDPADYFAPGVKSYPDGWNLPGGGVQRGNILNLNGAGDPLTPGYPANEYAYRRGIAEAVGLPSIPVH
PIGYYDAQKLLEKMGGSAPPDSSWRGSLKVPYNVGPGFTGNFSTQKVKMHIHSTNEVTRIYNVIGTLRGAVEPDRYVILG
GHRDSWVFGGIDPQSGAAVVHEIVRSFGTLKKEGWRPRRTILFASWDAEEFGLLGSTEWAEENSRLLQERGVAYINADSS
IEGNYTLRVDCTPLMYSLVHNLTKELKSPDEGFEGKSLYESWTKKSPSPEFSGMPRISKLGSGNDFEVFFQRLGIASGRA
RYTKNWETNKFSGYPLYHSVYETYELVEKFYDPMFKYHLTVAQVRGGMVFELANSIVLPFDCRDYAVVLRKYADKIYSIS
MKHPQEMKTYSVSFDSLFSAVKNFTEIASKFSERLQDFDKSNPIVLRMMNDQLMFLERAFIDPLGLPDRPFYRHVIYAPS
SHNKYAGESFPGIYDALFDIESKVDPSKAWGEVKRQIYVAAFTVQAAAETLSEVA
;
A,E
2 'polypeptide(L)'
;VQLQESGGGSLRLSCARSGWPYSTYSMNWFRQAPGKEREAVAGISSTMSGIIFAESKAGQFTISQDNAKNTVYLQMNNLK
PEDTAIYYCAARRDYSLSSSSDDFDYWGQGTQVTV
;
H,P
#
loop_
_chem_comp.id
_chem_comp.type
_chem_comp.name
_chem_comp.formula
BMA D-saccharide, beta linking beta-D-mannopyranose 'C6 H12 O6'
CA non-polymer 'CALCIUM ION' 'Ca 2'
CL non-polymer 'CHLORIDE ION' 'Cl -1'
MAN D-saccharide, alpha linking alpha-D-mannopyranose 'C6 H12 O6'
NAG D-saccharide, beta linking 2-acetamido-2-deoxy-beta-D-glucopyranose 'C8 H15 N O6'
ZN non-polymer 'ZINC ION' 'Zn 2'
#
# COMPACT_ATOMS: atom_id res chain seq x y z
N HIS A 1 -17.78 -4.45 -38.84
CA HIS A 1 -17.14 -4.54 -40.13
C HIS A 1 -15.63 -4.38 -39.98
N ASN A 2 -15.16 -3.13 -40.07
CA ASN A 2 -13.76 -2.79 -39.86
C ASN A 2 -13.70 -1.32 -39.47
N MET A 3 -12.50 -0.76 -39.41
CA MET A 3 -12.37 0.66 -39.14
C MET A 3 -12.75 1.52 -40.34
N LYS A 4 -12.69 0.98 -41.56
CA LYS A 4 -13.11 1.74 -42.73
C LYS A 4 -14.60 2.08 -42.68
N ALA A 5 -15.39 1.31 -41.93
CA ALA A 5 -16.80 1.62 -41.75
C ALA A 5 -17.06 2.44 -40.49
N PHE A 6 -16.26 2.25 -39.44
CA PHE A 6 -16.47 3.02 -38.21
C PHE A 6 -16.00 4.46 -38.37
N LEU A 7 -14.87 4.67 -39.03
CA LEU A 7 -14.27 6.00 -39.13
C LEU A 7 -15.07 6.90 -40.07
N ASP A 8 -15.58 6.34 -41.16
CA ASP A 8 -16.37 7.10 -42.12
C ASP A 8 -17.83 7.21 -41.71
N GLU A 9 -18.21 6.63 -40.58
CA GLU A 9 -19.55 6.81 -40.02
C GLU A 9 -19.62 8.00 -39.08
N LEU A 10 -18.47 8.60 -38.74
CA LEU A 10 -18.44 9.82 -37.95
C LEU A 10 -18.66 11.02 -38.87
N LYS A 11 -19.43 11.98 -38.38
CA LYS A 11 -19.77 13.17 -39.13
C LYS A 11 -19.43 14.41 -38.34
N ALA A 12 -19.03 15.47 -39.06
CA ALA A 12 -18.75 16.74 -38.40
C ALA A 12 -20.04 17.44 -38.00
N GLU A 13 -21.13 17.23 -38.74
CA GLU A 13 -22.39 17.87 -38.39
C GLU A 13 -22.99 17.30 -37.12
N ASN A 14 -22.83 15.99 -36.90
CA ASN A 14 -23.31 15.41 -35.65
C ASN A 14 -22.53 15.96 -34.45
N ILE A 15 -21.21 16.10 -34.58
CA ILE A 15 -20.42 16.70 -33.51
C ILE A 15 -20.84 18.15 -33.30
N LYS A 16 -21.13 18.86 -34.39
CA LYS A 16 -21.60 20.24 -34.28
C LYS A 16 -22.92 20.32 -33.51
N LYS A 17 -23.86 19.42 -33.83
CA LYS A 17 -25.15 19.43 -33.16
C LYS A 17 -25.01 19.03 -31.69
N PHE A 18 -24.15 18.06 -31.38
CA PHE A 18 -23.94 17.68 -29.99
C PHE A 18 -23.29 18.82 -29.20
N LEU A 19 -22.34 19.53 -29.81
CA LEU A 19 -21.74 20.68 -29.15
C LEU A 19 -22.78 21.77 -28.90
N TYR A 20 -23.65 22.03 -29.89
CA TYR A 20 -24.73 22.98 -29.69
C TYR A 20 -25.65 22.54 -28.58
N ASN A 21 -25.98 21.25 -28.53
CA ASN A 21 -26.84 20.72 -27.48
C ASN A 21 -26.23 20.93 -26.10
N PHE A 22 -24.95 20.59 -25.95
CA PHE A 22 -24.32 20.61 -24.64
C PHE A 22 -23.84 21.99 -24.22
N THR A 23 -23.82 22.98 -25.12
CA THR A 23 -23.24 24.28 -24.81
C THR A 23 -24.27 25.40 -24.87
N GLN A 24 -25.45 25.21 -24.29
CA GLN A 24 -26.44 26.27 -24.19
C GLN A 24 -26.83 26.63 -22.76
N ILE A 25 -26.71 25.70 -21.81
CA ILE A 25 -27.04 25.97 -20.42
C ILE A 25 -25.87 25.54 -19.55
N PRO A 26 -25.72 26.14 -18.37
CA PRO A 26 -24.63 25.73 -17.48
C PRO A 26 -24.81 24.31 -16.98
N HIS A 27 -23.69 23.60 -16.85
CA HIS A 27 -23.66 22.20 -16.44
C HIS A 27 -22.59 21.97 -15.38
N LEU A 28 -22.58 22.81 -14.35
CA LEU A 28 -21.65 22.62 -13.25
C LEU A 28 -21.98 21.32 -12.51
N ALA A 29 -20.93 20.66 -12.02
CA ALA A 29 -21.10 19.37 -11.37
C ALA A 29 -21.93 19.49 -10.10
N GLY A 30 -22.80 18.51 -9.87
CA GLY A 30 -23.65 18.50 -8.71
C GLY A 30 -24.88 19.37 -8.81
N THR A 31 -25.19 19.91 -9.97
CA THR A 31 -26.34 20.76 -10.16
C THR A 31 -27.46 19.99 -10.86
N GLU A 32 -28.63 20.63 -10.94
CA GLU A 32 -29.78 19.98 -11.57
C GLU A 32 -29.57 19.79 -13.07
N GLN A 33 -28.97 20.79 -13.72
CA GLN A 33 -28.77 20.70 -15.17
C GLN A 33 -27.74 19.63 -15.53
N ASN A 34 -26.72 19.43 -14.71
CA ASN A 34 -25.78 18.34 -14.96
C ASN A 34 -26.45 16.99 -14.84
N PHE A 35 -27.35 16.84 -13.86
CA PHE A 35 -28.11 15.59 -13.74
C PHE A 35 -29.04 15.39 -14.92
N GLN A 36 -29.67 16.46 -15.40
CA GLN A 36 -30.52 16.35 -16.59
C GLN A 36 -29.71 15.96 -17.81
N LEU A 37 -28.52 16.53 -17.97
CA LEU A 37 -27.65 16.15 -19.07
C LEU A 37 -27.22 14.69 -18.95
N ALA A 38 -26.93 14.23 -17.72
CA ALA A 38 -26.59 12.83 -17.52
C ALA A 38 -27.73 11.91 -17.92
N LYS A 39 -28.96 12.27 -17.54
CA LYS A 39 -30.12 11.46 -17.93
C LYS A 39 -30.30 11.45 -19.44
N GLN A 40 -30.16 12.61 -20.08
CA GLN A 40 -30.32 12.68 -21.53
C GLN A 40 -29.24 11.89 -22.26
N ILE A 41 -28.01 11.94 -21.74
CA ILE A 41 -26.92 11.19 -22.35
C ILE A 41 -27.15 9.70 -22.16
N GLN A 42 -27.66 9.29 -21.00
CA GLN A 42 -28.01 7.89 -20.80
C GLN A 42 -29.07 7.45 -21.79
N SER A 43 -30.11 8.27 -21.98
CA SER A 43 -31.18 7.93 -22.91
C SER A 43 -30.65 7.81 -24.35
N GLN A 44 -29.82 8.78 -24.76
CA GLN A 44 -29.29 8.74 -26.12
C GLN A 44 -28.36 7.55 -26.31
N TRP A 45 -27.52 7.24 -25.32
CA TRP A 45 -26.63 6.10 -25.42
C TRP A 45 -27.40 4.78 -25.46
N LYS A 46 -28.52 4.72 -24.75
CA LYS A 46 -29.39 3.55 -24.87
C LYS A 46 -29.99 3.46 -26.27
N GLU A 47 -30.38 4.60 -26.84
CA GLU A 47 -31.02 4.60 -28.15
C GLU A 47 -30.03 4.21 -29.24
N PHE A 48 -28.77 4.63 -29.10
CA PHE A 48 -27.76 4.29 -30.10
C PHE A 48 -27.49 2.79 -30.17
N GLY A 49 -27.72 2.05 -29.10
CA GLY A 49 -27.55 0.62 -29.14
C GLY A 49 -26.55 0.07 -28.14
N LEU A 50 -26.29 0.81 -27.07
CA LEU A 50 -25.42 0.29 -26.03
C LEU A 50 -26.08 -0.87 -25.31
N ASP A 51 -25.25 -1.82 -24.87
CA ASP A 51 -25.76 -3.03 -24.23
C ASP A 51 -26.40 -2.72 -22.88
N SER A 52 -25.80 -1.82 -22.10
CA SER A 52 -26.36 -1.45 -20.80
C SER A 52 -25.75 -0.12 -20.38
N VAL A 53 -26.60 0.84 -20.03
CA VAL A 53 -26.18 2.15 -19.56
C VAL A 53 -26.71 2.38 -18.17
N GLU A 54 -25.85 2.83 -17.27
CA GLU A 54 -26.20 3.01 -15.87
C GLU A 54 -25.63 4.34 -15.38
N LEU A 55 -26.19 4.82 -14.28
CA LEU A 55 -25.79 6.07 -13.64
C LEU A 55 -25.20 5.72 -12.28
N ALA A 56 -23.87 5.65 -12.22
CA ALA A 56 -23.16 5.36 -10.97
C ALA A 56 -22.99 6.66 -10.21
N HIS A 57 -23.62 6.78 -9.05
CA HIS A 57 -23.61 8.03 -8.29
C HIS A 57 -22.79 7.86 -7.02
N TYR A 58 -22.11 8.94 -6.65
CA TYR A 58 -21.30 8.99 -5.45
C TYR A 58 -21.55 10.32 -4.74
N ASP A 59 -21.58 10.29 -3.41
CA ASP A 59 -21.78 11.49 -2.61
C ASP A 59 -20.40 12.00 -2.20
N VAL A 60 -19.87 12.95 -2.97
CA VAL A 60 -18.52 13.44 -2.78
C VAL A 60 -18.57 14.90 -2.35
N LEU A 61 -17.47 15.37 -1.77
CA LEU A 61 -17.39 16.73 -1.27
C LEU A 61 -17.09 17.68 -2.42
N LEU A 62 -18.00 18.62 -2.67
CA LEU A 62 -17.82 19.67 -3.67
C LEU A 62 -17.84 21.02 -2.99
N SER A 63 -17.54 22.06 -3.75
CA SER A 63 -17.48 23.43 -3.25
C SER A 63 -18.29 24.35 -4.16
N TYR A 64 -19.09 25.22 -3.55
CA TYR A 64 -19.92 26.14 -4.30
C TYR A 64 -19.85 27.52 -3.65
N PRO A 65 -19.98 28.58 -4.44
CA PRO A 65 -20.07 29.92 -3.84
C PRO A 65 -21.48 30.19 -3.33
N ASN A 66 -21.55 31.07 -2.33
CA ASN A 66 -22.85 31.45 -1.77
C ASN A 66 -23.57 32.37 -2.74
N LYS A 67 -24.80 32.00 -3.10
CA LYS A 67 -25.57 32.80 -4.03
C LYS A 67 -26.07 34.10 -3.41
N THR A 68 -26.07 34.19 -2.09
CA THR A 68 -26.48 35.41 -1.40
C THR A 68 -25.29 36.25 -0.92
N HIS A 69 -24.14 35.63 -0.69
CA HIS A 69 -22.95 36.32 -0.21
C HIS A 69 -21.84 36.16 -1.23
N PRO A 70 -21.67 37.09 -2.16
CA PRO A 70 -20.66 36.92 -3.22
C PRO A 70 -19.24 37.07 -2.68
N ASN A 71 -18.31 36.47 -3.41
CA ASN A 71 -16.89 36.58 -3.12
C ASN A 71 -16.28 37.72 -3.93
N TYR A 72 -15.52 38.58 -3.27
CA TYR A 72 -14.86 39.67 -3.99
C TYR A 72 -13.68 40.18 -3.18
N ILE A 73 -12.76 40.84 -3.87
CA ILE A 73 -11.56 41.40 -3.27
C ILE A 73 -11.68 42.92 -3.30
N SER A 74 -11.28 43.57 -2.21
CA SER A 74 -11.43 45.00 -2.08
C SER A 74 -10.14 45.63 -1.58
N ILE A 75 -10.00 46.92 -1.83
CA ILE A 75 -8.91 47.71 -1.30
C ILE A 75 -9.46 48.54 -0.15
N ILE A 76 -8.88 48.35 1.04
CA ILE A 76 -9.42 48.89 2.29
C ILE A 76 -8.43 49.90 2.85
N ASN A 77 -8.94 51.09 3.17
CA ASN A 77 -8.13 52.16 3.73
C ASN A 77 -8.08 52.02 5.26
N GLU A 78 -7.62 53.08 5.94
CA GLU A 78 -7.53 53.05 7.40
C GLU A 78 -8.89 52.86 8.05
N ASP A 79 -9.92 53.50 7.51
CA ASP A 79 -11.25 53.51 8.11
C ASP A 79 -12.14 52.40 7.59
N GLY A 80 -11.62 51.50 6.77
CA GLY A 80 -12.42 50.40 6.25
C GLY A 80 -13.53 50.82 5.32
N ASN A 81 -13.24 51.73 4.39
CA ASN A 81 -14.26 52.26 3.49
C ASN A 81 -14.37 51.51 2.18
N GLU A 82 -13.47 50.56 1.90
CA GLU A 82 -13.52 49.71 0.71
C GLU A 82 -13.54 50.58 -0.57
N ILE A 83 -12.43 51.28 -0.77
CA ILE A 83 -12.33 52.24 -1.88
C ILE A 83 -12.35 51.55 -3.24
N PHE A 84 -12.08 50.25 -3.30
CA PHE A 84 -12.08 49.54 -4.57
C PHE A 84 -12.80 48.20 -4.40
N ASN A 85 -13.47 47.76 -5.46
CA ASN A 85 -14.17 46.49 -5.48
C ASN A 85 -13.91 45.79 -6.81
N THR A 86 -13.72 44.48 -6.78
CA THR A 86 -13.57 43.71 -8.00
C THR A 86 -14.93 43.19 -8.48
N SER A 87 -14.93 42.69 -9.71
CA SER A 87 -16.18 42.27 -10.35
C SER A 87 -16.76 41.04 -9.68
N LEU A 88 -18.08 41.05 -9.48
CA LEU A 88 -18.77 39.89 -8.94
C LEU A 88 -19.04 38.82 -9.99
N PHE A 89 -19.03 39.20 -11.27
CA PHE A 89 -19.26 38.24 -12.34
C PHE A 89 -18.64 38.78 -13.62
N GLU A 90 -18.44 37.88 -14.58
CA GLU A 90 -17.98 38.30 -15.89
C GLU A 90 -19.17 38.77 -16.74
N PRO A 91 -18.97 39.74 -17.61
CA PRO A 91 -20.03 40.15 -18.54
C PRO A 91 -20.45 38.98 -19.41
N PRO A 92 -21.72 38.58 -19.35
CA PRO A 92 -22.16 37.41 -20.11
C PRO A 92 -21.98 37.61 -21.60
N PRO A 93 -21.60 36.57 -22.33
CA PRO A 93 -21.43 36.70 -23.77
C PRO A 93 -22.74 37.05 -24.43
N PRO A 94 -22.70 37.75 -25.57
CA PRO A 94 -23.94 38.09 -26.28
C PRO A 94 -24.72 36.84 -26.66
N GLY A 95 -26.04 36.92 -26.53
CA GLY A 95 -26.87 35.76 -26.71
C GLY A 95 -27.00 34.87 -25.50
N TYR A 96 -26.44 35.28 -24.36
CA TYR A 96 -26.50 34.51 -23.13
C TYR A 96 -26.85 35.38 -21.93
N GLU A 97 -27.42 36.56 -22.16
CA GLU A 97 -27.75 37.46 -21.06
C GLU A 97 -28.93 36.94 -20.25
N ASN A 98 -29.82 36.15 -20.86
CA ASN A 98 -30.98 35.62 -20.18
C ASN A 98 -30.78 34.19 -19.69
N VAL A 99 -29.56 33.67 -19.78
CA VAL A 99 -29.27 32.34 -19.28
C VAL A 99 -29.02 32.41 -17.78
N SER A 100 -29.77 31.60 -17.02
CA SER A 100 -29.73 31.64 -15.57
C SER A 100 -28.77 30.59 -15.04
N ASP A 101 -28.50 30.67 -13.72
CA ASP A 101 -27.66 29.74 -13.00
C ASP A 101 -26.24 29.73 -13.54
N ILE A 102 -25.65 30.92 -13.61
CA ILE A 102 -24.26 31.10 -14.02
C ILE A 102 -23.46 31.36 -12.75
N VAL A 103 -22.69 30.38 -12.32
CA VAL A 103 -21.91 30.52 -11.08
C VAL A 103 -20.77 31.51 -11.32
N PRO A 104 -20.58 32.50 -10.45
CA PRO A 104 -19.48 33.45 -10.62
C PRO A 104 -18.14 32.75 -10.46
N PRO A 105 -17.07 33.30 -11.05
CA PRO A 105 -15.77 32.66 -10.94
C PRO A 105 -15.33 32.53 -9.49
N PHE A 106 -14.74 31.39 -9.16
CA PHE A 106 -14.29 31.12 -7.79
C PHE A 106 -13.29 29.97 -7.82
N SER A 107 -12.36 30.01 -6.87
CA SER A 107 -11.42 28.91 -6.68
C SER A 107 -12.08 27.86 -5.80
N ALA A 108 -12.35 26.69 -6.38
CA ALA A 108 -13.06 25.65 -5.65
C ALA A 108 -12.27 25.19 -4.44
N PHE A 109 -12.99 24.90 -3.35
CA PHE A 109 -12.45 24.39 -2.09
C PHE A 109 -11.63 25.42 -1.33
N SER A 110 -11.89 26.70 -1.57
CA SER A 110 -11.22 27.76 -0.80
C SER A 110 -11.93 27.95 0.53
N PRO A 111 -11.22 27.93 1.66
CA PRO A 111 -11.86 28.18 2.94
C PRO A 111 -12.39 29.61 3.03
N GLN A 112 -13.44 29.78 3.84
CA GLN A 112 -14.00 31.09 4.07
C GLN A 112 -13.05 31.91 4.95
N GLY A 113 -13.12 33.22 4.79
CA GLY A 113 -12.30 34.10 5.61
C GLY A 113 -12.38 35.54 5.15
N MET A 114 -11.81 36.42 5.97
CA MET A 114 -11.70 37.84 5.67
C MET A 114 -10.27 38.32 5.84
N PRO A 115 -9.33 37.79 5.06
CA PRO A 115 -7.93 38.20 5.24
C PRO A 115 -7.71 39.66 4.90
N GLU A 116 -6.83 40.29 5.69
CA GLU A 116 -6.44 41.67 5.46
C GLU A 116 -4.93 41.77 5.62
N GLY A 117 -4.33 42.65 4.84
CA GLY A 117 -2.90 42.88 4.91
C GLY A 117 -2.35 43.36 3.58
N ASP A 118 -1.02 43.44 3.52
CA ASP A 118 -0.32 43.98 2.37
C ASP A 118 -0.28 42.97 1.23
N LEU A 119 0.02 43.47 0.04
CA LEU A 119 0.10 42.67 -1.17
C LEU A 119 1.55 42.41 -1.53
N VAL A 120 1.87 41.17 -1.88
CA VAL A 120 3.20 40.77 -2.30
C VAL A 120 3.09 40.11 -3.67
N TYR A 121 3.70 40.73 -4.68
CA TYR A 121 3.76 40.13 -6.00
C TYR A 121 4.71 38.92 -5.95
N VAL A 122 4.28 37.81 -6.52
CA VAL A 122 4.96 36.53 -6.30
C VAL A 122 5.23 35.91 -7.66
N ASN A 123 4.77 36.57 -8.73
CA ASN A 123 4.96 36.14 -10.11
C ASN A 123 4.17 34.86 -10.32
N TYR A 124 4.79 33.75 -10.74
CA TYR A 124 4.07 32.54 -11.07
C TYR A 124 3.91 31.60 -9.87
N ALA A 125 4.33 32.02 -8.68
CA ALA A 125 4.14 31.26 -7.45
C ALA A 125 4.75 29.86 -7.54
N ARG A 126 5.93 29.77 -8.13
CA ARG A 126 6.70 28.53 -8.14
C ARG A 126 7.71 28.55 -6.99
N THR A 127 8.37 27.42 -6.79
CA THR A 127 9.41 27.35 -5.76
C THR A 127 10.56 28.28 -6.10
N GLU A 128 10.85 28.47 -7.39
CA GLU A 128 11.90 29.39 -7.79
C GLU A 128 11.55 30.83 -7.42
N ASP A 129 10.28 31.22 -7.62
CA ASP A 129 9.86 32.58 -7.30
C ASP A 129 9.69 32.82 -5.81
N PHE A 130 9.60 31.77 -5.00
CA PHE A 130 9.55 31.91 -3.55
C PHE A 130 10.92 31.82 -2.90
N PHE A 131 11.86 31.14 -3.55
CA PHE A 131 13.25 31.17 -3.11
C PHE A 131 13.80 32.59 -3.15
N LYS A 132 13.58 33.26 -4.27
CA LYS A 132 14.16 34.59 -4.49
C LYS A 132 13.65 35.62 -3.49
N LEU A 133 12.45 35.41 -2.96
CA LEU A 133 11.84 36.43 -2.10
C LEU A 133 12.66 36.63 -0.82
N GLU A 134 13.12 35.55 -0.20
CA GLU A 134 13.90 35.66 1.03
C GLU A 134 15.38 35.37 0.86
N ARG A 135 15.76 34.52 -0.10
CA ARG A 135 17.18 34.27 -0.33
C ARG A 135 17.87 35.49 -0.91
N ASP A 136 17.22 36.18 -1.84
CA ASP A 136 17.83 37.25 -2.60
C ASP A 136 17.32 38.64 -2.22
N MET A 137 16.00 38.84 -2.23
CA MET A 137 15.42 40.15 -2.00
C MET A 137 15.03 40.38 -0.54
N LYS A 138 15.22 39.40 0.33
CA LYS A 138 14.96 39.53 1.76
C LYS A 138 13.54 40.02 2.03
N ILE A 139 12.57 39.34 1.43
CA ILE A 139 11.16 39.66 1.58
C ILE A 139 10.47 38.49 2.26
N ASN A 140 9.86 38.75 3.41
CA ASN A 140 9.12 37.75 4.16
C ASN A 140 7.64 37.95 3.85
N CYS A 141 7.07 37.02 3.08
CA CYS A 141 5.68 37.12 2.62
C CYS A 141 4.73 36.33 3.51
N SER A 142 5.03 36.21 4.81
CA SER A 142 4.16 35.54 5.74
C SER A 142 3.21 36.55 6.37
N GLY A 143 1.92 36.25 6.35
CA GLY A 143 0.91 37.17 6.83
C GLY A 143 0.44 38.19 5.82
N LYS A 144 0.90 38.10 4.58
CA LYS A 144 0.52 39.04 3.53
C LYS A 144 -0.26 38.30 2.43
N ILE A 145 -1.16 39.04 1.78
CA ILE A 145 -1.91 38.49 0.67
C ILE A 145 -0.98 38.34 -0.53
N VAL A 146 -0.85 37.12 -1.04
CA VAL A 146 0.03 36.81 -2.15
C VAL A 146 -0.78 36.85 -3.43
N ILE A 147 -0.35 37.68 -4.38
CA ILE A 147 -0.97 37.77 -5.69
C ILE A 147 -0.04 37.15 -6.71
N ALA A 148 -0.49 36.09 -7.36
CA ALA A 148 0.27 35.40 -8.39
C ALA A 148 -0.46 35.51 -9.72
N ARG A 149 0.11 34.88 -10.74
CA ARG A 149 -0.46 34.86 -12.06
C ARG A 149 -0.53 33.42 -12.57
N TYR A 150 -1.55 33.14 -13.38
CA TYR A 150 -1.73 31.81 -13.93
C TYR A 150 -0.59 31.46 -14.87
N GLY A 151 -0.14 30.21 -14.81
CA GLY A 151 0.86 29.73 -15.74
C GLY A 151 2.07 29.06 -15.13
N LYS A 152 2.68 28.17 -15.90
CA LYS A 152 3.96 27.51 -15.61
C LYS A 152 3.86 26.46 -14.52
N VAL A 153 2.73 26.42 -13.80
CA VAL A 153 2.49 25.44 -12.73
C VAL A 153 0.99 25.23 -12.57
N PHE A 154 0.62 24.23 -11.79
CA PHE A 154 -0.77 24.00 -11.42
C PHE A 154 -1.17 24.94 -10.29
N ARG A 155 -2.47 25.26 -10.24
CA ARG A 155 -2.98 26.18 -9.22
C ARG A 155 -2.73 25.63 -7.82
N GLY A 156 -2.98 24.34 -7.63
CA GLY A 156 -2.76 23.74 -6.32
C GLY A 156 -1.32 23.87 -5.85
N ASN A 157 -0.37 23.75 -6.78
CA ASN A 157 1.03 23.95 -6.42
C ASN A 157 1.29 25.39 -5.98
N LYS A 158 0.68 26.36 -6.66
CA LYS A 158 0.82 27.76 -6.26
C LYS A 158 0.29 27.97 -4.85
N VAL A 159 -0.89 27.42 -4.56
CA VAL A 159 -1.48 27.60 -3.23
C VAL A 159 -0.64 26.87 -2.19
N LYS A 160 -0.11 25.70 -2.52
CA LYS A 160 0.73 24.96 -1.58
C LYS A 160 2.00 25.74 -1.24
N ASN A 161 2.65 26.33 -2.25
CA ASN A 161 3.82 27.16 -2.00
C ASN A 161 3.46 28.38 -1.17
N ALA A 162 2.30 28.99 -1.44
CA ALA A 162 1.87 30.14 -0.66
C ALA A 162 1.65 29.78 0.81
N GLN A 163 1.03 28.62 1.06
CA GLN A 163 0.89 28.15 2.45
C GLN A 163 2.25 27.88 3.08
N LEU A 164 3.16 27.23 2.34
CA LEU A 164 4.49 26.96 2.86
C LEU A 164 5.25 28.24 3.18
N ALA A 165 4.95 29.34 2.49
CA ALA A 165 5.57 30.62 2.77
C ALA A 165 4.81 31.44 3.81
N GLY A 166 3.65 30.96 4.27
CA GLY A 166 2.92 31.65 5.32
C GLY A 166 1.96 32.71 4.87
N ALA A 167 1.55 32.71 3.60
CA ALA A 167 0.65 33.74 3.10
C ALA A 167 -0.74 33.61 3.71
N LYS A 168 -1.38 34.75 3.96
CA LYS A 168 -2.74 34.74 4.50
C LYS A 168 -3.76 34.41 3.41
N GLY A 169 -3.52 34.86 2.18
CA GLY A 169 -4.46 34.62 1.11
C GLY A 169 -3.75 34.64 -0.23
N VAL A 170 -4.43 34.08 -1.24
CA VAL A 170 -3.88 33.95 -2.58
C VAL A 170 -4.86 34.60 -3.56
N ILE A 171 -4.31 35.43 -4.46
CA ILE A 171 -5.07 36.02 -5.55
C ILE A 171 -4.42 35.61 -6.86
N LEU A 172 -5.23 35.12 -7.79
CA LEU A 172 -4.76 34.68 -9.10
C LEU A 172 -5.37 35.56 -10.18
N TYR A 173 -4.55 35.95 -11.15
CA TYR A 173 -5.03 36.74 -12.28
C TYR A 173 -4.37 36.25 -13.56
N SER A 174 -5.06 36.46 -14.68
CA SER A 174 -4.58 36.02 -15.99
C SER A 174 -3.90 37.20 -16.66
N ASP A 175 -2.57 37.16 -16.69
CA ASP A 175 -1.81 38.25 -17.30
C ASP A 175 -2.03 38.25 -18.81
N PRO A 176 -2.17 39.44 -19.42
CA PRO A 176 -2.28 39.51 -20.89
C PRO A 176 -0.96 39.22 -21.58
N ALA A 177 0.06 38.87 -20.80
CA ALA A 177 1.32 38.41 -21.36
C ALA A 177 1.32 36.90 -21.61
N ASP A 178 0.46 36.15 -20.93
CA ASP A 178 0.35 34.72 -21.11
C ASP A 178 -0.99 34.26 -21.66
N TYR A 179 -2.00 35.13 -21.66
CA TYR A 179 -3.35 34.77 -22.10
C TYR A 179 -3.91 35.83 -23.04
N PHE A 180 -3.07 36.36 -23.92
CA PHE A 180 -3.51 37.32 -24.93
C PHE A 180 -2.60 37.16 -26.14
N ALA A 181 -3.09 36.43 -27.14
CA ALA A 181 -2.32 36.24 -28.37
C ALA A 181 -2.17 37.58 -29.10
N PRO A 182 -1.00 37.85 -29.68
CA PRO A 182 -0.79 39.15 -30.33
C PRO A 182 -1.57 39.24 -31.64
N GLY A 183 -2.14 40.42 -31.88
CA GLY A 183 -2.87 40.65 -33.11
C GLY A 183 -4.25 40.03 -33.17
N VAL A 184 -4.86 39.73 -32.03
CA VAL A 184 -6.18 39.12 -31.98
C VAL A 184 -7.08 39.98 -31.10
N LYS A 185 -8.37 39.97 -31.43
CA LYS A 185 -9.37 40.73 -30.67
C LYS A 185 -10.01 39.84 -29.59
N SER A 186 -10.74 40.49 -28.69
CA SER A 186 -11.38 39.78 -27.59
C SER A 186 -12.49 38.87 -28.12
N TYR A 187 -13.06 38.09 -27.21
CA TYR A 187 -13.97 36.98 -27.58
C TYR A 187 -15.12 37.39 -28.48
N PRO A 188 -15.85 38.49 -28.25
CA PRO A 188 -16.97 38.80 -29.16
C PRO A 188 -16.55 38.99 -30.60
N ASP A 189 -15.33 39.47 -30.84
CA ASP A 189 -14.80 39.64 -32.19
C ASP A 189 -13.48 38.91 -32.38
N GLY A 190 -13.27 37.83 -31.62
CA GLY A 190 -12.02 37.10 -31.71
C GLY A 190 -11.99 35.95 -30.71
N TRP A 191 -10.79 35.61 -30.26
CA TRP A 191 -10.61 34.51 -29.32
C TRP A 191 -9.60 34.86 -28.24
N ASN A 192 -9.39 36.14 -27.97
CA ASN A 192 -8.50 36.58 -26.91
C ASN A 192 -9.30 36.81 -25.63
N LEU A 193 -8.60 36.71 -24.50
CA LEU A 193 -9.26 36.88 -23.21
C LEU A 193 -9.70 38.33 -23.04
N PRO A 194 -10.99 38.58 -22.78
CA PRO A 194 -11.40 39.93 -22.40
C PRO A 194 -10.90 40.26 -21.00
N GLY A 195 -11.10 41.53 -20.61
CA GLY A 195 -10.63 41.95 -19.31
C GLY A 195 -11.44 41.41 -18.15
N GLY A 196 -12.70 41.07 -18.38
CA GLY A 196 -13.52 40.47 -17.37
C GLY A 196 -13.48 38.96 -17.38
N GLY A 197 -12.78 38.36 -18.33
CA GLY A 197 -12.66 36.92 -18.35
C GLY A 197 -11.83 36.42 -17.17
N VAL A 198 -12.36 35.44 -16.45
CA VAL A 198 -11.69 34.88 -15.29
C VAL A 198 -11.65 33.36 -15.46
N GLN A 199 -10.51 32.77 -15.11
CA GLN A 199 -10.32 31.33 -15.21
C GLN A 199 -10.64 30.67 -13.87
N ARG A 200 -11.47 29.65 -13.90
CA ARG A 200 -11.81 28.89 -12.71
C ARG A 200 -10.94 27.63 -12.64
N GLY A 201 -11.15 26.85 -11.60
CA GLY A 201 -10.43 25.62 -11.40
C GLY A 201 -10.17 25.37 -9.92
N ASN A 202 -10.06 24.10 -9.56
CA ASN A 202 -9.82 23.72 -8.18
C ASN A 202 -8.38 24.01 -7.78
N ILE A 203 -8.16 24.13 -6.47
CA ILE A 203 -6.84 24.39 -5.92
C ILE A 203 -6.45 23.24 -5.01
N LEU A 204 -6.94 22.04 -5.32
CA LEU A 204 -6.73 20.86 -4.49
C LEU A 204 -5.44 20.15 -4.86
N ASN A 205 -4.76 19.63 -3.85
CA ASN A 205 -3.57 18.78 -4.02
C ASN A 205 -3.93 17.40 -3.48
N LEU A 206 -4.56 16.58 -4.32
CA LEU A 206 -5.07 15.29 -3.87
C LEU A 206 -4.06 14.16 -4.05
N ASN A 207 -3.11 14.30 -4.96
CA ASN A 207 -2.09 13.28 -5.22
C ASN A 207 -2.72 11.93 -5.54
N GLY A 208 -3.78 11.96 -6.35
CA GLY A 208 -4.44 10.74 -6.78
C GLY A 208 -5.39 10.13 -5.78
N ALA A 209 -5.74 10.85 -4.71
CA ALA A 209 -6.65 10.29 -3.71
C ALA A 209 -8.09 10.25 -4.22
N GLY A 210 -8.52 11.30 -4.92
CA GLY A 210 -9.90 11.37 -5.38
C GLY A 210 -10.76 12.24 -4.51
N ASP A 211 -11.93 11.75 -4.14
CA ASP A 211 -12.78 12.49 -3.20
C ASP A 211 -12.04 12.65 -1.88
N PRO A 212 -11.92 13.87 -1.35
CA PRO A 212 -11.09 14.07 -0.15
C PRO A 212 -11.54 13.28 1.06
N LEU A 213 -12.82 13.00 1.20
CA LEU A 213 -13.35 12.41 2.43
C LEU A 213 -13.29 10.88 2.44
N THR A 214 -13.03 10.24 1.31
CA THR A 214 -12.96 8.78 1.23
C THR A 214 -11.75 8.38 0.40
N PRO A 215 -10.54 8.46 0.98
CA PRO A 215 -9.33 8.06 0.25
C PRO A 215 -9.14 6.55 0.26
N GLY A 216 -9.15 5.96 -0.93
CA GLY A 216 -8.90 4.53 -1.10
C GLY A 216 -10.16 3.71 -1.32
N TYR A 217 -11.33 4.23 -0.97
CA TYR A 217 -12.58 3.51 -1.08
C TYR A 217 -13.63 4.44 -1.67
N PRO A 218 -14.62 3.89 -2.39
CA PRO A 218 -15.60 4.74 -3.06
C PRO A 218 -16.55 5.40 -2.09
N ALA A 219 -17.18 6.47 -2.56
CA ALA A 219 -18.11 7.25 -1.74
C ALA A 219 -19.54 6.79 -2.00
N ASN A 220 -19.82 5.56 -1.57
CA ASN A 220 -21.16 5.02 -1.64
C ASN A 220 -21.99 5.57 -0.47
N GLU A 221 -23.20 5.03 -0.30
CA GLU A 221 -24.07 5.53 0.77
C GLU A 221 -23.67 5.00 2.13
N TYR A 222 -23.20 3.76 2.20
CA TYR A 222 -22.81 3.16 3.47
C TYR A 222 -21.37 3.49 3.83
N ALA A 223 -20.99 4.75 3.68
CA ALA A 223 -19.59 5.15 3.73
C ALA A 223 -19.30 5.98 4.97
N TYR A 224 -18.13 5.74 5.57
CA TYR A 224 -17.64 6.54 6.68
C TYR A 224 -16.76 7.65 6.11
N ARG A 225 -17.18 8.89 6.32
CA ARG A 225 -16.47 10.05 5.80
C ARG A 225 -15.65 10.71 6.90
N ARG A 226 -14.39 10.98 6.61
CA ARG A 226 -13.58 11.79 7.50
C ARG A 226 -14.14 13.20 7.57
N GLY A 227 -14.16 13.76 8.77
CA GLY A 227 -14.55 15.15 8.91
C GLY A 227 -13.52 16.07 8.28
N ILE A 228 -13.89 17.34 8.10
CA ILE A 228 -12.94 18.22 7.45
C ILE A 228 -12.00 18.77 8.51
N ALA A 229 -11.11 17.89 9.00
CA ALA A 229 -9.85 18.25 9.64
C ALA A 229 -8.72 17.34 9.23
N GLU A 230 -9.01 16.12 8.78
CA GLU A 230 -8.04 15.17 8.25
C GLU A 230 -8.25 14.94 6.76
N ALA A 231 -9.00 15.81 6.09
CA ALA A 231 -9.29 15.63 4.68
C ALA A 231 -8.02 15.80 3.85
N VAL A 232 -8.04 15.18 2.67
CA VAL A 232 -6.84 15.09 1.84
C VAL A 232 -6.80 16.28 0.89
N GLY A 233 -5.75 17.09 1.00
CA GLY A 233 -5.44 18.09 0.00
C GLY A 233 -6.17 19.41 0.10
N LEU A 234 -7.02 19.60 1.10
CA LEU A 234 -7.72 20.87 1.17
C LEU A 234 -6.78 21.97 1.65
N PRO A 235 -6.81 23.15 1.01
CA PRO A 235 -5.96 24.25 1.44
C PRO A 235 -6.45 24.86 2.75
N SER A 236 -5.61 25.73 3.31
CA SER A 236 -5.91 26.38 4.57
C SER A 236 -6.11 27.88 4.44
N ILE A 237 -5.99 28.44 3.24
CA ILE A 237 -6.17 29.88 3.04
C ILE A 237 -7.12 30.11 1.88
N PRO A 238 -7.94 31.18 1.91
CA PRO A 238 -8.85 31.45 0.80
C PRO A 238 -8.12 31.91 -0.45
N VAL A 239 -8.71 31.59 -1.60
CA VAL A 239 -8.15 31.92 -2.90
C VAL A 239 -9.29 32.44 -3.80
N HIS A 240 -8.97 33.40 -4.66
CA HIS A 240 -9.96 33.96 -5.57
C HIS A 240 -9.30 34.43 -6.86
N PRO A 241 -9.81 34.01 -8.02
CA PRO A 241 -9.24 34.46 -9.30
C PRO A 241 -9.94 35.69 -9.86
N ILE A 242 -9.17 36.48 -10.60
CA ILE A 242 -9.65 37.72 -11.20
C ILE A 242 -9.09 37.84 -12.61
N GLY A 243 -9.59 38.83 -13.35
CA GLY A 243 -9.07 39.18 -14.65
C GLY A 243 -7.98 40.23 -14.56
N TYR A 244 -7.52 40.68 -15.73
CA TYR A 244 -6.47 41.68 -15.81
C TYR A 244 -7.00 43.09 -15.91
N TYR A 245 -8.32 43.27 -15.75
CA TYR A 245 -8.96 44.58 -15.65
C TYR A 245 -9.07 45.04 -14.19
N ASP A 246 -9.23 44.10 -13.26
CA ASP A 246 -9.17 44.39 -11.83
C ASP A 246 -7.76 44.21 -11.27
N ALA A 247 -7.03 43.23 -11.80
CA ALA A 247 -5.65 43.03 -11.37
C ALA A 247 -4.79 44.25 -11.69
N GLN A 248 -5.10 44.96 -12.78
CA GLN A 248 -4.40 46.20 -13.05
C GLN A 248 -4.62 47.21 -11.94
N LYS A 249 -5.85 47.33 -11.46
CA LYS A 249 -6.13 48.24 -10.35
C LYS A 249 -5.43 47.79 -9.08
N LEU A 250 -5.36 46.49 -8.83
CA LEU A 250 -4.67 46.00 -7.65
C LEU A 250 -3.16 46.26 -7.73
N LEU A 251 -2.57 46.07 -8.91
CA LEU A 251 -1.13 46.14 -9.08
C LEU A 251 -0.61 47.54 -9.34
N GLU A 252 -1.45 48.45 -9.85
CA GLU A 252 -0.96 49.77 -10.25
C GLU A 252 -0.46 50.59 -9.06
N LYS A 253 -0.95 50.30 -7.86
CA LYS A 253 -0.58 51.06 -6.68
C LYS A 253 0.50 50.39 -5.85
N MET A 254 1.06 49.28 -6.32
CA MET A 254 2.09 48.58 -5.56
C MET A 254 3.37 49.40 -5.49
N GLY A 255 4.15 49.14 -4.45
CA GLY A 255 5.45 49.76 -4.27
C GLY A 255 6.47 48.78 -3.75
N GLY A 256 7.53 49.28 -3.12
CA GLY A 256 8.55 48.41 -2.56
C GLY A 256 9.64 48.06 -3.56
N SER A 257 10.18 46.85 -3.45
CA SER A 257 11.30 46.45 -4.31
C SER A 257 10.86 46.31 -5.76
N ALA A 258 11.78 46.67 -6.66
CA ALA A 258 11.54 46.50 -8.09
C ALA A 258 11.60 45.01 -8.44
N PRO A 259 11.02 44.63 -9.58
CA PRO A 259 11.10 43.22 -10.02
C PRO A 259 12.55 42.79 -10.18
N PRO A 260 12.88 41.57 -9.76
CA PRO A 260 14.29 41.12 -9.83
C PRO A 260 14.87 41.15 -11.23
N ASP A 261 14.07 40.82 -12.24
CA ASP A 261 14.54 40.79 -13.61
C ASP A 261 13.36 41.02 -14.54
N SER A 262 13.58 40.80 -15.84
CA SER A 262 12.53 41.03 -16.82
C SER A 262 11.47 39.95 -16.83
N SER A 263 11.81 38.72 -16.42
CA SER A 263 10.82 37.65 -16.39
C SER A 263 9.75 37.87 -15.33
N TRP A 264 10.06 38.65 -14.29
CA TRP A 264 9.06 38.99 -13.28
C TRP A 264 8.21 40.17 -13.76
N ARG A 265 7.71 40.11 -14.98
CA ARG A 265 6.95 41.20 -15.58
C ARG A 265 5.96 40.63 -16.57
N GLY A 266 4.93 41.41 -16.87
CA GLY A 266 3.89 41.02 -17.79
C GLY A 266 3.66 42.09 -18.85
N SER A 267 2.45 42.11 -19.38
CA SER A 267 2.05 43.04 -20.44
C SER A 267 1.14 44.15 -19.94
N LEU A 268 0.95 44.26 -18.63
CA LEU A 268 0.11 45.32 -18.08
C LEU A 268 0.91 46.60 -17.90
N LYS A 269 0.19 47.72 -17.80
CA LYS A 269 0.82 49.03 -17.61
C LYS A 269 1.01 49.31 -16.13
N VAL A 270 1.74 48.41 -15.47
CA VAL A 270 2.05 48.54 -14.06
C VAL A 270 3.56 48.32 -13.88
N PRO A 271 4.18 48.90 -12.85
CA PRO A 271 5.63 48.68 -12.64
C PRO A 271 5.98 47.24 -12.29
N TYR A 272 5.01 46.43 -11.88
CA TYR A 272 5.25 45.03 -11.49
C TYR A 272 6.22 44.93 -10.32
N ASN A 273 6.10 45.87 -9.38
CA ASN A 273 6.95 45.86 -8.19
C ASN A 273 6.59 44.68 -7.29
N VAL A 274 7.59 44.21 -6.55
CA VAL A 274 7.42 43.02 -5.73
C VAL A 274 7.19 43.35 -4.25
N GLY A 275 7.72 44.48 -3.78
CA GLY A 275 7.73 44.82 -2.38
C GLY A 275 6.37 44.79 -1.71
N PRO A 276 6.34 44.27 -0.48
CA PRO A 276 5.06 44.20 0.25
C PRO A 276 4.47 45.59 0.46
N GLY A 277 3.13 45.66 0.39
CA GLY A 277 2.42 46.90 0.58
C GLY A 277 2.36 47.72 -0.69
N PHE A 278 1.76 48.89 -0.56
CA PHE A 278 1.63 49.83 -1.65
C PHE A 278 2.67 50.94 -1.53
N THR A 279 2.64 51.86 -2.49
CA THR A 279 3.61 52.93 -2.54
C THR A 279 3.02 54.25 -2.07
N GLY A 280 3.88 55.09 -1.50
CA GLY A 280 3.47 56.42 -1.07
C GLY A 280 2.35 56.39 -0.06
N ASN A 281 1.38 57.30 -0.23
CA ASN A 281 0.25 57.38 0.69
C ASN A 281 -0.54 56.08 0.70
N PHE A 282 -0.68 55.44 -0.46
CA PHE A 282 -1.35 54.16 -0.55
C PHE A 282 -0.74 53.09 0.34
N SER A 283 0.45 53.36 0.91
CA SER A 283 1.04 52.43 1.88
C SER A 283 0.13 52.23 3.08
N THR A 284 -0.77 53.17 3.34
CA THR A 284 -1.74 53.04 4.43
C THR A 284 -2.99 52.28 4.03
N GLN A 285 -2.98 51.62 2.87
CA GLN A 285 -4.10 50.82 2.39
C GLN A 285 -3.67 49.38 2.23
N LYS A 286 -4.62 48.47 2.43
CA LYS A 286 -4.36 47.04 2.33
C LYS A 286 -5.45 46.39 1.48
N VAL A 287 -5.38 45.06 1.36
CA VAL A 287 -6.30 44.29 0.53
C VAL A 287 -7.11 43.37 1.44
N LYS A 288 -8.43 43.39 1.27
CA LYS A 288 -9.34 42.58 2.07
C LYS A 288 -10.09 41.62 1.16
N MET A 289 -10.04 40.33 1.47
CA MET A 289 -10.75 39.33 0.70
C MET A 289 -12.11 39.04 1.34
N HIS A 290 -13.05 38.63 0.50
CA HIS A 290 -14.40 38.24 0.94
C HIS A 290 -14.71 36.93 0.23
N ILE A 291 -14.33 35.82 0.85
CA ILE A 291 -14.55 34.48 0.31
C ILE A 291 -15.59 33.80 1.18
N HIS A 292 -16.71 33.40 0.56
CA HIS A 292 -17.84 32.84 1.28
C HIS A 292 -18.25 31.49 0.71
N SER A 293 -17.44 30.91 -0.16
CA SER A 293 -17.75 29.61 -0.72
C SER A 293 -17.73 28.54 0.37
N THR A 294 -18.63 27.58 0.24
CA THR A 294 -18.79 26.53 1.22
C THR A 294 -18.64 25.16 0.57
N ASN A 295 -18.15 24.21 1.35
CA ASN A 295 -18.01 22.82 0.92
C ASN A 295 -19.14 21.99 1.49
N GLU A 296 -19.69 21.10 0.66
CA GLU A 296 -20.79 20.25 1.07
C GLU A 296 -20.75 18.95 0.28
N VAL A 297 -21.35 17.91 0.85
CA VAL A 297 -21.38 16.61 0.20
C VAL A 297 -22.56 16.57 -0.75
N THR A 298 -22.28 16.43 -2.04
CA THR A 298 -23.29 16.42 -3.09
C THR A 298 -23.13 15.17 -3.94
N ARG A 299 -24.22 14.76 -4.57
CA ARG A 299 -24.25 13.55 -5.36
C ARG A 299 -23.87 13.85 -6.81
N ILE A 300 -22.91 13.09 -7.33
CA ILE A 300 -22.43 13.23 -8.70
C ILE A 300 -22.65 11.91 -9.42
N TYR A 301 -23.07 11.99 -10.69
CA TYR A 301 -23.45 10.82 -11.47
C TYR A 301 -22.51 10.65 -12.64
N ASN A 302 -21.99 9.44 -12.82
CA ASN A 302 -21.19 9.06 -13.98
C ASN A 302 -22.03 8.16 -14.86
N VAL A 303 -22.07 8.46 -16.15
CA VAL A 303 -22.80 7.64 -17.12
C VAL A 303 -21.85 6.55 -17.60
N ILE A 304 -22.14 5.30 -17.25
CA ILE A 304 -21.31 4.17 -17.62
C ILE A 304 -22.09 3.33 -18.62
N GLY A 305 -21.59 3.23 -19.84
CA GLY A 305 -22.20 2.43 -20.89
C GLY A 305 -21.30 1.27 -21.27
N THR A 306 -21.92 0.14 -21.62
CA THR A 306 -21.19 -1.09 -21.90
C THR A 306 -21.52 -1.58 -23.30
N LEU A 307 -20.48 -2.03 -24.01
CA LEU A 307 -20.63 -2.74 -25.27
C LEU A 307 -19.88 -4.06 -25.11
N ARG A 308 -20.63 -5.15 -24.99
CA ARG A 308 -20.04 -6.44 -24.65
C ARG A 308 -19.10 -6.92 -25.74
N GLY A 309 -18.00 -7.55 -25.32
CA GLY A 309 -17.07 -8.12 -26.27
C GLY A 309 -17.56 -9.46 -26.80
N ALA A 310 -17.32 -9.69 -28.10
CA ALA A 310 -17.80 -10.91 -28.73
C ALA A 310 -16.98 -12.12 -28.30
N VAL A 311 -15.66 -11.98 -28.25
CA VAL A 311 -14.77 -13.09 -27.94
C VAL A 311 -14.28 -13.03 -26.50
N GLU A 312 -13.94 -11.84 -26.01
CA GLU A 312 -13.45 -11.64 -24.65
C GLU A 312 -14.28 -10.57 -23.95
N PRO A 313 -15.50 -10.90 -23.53
CA PRO A 313 -16.33 -9.91 -22.84
C PRO A 313 -15.74 -9.41 -21.53
N ASP A 314 -14.80 -10.11 -20.92
CA ASP A 314 -14.21 -9.62 -19.69
C ASP A 314 -13.03 -8.68 -19.92
N ARG A 315 -12.63 -8.47 -21.17
CA ARG A 315 -11.51 -7.58 -21.46
C ARG A 315 -12.06 -6.17 -21.70
N TYR A 316 -11.76 -5.25 -20.78
CA TYR A 316 -12.35 -3.92 -20.78
C TYR A 316 -11.43 -2.93 -21.47
N VAL A 317 -11.91 -2.31 -22.54
CA VAL A 317 -11.23 -1.18 -23.18
C VAL A 317 -12.12 0.04 -22.99
N ILE A 318 -11.60 1.05 -22.30
CA ILE A 318 -12.42 2.15 -21.80
C ILE A 318 -12.11 3.41 -22.58
N LEU A 319 -13.16 4.06 -23.09
CA LEU A 319 -13.08 5.39 -23.66
C LEU A 319 -13.88 6.32 -22.75
N GLY A 320 -13.17 7.17 -22.01
CA GLY A 320 -13.80 7.95 -20.96
C GLY A 320 -13.49 9.43 -21.07
N GLY A 321 -14.39 10.23 -20.54
CA GLY A 321 -14.22 11.67 -20.49
C GLY A 321 -15.32 12.28 -19.66
N HIS A 322 -15.03 13.45 -19.11
CA HIS A 322 -15.96 14.04 -18.16
C HIS A 322 -16.99 14.93 -18.85
N ARG A 323 -18.06 15.22 -18.11
CA ARG A 323 -19.23 15.91 -18.61
C ARG A 323 -19.49 17.25 -17.93
N ASP A 324 -19.03 17.44 -16.70
CA ASP A 324 -19.27 18.70 -16.01
C ASP A 324 -18.43 19.81 -16.62
N SER A 325 -18.94 21.04 -16.48
CA SER A 325 -18.23 22.22 -16.98
C SER A 325 -18.11 23.25 -15.88
N TRP A 326 -17.65 24.45 -16.23
CA TRP A 326 -17.61 25.56 -15.29
C TRP A 326 -18.72 26.57 -15.55
N VAL A 327 -18.88 27.04 -16.78
CA VAL A 327 -20.07 27.77 -17.15
C VAL A 327 -20.75 27.08 -18.33
N PHE A 328 -20.09 27.05 -19.48
CA PHE A 328 -20.67 26.43 -20.67
C PHE A 328 -19.81 25.33 -21.26
N GLY A 329 -18.49 25.36 -21.06
CA GLY A 329 -17.62 24.31 -21.55
C GLY A 329 -17.58 24.14 -23.05
N GLY A 330 -17.48 25.25 -23.79
CA GLY A 330 -17.46 25.14 -25.24
C GLY A 330 -16.35 24.25 -25.75
N ILE A 331 -15.16 24.39 -25.19
CA ILE A 331 -14.05 23.48 -25.49
C ILE A 331 -13.81 22.50 -24.35
N ASP A 332 -13.81 22.98 -23.11
CA ASP A 332 -13.52 22.14 -21.95
C ASP A 332 -14.79 21.93 -21.13
N PRO A 333 -15.43 20.75 -21.19
CA PRO A 333 -15.05 19.57 -21.96
C PRO A 333 -15.94 19.24 -23.15
N GLN A 334 -17.02 19.98 -23.40
CA GLN A 334 -18.01 19.52 -24.36
C GLN A 334 -17.48 19.41 -25.78
N SER A 335 -16.34 20.02 -26.10
CA SER A 335 -15.68 19.71 -27.36
C SER A 335 -15.25 18.24 -27.42
N GLY A 336 -14.95 17.65 -26.28
CA GLY A 336 -14.65 16.24 -26.20
C GLY A 336 -15.89 15.39 -25.95
N ALA A 337 -16.84 15.93 -25.20
CA ALA A 337 -18.08 15.19 -24.94
C ALA A 337 -18.89 14.99 -26.23
N ALA A 338 -18.95 16.00 -27.08
CA ALA A 338 -19.61 15.86 -28.37
C ALA A 338 -18.91 14.87 -29.28
N VAL A 339 -17.58 14.77 -29.18
CA VAL A 339 -16.85 13.77 -29.94
C VAL A 339 -17.12 12.37 -29.40
N VAL A 340 -17.21 12.24 -28.07
CA VAL A 340 -17.55 10.95 -27.46
C VAL A 340 -18.94 10.51 -27.90
N HIS A 341 -19.88 11.46 -27.99
CA HIS A 341 -21.23 11.13 -28.45
C HIS A 341 -21.20 10.58 -29.86
N GLU A 342 -20.39 11.17 -30.75
CA GLU A 342 -20.30 10.63 -32.10
C GLU A 342 -19.60 9.29 -32.13
N ILE A 343 -18.58 9.10 -31.28
CA ILE A 343 -17.89 7.80 -31.25
C ILE A 343 -18.83 6.69 -30.83
N VAL A 344 -19.48 6.85 -29.66
CA VAL A 344 -20.58 5.93 -29.39
C VAL A 344 -21.86 6.61 -29.86
N ARG A 345 -21.91 6.87 -31.15
CA ARG A 345 -23.09 6.74 -32.01
C ARG A 345 -22.77 5.99 -33.28
N SER A 346 -21.56 6.13 -33.82
CA SER A 346 -21.06 5.23 -34.86
C SER A 346 -20.83 3.81 -34.37
N PHE A 347 -20.33 3.65 -33.14
CA PHE A 347 -20.27 2.32 -32.55
C PHE A 347 -21.66 1.71 -32.44
N GLY A 348 -22.65 2.51 -32.02
CA GLY A 348 -24.02 2.01 -31.98
C GLY A 348 -24.58 1.69 -33.35
N THR A 349 -24.24 2.48 -34.36
CA THR A 349 -24.70 2.19 -35.72
C THR A 349 -24.11 0.87 -36.22
N LEU A 350 -22.84 0.62 -35.95
CA LEU A 350 -22.26 -0.69 -36.28
C LEU A 350 -22.90 -1.80 -35.47
N LYS A 351 -23.23 -1.53 -34.20
CA LYS A 351 -23.87 -2.52 -33.35
C LYS A 351 -25.24 -2.91 -33.89
N LYS A 352 -26.00 -1.94 -34.40
CA LYS A 352 -27.35 -2.22 -34.89
C LYS A 352 -27.33 -3.24 -36.03
N GLU A 353 -26.34 -3.16 -36.91
CA GLU A 353 -26.24 -4.08 -38.04
C GLU A 353 -25.64 -5.42 -37.66
N GLY A 354 -25.28 -5.62 -36.40
CA GLY A 354 -24.81 -6.90 -35.93
C GLY A 354 -23.32 -7.02 -35.68
N TRP A 355 -22.62 -5.91 -35.46
CA TRP A 355 -21.20 -5.95 -35.16
C TRP A 355 -20.98 -5.92 -33.65
N ARG A 356 -20.07 -6.75 -33.18
CA ARG A 356 -19.72 -6.82 -31.77
C ARG A 356 -18.21 -6.73 -31.64
N PRO A 357 -17.69 -5.89 -30.75
CA PRO A 357 -16.23 -5.84 -30.57
C PRO A 357 -15.71 -7.16 -30.02
N ARG A 358 -14.45 -7.46 -30.35
CA ARG A 358 -13.83 -8.66 -29.81
C ARG A 358 -13.61 -8.55 -28.31
N ARG A 359 -13.31 -7.35 -27.82
CA ARG A 359 -13.16 -7.08 -26.40
C ARG A 359 -14.17 -6.04 -25.96
N THR A 360 -14.62 -6.16 -24.71
CA THR A 360 -15.66 -5.27 -24.20
C THR A 360 -15.17 -3.82 -24.15
N ILE A 361 -16.02 -2.91 -24.60
CA ILE A 361 -15.75 -1.48 -24.57
C ILE A 361 -16.61 -0.83 -23.50
N LEU A 362 -15.98 -0.03 -22.63
CA LEU A 362 -16.69 0.73 -21.62
C LEU A 362 -16.60 2.21 -21.98
N PHE A 363 -17.75 2.83 -22.19
CA PHE A 363 -17.83 4.27 -22.44
C PHE A 363 -18.22 4.95 -21.14
N ALA A 364 -17.60 6.10 -20.86
CA ALA A 364 -17.79 6.76 -19.57
C ALA A 364 -17.92 8.26 -19.76
N SER A 365 -19.04 8.80 -19.31
CA SER A 365 -19.24 10.24 -19.15
C SER A 365 -19.05 10.54 -17.67
N TRP A 366 -17.85 10.95 -17.30
CA TRP A 366 -17.51 11.15 -15.90
C TRP A 366 -18.18 12.41 -15.37
N ASP A 367 -17.92 12.70 -14.09
CA ASP A 367 -18.48 13.85 -13.41
C ASP A 367 -17.48 14.37 -12.38
N ALA A 368 -17.69 15.64 -11.99
CA ALA A 368 -16.90 16.28 -10.93
C ALA A 368 -15.39 16.26 -11.24
N GLU A 369 -15.06 16.43 -12.52
CA GLU A 369 -13.65 16.48 -12.90
C GLU A 369 -13.00 17.81 -12.55
N GLU A 370 -13.75 18.90 -12.68
CA GLU A 370 -13.25 20.22 -12.30
C GLU A 370 -13.10 20.38 -10.81
N PHE A 371 -13.42 19.33 -10.05
CA PHE A 371 -13.32 19.34 -8.60
C PHE A 371 -12.26 18.39 -8.08
N GLY A 372 -11.46 17.78 -8.95
CA GLY A 372 -10.41 16.89 -8.49
C GLY A 372 -10.49 15.50 -9.09
N LEU A 373 -11.07 15.38 -10.28
CA LEU A 373 -11.23 14.09 -10.97
C LEU A 373 -12.03 13.11 -10.10
N LEU A 374 -13.08 13.61 -9.45
CA LEU A 374 -13.73 12.84 -8.40
C LEU A 374 -14.53 11.67 -8.96
N GLY A 375 -15.29 11.89 -10.05
CA GLY A 375 -16.16 10.84 -10.53
C GLY A 375 -15.41 9.61 -11.02
N SER A 376 -14.41 9.83 -11.89
CA SER A 376 -13.63 8.70 -12.41
C SER A 376 -12.85 8.01 -11.31
N THR A 377 -12.30 8.79 -10.37
CA THR A 377 -11.52 8.20 -9.29
C THR A 377 -12.39 7.35 -8.38
N GLU A 378 -13.58 7.84 -8.04
CA GLU A 378 -14.50 7.05 -7.21
C GLU A 378 -14.94 5.79 -7.95
N TRP A 379 -15.26 5.90 -9.24
CA TRP A 379 -15.67 4.73 -9.99
C TRP A 379 -14.56 3.68 -10.06
N ALA A 380 -13.32 4.11 -10.29
CA ALA A 380 -12.20 3.19 -10.34
C ALA A 380 -11.84 2.63 -8.97
N GLU A 381 -12.07 3.39 -7.90
CA GLU A 381 -11.91 2.85 -6.55
C GLU A 381 -12.95 1.78 -6.25
N GLU A 382 -14.17 1.96 -6.73
CA GLU A 382 -15.22 0.95 -6.58
C GLU A 382 -14.99 -0.27 -7.44
N ASN A 383 -14.31 -0.12 -8.58
CA ASN A 383 -14.17 -1.20 -9.56
C ASN A 383 -12.71 -1.62 -9.76
N SER A 384 -11.85 -1.31 -8.79
CA SER A 384 -10.42 -1.61 -8.96
C SER A 384 -10.17 -3.10 -9.10
N ARG A 385 -10.89 -3.93 -8.34
CA ARG A 385 -10.67 -5.37 -8.40
C ARG A 385 -11.02 -5.96 -9.76
N LEU A 386 -11.89 -5.30 -10.54
CA LEU A 386 -12.15 -5.74 -11.90
C LEU A 386 -11.22 -5.08 -12.90
N LEU A 387 -10.85 -3.81 -12.66
CA LEU A 387 -10.00 -3.08 -13.58
C LEU A 387 -8.59 -3.67 -13.62
N GLN A 388 -8.08 -4.12 -12.46
CA GLN A 388 -6.73 -4.64 -12.40
C GLN A 388 -6.56 -5.88 -13.27
N GLU A 389 -7.53 -6.80 -13.21
CA GLU A 389 -7.45 -8.05 -13.95
C GLU A 389 -8.15 -8.01 -15.30
N ARG A 390 -8.85 -6.93 -15.62
CA ARG A 390 -9.64 -6.87 -16.85
C ARG A 390 -9.43 -5.62 -17.68
N GLY A 391 -8.65 -4.64 -17.20
CA GLY A 391 -8.48 -3.41 -17.94
C GLY A 391 -7.35 -3.46 -18.95
N VAL A 392 -7.70 -3.68 -20.22
CA VAL A 392 -6.69 -3.76 -21.27
C VAL A 392 -6.04 -2.41 -21.48
N ALA A 393 -6.84 -1.40 -21.81
CA ALA A 393 -6.32 -0.07 -22.05
C ALA A 393 -7.41 0.96 -21.83
N TYR A 394 -6.99 2.21 -21.70
CA TYR A 394 -7.89 3.32 -21.45
C TYR A 394 -7.61 4.43 -22.45
N ILE A 395 -8.66 5.14 -22.86
CA ILE A 395 -8.53 6.27 -23.77
C ILE A 395 -9.27 7.47 -23.17
N ASN A 396 -8.52 8.53 -22.88
CA ASN A 396 -9.11 9.75 -22.33
C ASN A 396 -9.61 10.65 -23.46
N ALA A 397 -10.80 11.22 -23.27
CA ALA A 397 -11.40 12.14 -24.24
C ALA A 397 -11.86 13.40 -23.53
N ASP A 398 -10.92 14.31 -23.30
CA ASP A 398 -11.18 15.66 -22.83
C ASP A 398 -11.31 16.60 -24.03
N SER A 399 -11.21 17.91 -23.79
CA SER A 399 -11.30 18.94 -24.83
C SER A 399 -10.59 18.51 -26.11
N SER A 400 -11.26 18.71 -27.24
CA SER A 400 -10.77 18.23 -28.52
C SER A 400 -9.76 19.18 -29.17
N ILE A 401 -10.02 20.48 -29.13
CA ILE A 401 -9.16 21.46 -29.78
C ILE A 401 -8.82 22.57 -28.80
N GLU A 402 -7.61 22.53 -28.24
CA GLU A 402 -7.00 23.69 -27.61
C GLU A 402 -6.23 24.53 -28.61
N GLY A 403 -6.29 24.15 -29.88
CA GLY A 403 -5.58 24.85 -30.93
C GLY A 403 -5.96 24.28 -32.28
N ASN A 404 -5.32 24.83 -33.30
CA ASN A 404 -5.72 24.60 -34.69
C ASN A 404 -4.54 24.44 -35.64
N TYR A 405 -3.37 24.05 -35.12
CA TYR A 405 -2.16 23.90 -35.94
C TYR A 405 -1.82 22.44 -36.23
N THR A 406 -1.66 21.63 -35.19
CA THR A 406 -1.18 20.27 -35.39
C THR A 406 -1.66 19.36 -34.26
N LEU A 407 -1.56 18.06 -34.51
CA LEU A 407 -1.98 17.05 -33.56
C LEU A 407 -1.04 16.98 -32.38
N ARG A 408 -1.53 16.39 -31.29
CA ARG A 408 -0.76 16.18 -30.08
C ARG A 408 -1.25 14.90 -29.43
N VAL A 409 -0.32 13.96 -29.18
CA VAL A 409 -0.64 12.66 -28.62
C VAL A 409 0.23 12.43 -27.39
N ASP A 410 -0.39 12.05 -26.28
CA ASP A 410 0.31 11.68 -25.05
C ASP A 410 -0.15 10.27 -24.67
N CYS A 411 0.72 9.29 -24.83
CA CYS A 411 0.36 7.91 -24.52
C CYS A 411 1.55 7.19 -23.91
N THR A 412 1.27 6.00 -23.38
CA THR A 412 2.29 5.10 -22.90
C THR A 412 3.10 4.57 -24.08
N PRO A 413 4.37 4.22 -23.87
CA PRO A 413 5.20 3.73 -24.98
C PRO A 413 4.65 2.47 -25.64
N LEU A 414 3.76 1.73 -24.99
CA LEU A 414 3.21 0.52 -25.58
C LEU A 414 2.31 0.81 -26.77
N MET A 415 1.70 1.99 -26.83
CA MET A 415 0.78 2.35 -27.91
C MET A 415 1.37 3.36 -28.89
N TYR A 416 2.70 3.55 -28.86
CA TYR A 416 3.32 4.47 -29.82
C TYR A 416 3.10 4.01 -31.25
N SER A 417 3.62 2.83 -31.60
CA SER A 417 3.55 2.37 -32.99
C SER A 417 2.12 2.30 -33.47
N LEU A 418 1.22 1.73 -32.65
CA LEU A 418 -0.20 1.72 -33.01
C LEU A 418 -0.69 3.11 -33.37
N VAL A 419 -0.41 4.09 -32.51
CA VAL A 419 -0.77 5.47 -32.81
C VAL A 419 -0.25 5.85 -34.19
N HIS A 420 1.05 5.64 -34.41
CA HIS A 420 1.65 5.97 -35.70
C HIS A 420 0.87 5.32 -36.84
N ASN A 421 0.57 4.03 -36.71
CA ASN A 421 -0.16 3.34 -37.76
C ASN A 421 -1.51 3.99 -38.00
N LEU A 422 -2.24 4.28 -36.94
CA LEU A 422 -3.55 4.91 -37.10
C LEU A 422 -3.40 6.29 -37.71
N THR A 423 -2.28 6.96 -37.45
CA THR A 423 -2.07 8.28 -38.01
C THR A 423 -1.66 8.19 -39.48
N LYS A 424 -1.15 7.04 -39.92
CA LYS A 424 -0.71 6.92 -41.31
C LYS A 424 -1.90 6.72 -42.25
N GLU A 425 -2.94 6.04 -41.78
CA GLU A 425 -4.09 5.71 -42.62
C GLU A 425 -5.18 6.78 -42.61
N LEU A 426 -4.97 7.87 -41.90
CA LEU A 426 -5.96 8.93 -41.81
C LEU A 426 -5.58 10.08 -42.74
N LYS A 427 -6.32 11.18 -42.65
CA LYS A 427 -6.13 12.36 -43.48
C LYS A 427 -5.76 13.56 -42.62
N SER A 428 -5.32 14.63 -43.30
CA SER A 428 -4.94 15.87 -42.64
C SER A 428 -5.86 17.01 -43.06
N PRO A 429 -6.37 17.80 -42.11
CA PRO A 429 -7.26 18.91 -42.47
C PRO A 429 -6.51 20.18 -42.85
N ASP A 430 -5.24 20.26 -42.45
CA ASP A 430 -4.50 21.51 -42.56
C ASP A 430 -4.32 21.93 -44.01
N GLU A 431 -4.36 23.24 -44.24
CA GLU A 431 -4.16 23.79 -45.57
C GLU A 431 -2.74 23.52 -46.04
N GLY A 432 -2.60 23.23 -47.33
CA GLY A 432 -1.33 22.79 -47.88
C GLY A 432 -1.02 21.33 -47.64
N PHE A 433 -1.94 20.59 -47.00
CA PHE A 433 -1.76 19.17 -46.73
C PHE A 433 -2.92 18.35 -47.29
N GLU A 434 -3.66 18.89 -48.25
CA GLU A 434 -4.76 18.16 -48.86
C GLU A 434 -4.24 16.97 -49.64
N GLY A 435 -4.91 15.83 -49.49
CA GLY A 435 -4.47 14.60 -50.10
C GLY A 435 -3.35 13.89 -49.36
N LYS A 436 -2.88 14.45 -48.25
CA LYS A 436 -1.83 13.83 -47.45
C LYS A 436 -2.46 13.03 -46.31
N SER A 437 -1.61 12.47 -45.47
CA SER A 437 -2.04 11.78 -44.26
C SER A 437 -1.71 12.62 -43.05
N LEU A 438 -2.44 12.36 -41.96
CA LEU A 438 -2.16 13.06 -40.70
C LEU A 438 -0.74 12.79 -40.22
N TYR A 439 -0.13 11.67 -40.64
CA TYR A 439 1.25 11.39 -40.28
C TYR A 439 2.19 12.45 -40.80
N GLU A 440 2.02 12.82 -42.08
CA GLU A 440 2.93 13.80 -42.69
C GLU A 440 2.84 15.15 -42.00
N SER A 441 1.62 15.66 -41.81
CA SER A 441 1.45 16.95 -41.17
C SER A 441 1.91 16.93 -39.72
N TRP A 442 1.58 15.86 -38.99
CA TRP A 442 1.99 15.78 -37.59
C TRP A 442 3.50 15.72 -37.46
N THR A 443 4.17 14.98 -38.36
CA THR A 443 5.63 14.90 -38.31
C THR A 443 6.27 16.22 -38.70
N LYS A 444 5.84 16.83 -39.80
CA LYS A 444 6.45 18.07 -40.27
C LYS A 444 6.25 19.20 -39.26
N LYS A 445 5.04 19.33 -38.73
CA LYS A 445 4.76 20.40 -37.79
C LYS A 445 5.32 20.09 -36.40
N SER A 446 5.31 18.82 -36.02
CA SER A 446 5.79 18.39 -34.69
C SER A 446 6.76 17.23 -34.87
N PRO A 447 7.99 17.51 -35.28
CA PRO A 447 8.99 16.45 -35.41
C PRO A 447 9.53 16.01 -34.06
N SER A 448 9.98 14.76 -34.03
CA SER A 448 10.55 14.22 -32.80
C SER A 448 11.84 14.95 -32.45
N PRO A 449 12.08 15.24 -31.17
CA PRO A 449 13.34 15.90 -30.79
C PRO A 449 14.54 14.97 -30.81
N GLU A 450 14.34 13.67 -30.99
CA GLU A 450 15.42 12.71 -31.05
C GLU A 450 15.54 12.03 -32.41
N PHE A 451 14.44 11.49 -32.92
CA PHE A 451 14.45 10.78 -34.19
C PHE A 451 14.21 11.75 -35.35
N SER A 452 14.33 11.24 -36.57
CA SER A 452 14.08 12.01 -37.78
C SER A 452 12.99 11.32 -38.58
N GLY A 453 11.96 12.08 -38.95
CA GLY A 453 10.83 11.52 -39.65
C GLY A 453 9.77 10.91 -38.74
N MET A 454 9.93 11.00 -37.43
CA MET A 454 8.97 10.47 -36.48
C MET A 454 8.24 11.62 -35.79
N PRO A 455 6.93 11.53 -35.61
CA PRO A 455 6.21 12.57 -34.87
C PRO A 455 6.54 12.50 -33.39
N ARG A 456 6.36 13.65 -32.72
CA ARG A 456 6.68 13.77 -31.30
C ARG A 456 5.48 13.34 -30.47
N ILE A 457 5.70 12.40 -29.56
CA ILE A 457 4.69 11.95 -28.61
C ILE A 457 5.19 12.28 -27.21
N SER A 458 4.40 13.06 -26.47
CA SER A 458 4.80 13.51 -25.15
C SER A 458 4.49 12.44 -24.11
N LYS A 459 4.73 12.78 -22.84
CA LYS A 459 4.52 11.85 -21.73
C LYS A 459 3.10 11.96 -21.20
N LEU A 460 2.63 10.86 -20.62
CA LEU A 460 1.35 10.83 -19.92
C LEU A 460 1.57 11.33 -18.50
N GLY A 461 1.03 12.51 -18.18
CA GLY A 461 1.23 13.10 -16.89
C GLY A 461 0.10 12.85 -15.91
N SER A 462 -0.68 13.89 -15.62
CA SER A 462 -1.78 13.80 -14.67
C SER A 462 -2.68 15.01 -14.86
N GLY A 463 -3.78 15.02 -14.11
CA GLY A 463 -4.71 16.13 -14.14
C GLY A 463 -5.96 15.91 -14.95
N ASN A 464 -6.19 14.71 -15.49
CA ASN A 464 -7.40 14.40 -16.22
C ASN A 464 -7.88 13.02 -15.79
N ASP A 465 -8.96 12.55 -16.43
CA ASP A 465 -9.56 11.30 -16.00
C ASP A 465 -8.82 10.10 -16.57
N PHE A 466 -7.49 10.11 -16.43
CA PHE A 466 -6.66 8.95 -16.68
C PHE A 466 -5.65 8.74 -15.58
N GLU A 467 -5.55 9.67 -14.63
CA GLU A 467 -4.57 9.58 -13.56
C GLU A 467 -4.81 8.35 -12.69
N VAL A 468 -6.07 8.07 -12.36
CA VAL A 468 -6.36 6.90 -11.54
C VAL A 468 -6.10 5.62 -12.32
N PHE A 469 -6.40 5.61 -13.62
CA PHE A 469 -6.24 4.41 -14.42
C PHE A 469 -4.77 4.10 -14.69
N PHE A 470 -3.95 5.13 -14.84
CA PHE A 470 -2.55 4.96 -15.23
C PHE A 470 -1.59 4.99 -14.06
N GLN A 471 -1.65 6.01 -13.21
CA GLN A 471 -0.65 6.22 -12.18
C GLN A 471 -0.94 5.47 -10.89
N ARG A 472 -2.12 4.88 -10.74
CA ARG A 472 -2.41 4.03 -9.58
C ARG A 472 -2.72 2.59 -9.95
N LEU A 473 -3.57 2.38 -10.96
CA LEU A 473 -3.93 1.03 -11.37
C LEU A 473 -2.94 0.44 -12.37
N GLY A 474 -2.37 1.27 -13.23
CA GLY A 474 -1.40 0.78 -14.19
C GLY A 474 -2.03 0.24 -15.44
N ILE A 475 -2.95 1.00 -16.04
CA ILE A 475 -3.59 0.60 -17.29
C ILE A 475 -3.06 1.50 -18.41
N ALA A 476 -2.67 0.90 -19.52
CA ALA A 476 -2.16 1.68 -20.65
C ALA A 476 -3.22 2.69 -21.10
N SER A 477 -2.79 3.94 -21.25
CA SER A 477 -3.71 5.03 -21.55
C SER A 477 -3.22 5.81 -22.75
N GLY A 478 -4.04 6.76 -23.20
CA GLY A 478 -3.70 7.56 -24.36
C GLY A 478 -4.61 8.75 -24.60
N ARG A 479 -4.03 9.86 -25.01
CA ARG A 479 -4.75 11.09 -25.36
C ARG A 479 -4.32 11.55 -26.73
N ALA A 480 -5.27 12.04 -27.52
CA ALA A 480 -4.97 12.63 -28.81
C ALA A 480 -5.90 13.82 -29.03
N ARG A 481 -5.35 14.94 -29.48
CA ARG A 481 -6.13 16.15 -29.68
C ARG A 481 -5.39 17.05 -30.68
N TYR A 482 -5.92 18.24 -30.88
CA TYR A 482 -5.29 19.25 -31.72
C TYR A 482 -4.92 20.45 -30.87
N THR A 483 -3.70 20.95 -31.03
CA THR A 483 -3.19 22.01 -30.19
C THR A 483 -2.64 23.17 -31.01
N LYS A 484 -2.03 24.14 -30.34
CA LYS A 484 -1.52 25.34 -30.99
C LYS A 484 -0.15 25.07 -31.60
N ASN A 485 0.44 26.10 -32.19
CA ASN A 485 1.81 26.02 -32.67
C ASN A 485 2.77 26.08 -31.50
N TRP A 486 3.71 25.13 -31.46
CA TRP A 486 4.62 25.02 -30.32
C TRP A 486 5.58 26.20 -30.22
N GLU A 487 5.77 26.96 -31.30
CA GLU A 487 6.80 27.99 -31.33
C GLU A 487 6.24 29.39 -31.54
N THR A 488 5.34 29.57 -32.52
CA THR A 488 4.91 30.92 -32.86
C THR A 488 3.99 31.51 -31.80
N ASN A 489 3.03 30.72 -31.30
CA ASN A 489 2.09 31.23 -30.31
C ASN A 489 2.73 31.30 -28.93
N LYS A 490 3.11 30.15 -28.37
CA LYS A 490 3.86 30.05 -27.13
C LYS A 490 3.18 30.80 -25.98
N PHE A 491 1.98 30.35 -25.63
CA PHE A 491 1.29 30.83 -24.45
C PHE A 491 0.54 29.68 -23.80
N SER A 492 0.21 29.85 -22.52
CA SER A 492 -0.35 28.77 -21.73
C SER A 492 -1.81 28.50 -22.14
N GLY A 493 -2.11 27.24 -22.42
CA GLY A 493 -3.48 26.85 -22.75
C GLY A 493 -4.03 27.64 -23.91
N TYR A 494 -5.23 28.16 -23.75
CA TYR A 494 -5.84 29.10 -24.68
C TYR A 494 -6.45 30.23 -23.87
N PRO A 495 -6.59 31.42 -24.46
CA PRO A 495 -7.00 32.59 -23.66
C PRO A 495 -8.33 32.43 -22.95
N LEU A 496 -9.29 31.71 -23.52
CA LEU A 496 -10.61 31.56 -22.93
C LEU A 496 -10.77 30.23 -22.17
N TYR A 497 -9.69 29.78 -21.53
CA TYR A 497 -9.74 28.55 -20.76
C TYR A 497 -10.47 28.77 -19.44
N HIS A 498 -11.42 27.86 -19.14
CA HIS A 498 -12.21 27.91 -17.91
C HIS A 498 -12.92 29.25 -17.75
N SER A 499 -13.48 29.76 -18.84
CA SER A 499 -14.08 31.08 -18.87
C SER A 499 -15.56 30.98 -19.22
N VAL A 500 -16.29 32.07 -18.94
CA VAL A 500 -17.68 32.19 -19.37
C VAL A 500 -17.79 32.41 -20.87
N TYR A 501 -16.70 32.86 -21.50
CA TYR A 501 -16.67 33.10 -22.93
C TYR A 501 -16.29 31.87 -23.73
N GLU A 502 -16.09 30.74 -23.06
CA GLU A 502 -15.82 29.46 -23.72
C GLU A 502 -17.15 28.83 -24.13
N THR A 503 -17.75 29.44 -25.16
CA THR A 503 -19.09 29.10 -25.62
C THR A 503 -19.03 28.39 -26.97
N TYR A 504 -20.21 28.08 -27.51
CA TYR A 504 -20.29 27.42 -28.80
C TYR A 504 -19.89 28.36 -29.94
N GLU A 505 -20.25 29.64 -29.83
CA GLU A 505 -19.92 30.60 -30.89
C GLU A 505 -18.41 30.75 -31.05
N LEU A 506 -17.67 30.68 -29.94
CA LEU A 506 -16.21 30.75 -30.02
C LEU A 506 -15.67 29.66 -30.93
N VAL A 507 -16.06 28.41 -30.68
CA VAL A 507 -15.60 27.29 -31.50
C VAL A 507 -16.09 27.44 -32.92
N GLU A 508 -17.35 27.84 -33.11
CA GLU A 508 -17.94 27.85 -34.44
C GLU A 508 -17.32 28.93 -35.33
N LYS A 509 -16.99 30.09 -34.77
CA LYS A 509 -16.52 31.21 -35.59
C LYS A 509 -15.02 31.42 -35.53
N PHE A 510 -14.31 30.86 -34.56
CA PHE A 510 -12.89 31.17 -34.40
C PHE A 510 -11.98 29.96 -34.29
N TYR A 511 -12.46 28.82 -33.84
CA TYR A 511 -11.61 27.66 -33.61
C TYR A 511 -11.81 26.54 -34.62
N ASP A 512 -13.05 26.20 -34.95
CA ASP A 512 -13.34 25.08 -35.85
C ASP A 512 -14.61 25.39 -36.63
N PRO A 513 -14.52 26.27 -37.63
CA PRO A 513 -15.73 26.66 -38.38
C PRO A 513 -16.41 25.50 -39.09
N MET A 514 -15.64 24.57 -39.65
CA MET A 514 -16.19 23.44 -40.38
C MET A 514 -16.13 22.14 -39.60
N PHE A 515 -15.66 22.20 -38.34
CA PHE A 515 -15.55 21.02 -37.47
C PHE A 515 -14.77 19.89 -38.13
N LYS A 516 -13.65 20.27 -38.76
CA LYS A 516 -12.71 19.32 -39.32
C LYS A 516 -11.65 18.91 -38.32
N TYR A 517 -11.16 19.87 -37.53
CA TYR A 517 -10.21 19.55 -36.46
C TYR A 517 -10.88 18.86 -35.29
N HIS A 518 -12.20 18.91 -35.20
CA HIS A 518 -12.95 18.03 -34.30
C HIS A 518 -13.11 16.65 -34.89
N LEU A 519 -13.37 16.57 -36.19
CA LEU A 519 -13.56 15.27 -36.85
C LEU A 519 -12.29 14.44 -36.79
N THR A 520 -11.13 15.08 -37.01
CA THR A 520 -9.88 14.33 -36.98
C THR A 520 -9.56 13.81 -35.58
N VAL A 521 -9.81 14.62 -34.54
CA VAL A 521 -9.60 14.15 -33.17
C VAL A 521 -10.58 13.02 -32.84
N ALA A 522 -11.82 13.14 -33.29
CA ALA A 522 -12.78 12.05 -33.10
C ALA A 522 -12.30 10.78 -33.78
N GLN A 523 -11.77 10.92 -35.00
CA GLN A 523 -11.27 9.76 -35.73
C GLN A 523 -10.08 9.11 -35.02
N VAL A 524 -9.14 9.92 -34.52
CA VAL A 524 -7.97 9.33 -33.89
C VAL A 524 -8.35 8.62 -32.60
N ARG A 525 -9.22 9.24 -31.78
CA ARG A 525 -9.65 8.56 -30.56
C ARG A 525 -10.45 7.31 -30.87
N GLY A 526 -11.37 7.38 -31.84
CA GLY A 526 -12.19 6.23 -32.15
C GLY A 526 -11.40 5.07 -32.73
N GLY A 527 -10.49 5.36 -33.65
CA GLY A 527 -9.62 4.32 -34.18
C GLY A 527 -8.57 3.86 -33.21
N MET A 528 -8.22 4.69 -32.23
CA MET A 528 -7.42 4.23 -31.10
C MET A 528 -8.16 3.14 -30.34
N VAL A 529 -9.42 3.41 -30.01
CA VAL A 529 -10.22 2.42 -29.29
C VAL A 529 -10.47 1.19 -30.17
N PHE A 530 -10.66 1.38 -31.47
CA PHE A 530 -11.02 0.28 -32.35
C PHE A 530 -9.90 -0.72 -32.47
N GLU A 531 -8.68 -0.26 -32.77
CA GLU A 531 -7.50 -1.13 -32.74
C GLU A 531 -6.91 -1.05 -31.34
N LEU A 532 -7.77 -1.26 -30.34
CA LEU A 532 -7.31 -1.51 -28.98
C LEU A 532 -8.26 -2.53 -28.35
N ALA A 533 -9.31 -2.88 -29.08
CA ALA A 533 -10.32 -3.80 -28.59
C ALA A 533 -10.79 -4.78 -29.66
N ASN A 534 -10.20 -4.76 -30.86
CA ASN A 534 -10.59 -5.66 -31.93
C ASN A 534 -9.43 -6.43 -32.54
N SER A 535 -8.19 -5.98 -32.37
CA SER A 535 -7.05 -6.72 -32.88
C SER A 535 -6.89 -8.03 -32.12
N ILE A 536 -6.56 -9.09 -32.87
CA ILE A 536 -6.37 -10.40 -32.25
C ILE A 536 -5.30 -10.33 -31.17
N VAL A 537 -4.08 -9.95 -31.55
CA VAL A 537 -3.01 -9.69 -30.61
C VAL A 537 -3.07 -8.22 -30.22
N LEU A 538 -2.94 -7.94 -28.93
CA LEU A 538 -3.01 -6.57 -28.45
C LEU A 538 -1.93 -5.73 -29.13
N PRO A 539 -2.29 -4.56 -29.68
CA PRO A 539 -1.31 -3.72 -30.41
C PRO A 539 -0.37 -2.99 -29.46
N PHE A 540 0.45 -3.75 -28.76
CA PHE A 540 1.37 -3.21 -27.77
C PHE A 540 2.80 -3.61 -28.14
N ASP A 541 3.72 -2.65 -27.98
CA ASP A 541 5.14 -2.87 -28.30
C ASP A 541 5.97 -2.55 -27.08
N CYS A 542 6.77 -3.53 -26.64
CA CYS A 542 7.60 -3.37 -25.46
C CYS A 542 8.98 -2.78 -25.75
N ARG A 543 9.42 -2.84 -27.01
CA ARG A 543 10.74 -2.29 -27.34
C ARG A 543 10.75 -0.77 -27.29
N ASP A 544 9.62 -0.12 -27.58
CA ASP A 544 9.53 1.31 -27.34
C ASP A 544 9.71 1.63 -25.86
N TYR A 545 9.11 0.82 -24.99
CA TYR A 545 9.30 0.98 -23.56
C TYR A 545 10.77 0.77 -23.17
N ALA A 546 11.42 -0.23 -23.77
CA ALA A 546 12.83 -0.45 -23.47
C ALA A 546 13.69 0.74 -23.89
N VAL A 547 13.43 1.29 -25.08
CA VAL A 547 14.20 2.42 -25.57
C VAL A 547 14.01 3.64 -24.68
N VAL A 548 12.75 3.96 -24.34
CA VAL A 548 12.52 5.10 -23.48
C VAL A 548 13.06 4.85 -22.08
N LEU A 549 13.08 3.60 -21.63
CA LEU A 549 13.66 3.29 -20.33
C LEU A 549 15.17 3.55 -20.33
N ARG A 550 15.85 3.16 -21.41
CA ARG A 550 17.28 3.47 -21.52
C ARG A 550 17.50 4.97 -21.53
N LYS A 551 16.67 5.71 -22.27
CA LYS A 551 16.82 7.16 -22.32
C LYS A 551 16.60 7.81 -20.95
N TYR A 552 15.55 7.37 -20.23
CA TYR A 552 15.27 7.91 -18.91
C TYR A 552 16.37 7.57 -17.93
N ALA A 553 16.91 6.35 -18.01
CA ALA A 553 18.03 5.97 -17.16
C ALA A 553 19.24 6.85 -17.43
N ASP A 554 19.54 7.11 -18.70
CA ASP A 554 20.64 8.01 -19.03
C ASP A 554 20.41 9.41 -18.48
N LYS A 555 19.19 9.92 -18.60
CA LYS A 555 18.89 11.26 -18.10
C LYS A 555 19.05 11.34 -16.58
N ILE A 556 18.51 10.35 -15.86
CA ILE A 556 18.63 10.35 -14.40
C ILE A 556 20.09 10.17 -13.99
N TYR A 557 20.85 9.39 -14.75
CA TYR A 557 22.27 9.21 -14.45
C TYR A 557 23.04 10.50 -14.64
N SER A 558 22.72 11.26 -15.70
CA SER A 558 23.37 12.56 -15.89
C SER A 558 23.00 13.54 -14.79
N ILE A 559 21.73 13.55 -14.39
CA ILE A 559 21.30 14.43 -13.30
C ILE A 559 22.06 14.08 -12.02
N SER A 560 22.23 12.79 -11.74
CA SER A 560 22.99 12.37 -10.57
C SER A 560 24.47 12.73 -10.69
N MET A 561 25.06 12.48 -11.86
CA MET A 561 26.47 12.77 -12.10
C MET A 561 26.77 14.26 -12.10
N LYS A 562 25.75 15.11 -12.14
CA LYS A 562 25.94 16.52 -11.86
C LYS A 562 26.59 16.73 -10.50
N HIS A 563 26.56 15.70 -9.64
CA HIS A 563 27.22 15.72 -8.34
C HIS A 563 28.15 14.51 -8.27
N PRO A 564 29.30 14.57 -8.93
CA PRO A 564 30.16 13.38 -8.99
C PRO A 564 30.91 13.11 -7.70
N GLN A 565 31.17 14.12 -6.88
CA GLN A 565 31.94 13.91 -5.65
C GLN A 565 31.13 13.13 -4.62
N GLU A 566 29.86 13.51 -4.42
CA GLU A 566 29.03 12.79 -3.45
C GLU A 566 28.67 11.40 -3.95
N MET A 567 28.65 11.20 -5.27
CA MET A 567 28.42 9.87 -5.83
C MET A 567 29.57 8.92 -5.54
N LYS A 568 30.73 9.44 -5.16
CA LYS A 568 31.90 8.63 -4.85
C LYS A 568 32.10 8.42 -3.35
N THR A 569 31.68 9.37 -2.52
CA THR A 569 31.81 9.21 -1.08
C THR A 569 30.87 8.14 -0.54
N TYR A 570 29.62 8.13 -1.01
CA TYR A 570 28.61 7.21 -0.52
C TYR A 570 28.40 6.01 -1.43
N SER A 571 29.25 5.83 -2.44
CA SER A 571 29.21 4.66 -3.32
C SER A 571 27.87 4.54 -4.03
N VAL A 572 27.42 5.65 -4.61
CA VAL A 572 26.17 5.66 -5.36
C VAL A 572 26.45 5.09 -6.75
N SER A 573 25.85 3.95 -7.06
CA SER A 573 26.08 3.27 -8.32
C SER A 573 24.75 3.06 -9.04
N PHE A 574 24.73 3.37 -10.33
CA PHE A 574 23.57 3.15 -11.18
C PHE A 574 23.68 1.87 -11.99
N ASP A 575 24.66 1.03 -11.70
CA ASP A 575 24.88 -0.18 -12.49
C ASP A 575 23.69 -1.12 -12.42
N SER A 576 23.00 -1.17 -11.27
CA SER A 576 21.83 -2.03 -11.15
C SER A 576 20.72 -1.59 -12.12
N LEU A 577 20.46 -0.29 -12.18
CA LEU A 577 19.41 0.20 -13.07
C LEU A 577 19.76 -0.04 -14.53
N PHE A 578 21.02 0.19 -14.91
CA PHE A 578 21.42 -0.03 -16.29
C PHE A 578 21.37 -1.51 -16.66
N SER A 579 21.77 -2.39 -15.74
CA SER A 579 21.66 -3.82 -15.99
C SER A 579 20.21 -4.26 -16.11
N ALA A 580 19.33 -3.69 -15.29
CA ALA A 580 17.90 -3.99 -15.40
C ALA A 580 17.34 -3.54 -16.74
N VAL A 581 17.75 -2.35 -17.20
CA VAL A 581 17.29 -1.86 -18.50
C VAL A 581 17.81 -2.74 -19.62
N LYS A 582 19.07 -3.19 -19.51
CA LYS A 582 19.63 -4.07 -20.54
C LYS A 582 18.91 -5.41 -20.59
N ASN A 583 18.61 -5.98 -19.42
CA ASN A 583 17.85 -7.22 -19.42
C ASN A 583 16.43 -7.02 -19.92
N PHE A 584 15.82 -5.87 -19.62
CA PHE A 584 14.51 -5.57 -20.20
C PHE A 584 14.59 -5.53 -21.71
N THR A 585 15.64 -4.91 -22.25
CA THR A 585 15.82 -4.86 -23.70
C THR A 585 15.94 -6.25 -24.28
N GLU A 586 16.77 -7.11 -23.67
CA GLU A 586 16.98 -8.45 -24.21
C GLU A 586 15.72 -9.30 -24.12
N ILE A 587 15.04 -9.27 -22.97
CA ILE A 587 13.84 -10.08 -22.79
C ILE A 587 12.71 -9.56 -23.69
N ALA A 588 12.63 -8.24 -23.87
CA ALA A 588 11.64 -7.69 -24.79
C ALA A 588 11.92 -8.12 -26.22
N SER A 589 13.20 -8.15 -26.61
CA SER A 589 13.54 -8.62 -27.95
C SER A 589 13.14 -10.07 -28.14
N LYS A 590 13.41 -10.92 -27.14
CA LYS A 590 13.05 -12.33 -27.28
C LYS A 590 11.54 -12.54 -27.26
N PHE A 591 10.82 -11.78 -26.43
CA PHE A 591 9.36 -11.88 -26.42
C PHE A 591 8.76 -11.42 -27.74
N SER A 592 9.31 -10.35 -28.32
CA SER A 592 8.86 -9.91 -29.64
C SER A 592 9.17 -10.95 -30.70
N GLU A 593 10.30 -11.66 -30.56
CA GLU A 593 10.61 -12.74 -31.48
C GLU A 593 9.61 -13.88 -31.37
N ARG A 594 9.23 -14.24 -30.15
CA ARG A 594 8.18 -15.24 -29.97
C ARG A 594 6.83 -14.76 -30.50
N LEU A 595 6.58 -13.45 -30.44
CA LEU A 595 5.32 -12.90 -30.94
C LEU A 595 5.15 -13.07 -32.44
N GLN A 596 6.22 -13.37 -33.16
CA GLN A 596 6.17 -13.55 -34.61
C GLN A 596 6.48 -14.98 -35.03
N ASP A 597 6.43 -15.92 -34.10
CA ASP A 597 6.61 -17.35 -34.38
C ASP A 597 5.59 -18.15 -33.60
N PHE A 598 4.39 -17.60 -33.46
CA PHE A 598 3.34 -18.16 -32.62
C PHE A 598 2.04 -18.18 -33.39
N ASP A 599 1.38 -19.33 -33.44
CA ASP A 599 0.14 -19.47 -34.20
C ASP A 599 -1.02 -18.84 -33.42
N LYS A 600 -1.78 -17.99 -34.10
CA LYS A 600 -2.82 -17.20 -33.45
C LYS A 600 -4.19 -17.87 -33.49
N SER A 601 -4.29 -19.09 -34.01
CA SER A 601 -5.54 -19.82 -34.01
C SER A 601 -5.78 -20.61 -32.72
N ASN A 602 -4.85 -20.54 -31.76
CA ASN A 602 -5.02 -21.21 -30.48
C ASN A 602 -5.48 -20.20 -29.45
N PRO A 603 -6.72 -20.27 -28.97
CA PRO A 603 -7.22 -19.23 -28.04
C PRO A 603 -6.43 -19.16 -26.75
N ILE A 604 -5.96 -20.29 -26.23
CA ILE A 604 -5.35 -20.29 -24.90
C ILE A 604 -4.00 -19.59 -24.93
N VAL A 605 -3.14 -19.92 -25.91
CA VAL A 605 -1.83 -19.30 -25.98
C VAL A 605 -1.95 -17.83 -26.36
N LEU A 606 -2.92 -17.51 -27.22
CA LEU A 606 -3.21 -16.11 -27.53
C LEU A 606 -3.58 -15.34 -26.26
N ARG A 607 -4.41 -15.94 -25.41
CA ARG A 607 -4.74 -15.32 -24.13
C ARG A 607 -3.50 -15.15 -23.26
N MET A 608 -2.61 -16.15 -23.26
CA MET A 608 -1.37 -16.03 -22.49
C MET A 608 -0.57 -14.81 -22.91
N MET A 609 -0.35 -14.67 -24.22
CA MET A 609 0.48 -13.58 -24.71
C MET A 609 -0.19 -12.23 -24.52
N ASN A 610 -1.51 -12.16 -24.73
CA ASN A 610 -2.22 -10.90 -24.52
C ASN A 610 -2.24 -10.50 -23.05
N ASP A 611 -2.34 -11.48 -22.15
CA ASP A 611 -2.23 -11.20 -20.73
C ASP A 611 -0.83 -10.69 -20.39
N GLN A 612 0.20 -11.29 -20.99
CA GLN A 612 1.56 -10.78 -20.79
C GLN A 612 1.66 -9.33 -21.21
N LEU A 613 1.13 -9.01 -22.39
CA LEU A 613 1.17 -7.63 -22.88
C LEU A 613 0.39 -6.69 -21.96
N MET A 614 -0.79 -7.11 -21.53
CA MET A 614 -1.65 -6.26 -20.70
C MET A 614 -1.03 -6.00 -19.33
N PHE A 615 -0.43 -7.02 -18.74
CA PHE A 615 0.18 -6.89 -17.42
C PHE A 615 1.61 -6.37 -17.47
N LEU A 616 2.17 -6.18 -18.67
CA LEU A 616 3.41 -5.44 -18.78
C LEU A 616 3.29 -4.07 -18.11
N GLU A 617 2.24 -3.33 -18.45
CA GLU A 617 2.01 -2.03 -17.81
C GLU A 617 1.72 -2.20 -16.33
N ARG A 618 1.00 -3.26 -15.96
CA ARG A 618 0.70 -3.50 -14.55
C ARG A 618 1.97 -3.74 -13.72
N ALA A 619 3.01 -4.29 -14.35
CA ALA A 619 4.21 -4.67 -13.61
C ALA A 619 5.04 -3.48 -13.15
N PHE A 620 4.85 -2.30 -13.74
CA PHE A 620 5.55 -1.11 -13.27
C PHE A 620 4.90 -0.48 -12.05
N ILE A 621 3.87 -1.11 -11.50
CA ILE A 621 3.13 -0.56 -10.37
C ILE A 621 3.76 -1.07 -9.08
N ASP A 622 4.23 -0.15 -8.25
CA ASP A 622 4.71 -0.50 -6.93
C ASP A 622 3.54 -0.62 -5.97
N PRO A 623 3.33 -1.76 -5.31
CA PRO A 623 2.20 -1.87 -4.38
C PRO A 623 2.23 -0.85 -3.26
N LEU A 624 3.42 -0.45 -2.81
CA LEU A 624 3.56 0.54 -1.75
C LEU A 624 3.52 1.97 -2.25
N GLY A 625 3.57 2.18 -3.57
CA GLY A 625 3.49 3.52 -4.12
C GLY A 625 4.79 4.31 -3.95
N LEU A 626 4.68 5.60 -4.18
CA LEU A 626 5.79 6.54 -4.05
C LEU A 626 5.88 7.05 -2.63
N PRO A 627 7.04 7.57 -2.22
CA PRO A 627 7.17 8.14 -0.86
C PRO A 627 6.14 9.23 -0.61
N ASP A 628 5.35 9.03 0.44
CA ASP A 628 4.30 9.93 0.91
C ASP A 628 3.15 10.07 -0.08
N ARG A 629 3.12 9.27 -1.14
CA ARG A 629 2.05 9.30 -2.13
C ARG A 629 1.60 7.87 -2.41
N PRO A 630 0.76 7.31 -1.52
CA PRO A 630 0.35 5.90 -1.69
C PRO A 630 -0.43 5.63 -2.95
N PHE A 631 -1.07 6.64 -3.55
CA PHE A 631 -1.91 6.44 -4.72
C PHE A 631 -1.21 6.79 -6.03
N TYR A 632 0.06 7.19 -5.98
CA TYR A 632 0.91 7.32 -7.16
C TYR A 632 1.84 6.12 -7.15
N ARG A 633 1.49 5.10 -7.94
CA ARG A 633 2.16 3.81 -7.86
C ARG A 633 2.93 3.42 -9.10
N HIS A 634 2.86 4.19 -10.17
CA HIS A 634 3.62 3.88 -11.38
C HIS A 634 5.08 4.26 -11.16
N VAL A 635 5.97 3.28 -11.27
CA VAL A 635 7.37 3.51 -10.94
C VAL A 635 8.03 4.42 -11.97
N ILE A 636 7.66 4.28 -13.24
CA ILE A 636 8.33 5.02 -14.31
C ILE A 636 7.72 6.40 -14.50
N TYR A 637 6.39 6.50 -14.58
CA TYR A 637 5.73 7.68 -15.12
C TYR A 637 4.87 8.41 -14.08
N ALA A 638 5.12 8.19 -12.81
CA ALA A 638 4.30 8.92 -11.84
C ALA A 638 4.73 10.39 -11.76
N PRO A 639 3.81 11.28 -11.42
CA PRO A 639 4.18 12.69 -11.25
C PRO A 639 5.17 12.87 -10.11
N SER A 640 6.10 13.80 -10.29
CA SER A 640 7.07 14.13 -9.27
C SER A 640 6.49 15.15 -8.31
N SER A 641 6.82 14.99 -7.01
CA SER A 641 6.26 15.89 -6.01
C SER A 641 6.86 17.29 -6.11
N HIS A 642 8.12 17.40 -6.51
CA HIS A 642 8.80 18.69 -6.50
C HIS A 642 8.40 19.57 -7.67
N ASN A 643 8.10 19.00 -8.83
CA ASN A 643 7.69 19.80 -9.98
C ASN A 643 6.25 19.50 -10.40
N LYS A 644 5.93 18.25 -10.74
CA LYS A 644 4.59 17.79 -11.08
C LYS A 644 4.11 18.35 -12.42
N TYR A 645 4.86 19.29 -13.00
CA TYR A 645 4.50 19.88 -14.28
C TYR A 645 5.42 19.41 -15.39
N ALA A 646 6.73 19.60 -15.25
CA ALA A 646 7.73 19.09 -16.18
C ALA A 646 8.80 18.38 -15.36
N GLY A 647 8.55 17.11 -15.05
CA GLY A 647 9.48 16.31 -14.28
C GLY A 647 9.93 15.10 -15.07
N GLU A 648 11.17 14.68 -14.82
CA GLU A 648 11.72 13.56 -15.54
C GLU A 648 11.17 12.25 -14.99
N SER A 649 11.30 11.19 -15.79
CA SER A 649 10.83 9.87 -15.39
C SER A 649 11.67 9.36 -14.22
N PHE A 650 11.28 8.18 -13.72
CA PHE A 650 11.76 7.68 -12.43
C PHE A 650 11.53 8.76 -11.39
N PRO A 651 10.28 9.06 -11.04
CA PRO A 651 10.02 10.14 -10.08
C PRO A 651 10.62 9.90 -8.71
N GLY A 652 10.83 8.65 -8.31
CA GLY A 652 11.46 8.40 -7.02
C GLY A 652 12.89 8.89 -6.96
N ILE A 653 13.70 8.50 -7.95
CA ILE A 653 15.10 8.92 -7.96
C ILE A 653 15.21 10.42 -8.22
N TYR A 654 14.36 10.96 -9.09
CA TYR A 654 14.38 12.40 -9.35
C TYR A 654 14.00 13.18 -8.11
N ASP A 655 12.99 12.72 -7.37
CA ASP A 655 12.60 13.39 -6.13
C ASP A 655 13.70 13.30 -5.09
N ALA A 656 14.36 12.14 -4.98
CA ALA A 656 15.47 12.00 -4.05
C ALA A 656 16.61 12.93 -4.40
N LEU A 657 16.92 13.06 -5.70
CA LEU A 657 18.02 13.90 -6.15
C LEU A 657 17.68 15.37 -6.17
N PHE A 658 16.39 15.73 -6.08
CA PHE A 658 16.00 17.12 -6.18
C PHE A 658 16.42 17.88 -4.93
N ASP A 659 17.15 18.98 -5.12
CA ASP A 659 17.65 19.81 -4.03
C ASP A 659 18.44 18.99 -3.03
N ILE A 660 19.24 18.05 -3.55
CA ILE A 660 20.01 17.18 -2.68
C ILE A 660 21.13 17.96 -1.98
N GLU A 661 21.66 18.99 -2.64
CA GLU A 661 22.70 19.81 -2.04
C GLU A 661 22.15 20.85 -1.06
N SER A 662 20.89 20.72 -0.68
CA SER A 662 20.26 21.63 0.28
C SER A 662 19.84 20.94 1.57
N LYS A 663 20.10 19.65 1.72
CA LYS A 663 19.70 18.90 2.90
C LYS A 663 20.86 18.82 3.88
N VAL A 664 20.53 18.91 5.18
CA VAL A 664 21.56 18.96 6.21
C VAL A 664 22.33 17.64 6.26
N ASP A 665 21.62 16.51 6.21
CA ASP A 665 22.26 15.21 6.26
C ASP A 665 22.48 14.72 4.84
N PRO A 666 23.72 14.66 4.35
CA PRO A 666 23.93 14.19 2.97
C PRO A 666 23.94 12.68 2.86
N SER A 667 24.40 12.00 3.91
CA SER A 667 24.44 10.54 3.89
C SER A 667 23.05 9.94 3.82
N LYS A 668 22.09 10.47 4.58
CA LYS A 668 20.71 10.02 4.51
C LYS A 668 20.07 10.30 3.14
N ALA A 669 20.34 11.47 2.57
CA ALA A 669 19.79 11.81 1.26
C ALA A 669 20.33 10.87 0.19
N TRP A 670 21.63 10.58 0.22
CA TRP A 670 22.18 9.68 -0.79
C TRP A 670 21.79 8.24 -0.52
N GLY A 671 21.52 7.88 0.74
CA GLY A 671 20.93 6.59 1.01
C GLY A 671 19.53 6.47 0.44
N GLU A 672 18.75 7.55 0.51
CA GLU A 672 17.45 7.58 -0.16
C GLU A 672 17.62 7.43 -1.67
N VAL A 673 18.61 8.11 -2.24
CA VAL A 673 18.87 7.98 -3.67
C VAL A 673 19.20 6.54 -4.04
N LYS A 674 20.05 5.89 -3.24
CA LYS A 674 20.40 4.50 -3.50
C LYS A 674 19.20 3.58 -3.33
N ARG A 675 18.35 3.85 -2.34
CA ARG A 675 17.14 3.04 -2.16
C ARG A 675 16.21 3.17 -3.36
N GLN A 676 16.06 4.39 -3.89
CA GLN A 676 15.21 4.56 -5.06
C GLN A 676 15.83 3.94 -6.31
N ILE A 677 17.15 3.97 -6.43
CA ILE A 677 17.81 3.25 -7.51
C ILE A 677 17.53 1.76 -7.41
N TYR A 678 17.61 1.22 -6.19
CA TYR A 678 17.34 -0.20 -5.96
C TYR A 678 15.91 -0.55 -6.32
N VAL A 679 14.95 0.29 -5.89
CA VAL A 679 13.54 0.03 -6.19
C VAL A 679 13.28 0.10 -7.69
N ALA A 680 13.86 1.10 -8.37
CA ALA A 680 13.66 1.24 -9.80
C ALA A 680 14.26 0.08 -10.57
N ALA A 681 15.47 -0.35 -10.20
CA ALA A 681 16.09 -1.49 -10.86
C ALA A 681 15.30 -2.76 -10.63
N PHE A 682 14.83 -2.98 -9.40
CA PHE A 682 14.02 -4.16 -9.12
C PHE A 682 12.73 -4.14 -9.92
N THR A 683 12.08 -2.97 -10.02
CA THR A 683 10.84 -2.88 -10.78
C THR A 683 11.06 -3.12 -12.26
N VAL A 684 12.16 -2.58 -12.81
CA VAL A 684 12.45 -2.80 -14.23
C VAL A 684 12.72 -4.27 -14.50
N GLN A 685 13.50 -4.93 -13.63
CA GLN A 685 13.78 -6.35 -13.85
C GLN A 685 12.54 -7.20 -13.63
N ALA A 686 11.69 -6.83 -12.68
CA ALA A 686 10.45 -7.55 -12.46
C ALA A 686 9.52 -7.44 -13.65
N ALA A 687 9.42 -6.24 -14.23
CA ALA A 687 8.60 -6.06 -15.43
C ALA A 687 9.20 -6.79 -16.63
N ALA A 688 10.53 -6.93 -16.66
CA ALA A 688 11.16 -7.73 -17.70
C ALA A 688 10.85 -9.21 -17.53
N GLU A 689 10.85 -9.69 -16.28
CA GLU A 689 10.62 -11.10 -16.00
C GLU A 689 9.20 -11.54 -16.32
N THR A 690 8.25 -10.61 -16.48
CA THR A 690 6.92 -10.98 -16.89
C THR A 690 6.85 -11.38 -18.36
N LEU A 691 7.80 -10.93 -19.17
CA LEU A 691 7.90 -11.34 -20.56
C LEU A 691 8.84 -12.53 -20.75
N SER A 692 9.45 -13.03 -19.69
CA SER A 692 10.18 -14.28 -19.77
C SER A 692 9.22 -15.42 -20.05
N GLU A 693 9.77 -16.53 -20.55
CA GLU A 693 8.93 -17.66 -20.93
C GLU A 693 8.14 -18.15 -19.72
N VAL A 694 6.86 -18.44 -19.94
CA VAL A 694 5.94 -18.78 -18.87
C VAL A 694 6.23 -20.19 -18.37
N ALA A 695 6.98 -20.29 -17.28
CA ALA A 695 7.32 -21.56 -16.65
C ALA A 695 7.90 -22.57 -17.64
N HIS B 1 -1.38 -39.86 -15.98
CA HIS B 1 -2.53 -40.75 -16.07
C HIS B 1 -3.70 -40.15 -15.30
N ASN B 2 -3.74 -40.42 -14.00
CA ASN B 2 -4.74 -39.85 -13.10
C ASN B 2 -4.19 -39.90 -11.70
N MET B 3 -5.01 -39.54 -10.71
CA MET B 3 -4.62 -39.69 -9.32
C MET B 3 -4.55 -41.13 -8.87
N LYS B 4 -5.30 -42.03 -9.53
CA LYS B 4 -5.23 -43.45 -9.23
C LYS B 4 -3.81 -44.00 -9.44
N ALA B 5 -3.03 -43.38 -10.32
CA ALA B 5 -1.65 -43.79 -10.54
C ALA B 5 -0.65 -42.98 -9.73
N PHE B 6 -0.95 -41.70 -9.44
CA PHE B 6 -0.03 -40.86 -8.69
C PHE B 6 -0.05 -41.17 -7.20
N LEU B 7 -1.22 -41.47 -6.64
CA LEU B 7 -1.34 -41.67 -5.20
C LEU B 7 -0.71 -42.98 -4.77
N ASP B 8 -0.93 -44.06 -5.53
CA ASP B 8 -0.35 -45.35 -5.22
C ASP B 8 1.02 -45.54 -5.87
N GLU B 9 1.64 -44.46 -6.32
CA GLU B 9 3.05 -44.46 -6.68
C GLU B 9 3.93 -43.98 -5.53
N LEU B 10 3.34 -43.30 -4.55
CA LEU B 10 4.04 -42.95 -3.33
C LEU B 10 4.23 -44.20 -2.47
N LYS B 11 5.38 -44.29 -1.82
CA LYS B 11 5.71 -45.43 -0.97
C LYS B 11 6.16 -44.95 0.40
N ALA B 12 5.82 -45.74 1.42
CA ALA B 12 6.23 -45.40 2.77
C ALA B 12 7.73 -45.62 2.97
N GLU B 13 8.31 -46.59 2.25
CA GLU B 13 9.73 -46.86 2.41
C GLU B 13 10.58 -45.73 1.82
N ASN B 14 10.14 -45.14 0.71
CA ASN B 14 10.88 -44.00 0.16
C ASN B 14 10.83 -42.80 1.11
N ILE B 15 9.67 -42.55 1.73
CA ILE B 15 9.59 -41.49 2.73
C ILE B 15 10.49 -41.80 3.91
N LYS B 16 10.52 -43.07 4.33
CA LYS B 16 11.39 -43.50 5.42
C LYS B 16 12.86 -43.23 5.09
N LYS B 17 13.26 -43.58 3.86
CA LYS B 17 14.66 -43.39 3.46
C LYS B 17 15.01 -41.91 3.34
N PHE B 18 14.10 -41.09 2.80
CA PHE B 18 14.36 -39.66 2.73
C PHE B 18 14.47 -39.05 4.13
N LEU B 19 13.61 -39.48 5.05
CA LEU B 19 13.70 -39.00 6.43
C LEU B 19 15.01 -39.42 7.08
N TYR B 20 15.46 -40.65 6.81
CA TYR B 20 16.75 -41.09 7.33
C TYR B 20 17.89 -40.25 6.74
N ASN B 21 17.82 -39.98 5.44
CA ASN B 21 18.88 -39.21 4.78
C ASN B 21 18.95 -37.79 5.33
N PHE B 22 17.81 -37.14 5.51
CA PHE B 22 17.79 -35.72 5.86
C PHE B 22 18.01 -35.46 7.34
N THR B 23 18.11 -36.49 8.17
CA THR B 23 18.11 -36.31 9.62
C THR B 23 19.29 -36.99 10.29
N GLN B 24 20.47 -36.99 9.64
CA GLN B 24 21.68 -37.52 10.25
C GLN B 24 22.71 -36.45 10.59
N ILE B 25 22.66 -35.30 9.94
CA ILE B 25 23.58 -34.20 10.24
C ILE B 25 22.75 -32.93 10.41
N PRO B 26 23.27 -31.96 11.16
CA PRO B 26 22.51 -30.72 11.38
C PRO B 26 22.47 -29.86 10.11
N HIS B 27 21.26 -29.39 9.78
CA HIS B 27 21.04 -28.50 8.64
C HIS B 27 20.37 -27.23 9.16
N LEU B 28 21.17 -26.27 9.61
CA LEU B 28 20.68 -24.98 10.05
C LEU B 28 20.82 -23.98 8.90
N ALA B 29 19.86 -23.06 8.80
CA ALA B 29 19.83 -22.12 7.70
C ALA B 29 21.10 -21.28 7.66
N GLY B 30 21.67 -21.13 6.48
CA GLY B 30 22.87 -20.35 6.30
C GLY B 30 24.17 -21.09 6.61
N THR B 31 24.11 -22.39 6.83
CA THR B 31 25.29 -23.18 7.13
C THR B 31 25.73 -23.98 5.90
N GLU B 32 26.92 -24.57 6.00
CA GLU B 32 27.46 -25.34 4.89
C GLU B 32 26.63 -26.59 4.61
N GLN B 33 26.16 -27.26 5.68
CA GLN B 33 25.39 -28.48 5.49
C GLN B 33 24.02 -28.21 4.87
N ASN B 34 23.40 -27.09 5.21
CA ASN B 34 22.14 -26.73 4.56
C ASN B 34 22.34 -26.48 3.07
N PHE B 35 23.44 -25.82 2.70
CA PHE B 35 23.75 -25.63 1.29
C PHE B 35 24.03 -26.95 0.59
N GLN B 36 24.72 -27.88 1.26
CA GLN B 36 24.95 -29.19 0.68
C GLN B 36 23.64 -29.94 0.48
N LEU B 37 22.74 -29.85 1.45
CA LEU B 37 21.42 -30.47 1.30
C LEU B 37 20.64 -29.83 0.15
N ALA B 38 20.74 -28.51 0.01
CA ALA B 38 20.09 -27.83 -1.09
C ALA B 38 20.62 -28.32 -2.43
N LYS B 39 21.93 -28.46 -2.55
CA LYS B 39 22.52 -28.97 -3.79
C LYS B 39 22.08 -30.41 -4.07
N GLN B 40 22.05 -31.25 -3.04
CA GLN B 40 21.65 -32.64 -3.22
C GLN B 40 20.18 -32.75 -3.61
N ILE B 41 19.33 -31.92 -3.00
CA ILE B 41 17.91 -31.92 -3.34
C ILE B 41 17.71 -31.40 -4.76
N GLN B 42 18.51 -30.41 -5.17
CA GLN B 42 18.47 -29.94 -6.55
C GLN B 42 18.83 -31.05 -7.52
N SER B 43 19.89 -31.80 -7.20
CA SER B 43 20.33 -32.89 -8.07
C SER B 43 19.27 -33.99 -8.15
N GLN B 44 18.70 -34.37 -7.00
CA GLN B 44 17.69 -35.42 -7.00
C GLN B 44 16.42 -34.99 -7.71
N TRP B 45 16.02 -33.72 -7.55
CA TRP B 45 14.83 -33.23 -8.24
C TRP B 45 15.07 -33.14 -9.75
N LYS B 46 16.29 -32.82 -10.17
CA LYS B 46 16.61 -32.92 -11.59
C LYS B 46 16.54 -34.37 -12.07
N GLU B 47 17.01 -35.31 -11.25
CA GLU B 47 17.03 -36.71 -11.66
C GLU B 47 15.62 -37.29 -11.74
N PHE B 48 14.73 -36.85 -10.86
CA PHE B 48 13.35 -37.35 -10.88
C PHE B 48 12.61 -36.94 -12.15
N GLY B 49 12.99 -35.84 -12.77
CA GLY B 49 12.39 -35.45 -14.03
C GLY B 49 11.70 -34.10 -14.00
N LEU B 50 12.11 -33.22 -13.08
CA LEU B 50 11.57 -31.87 -13.06
C LEU B 50 12.03 -31.10 -14.30
N ASP B 51 11.16 -30.21 -14.79
CA ASP B 51 11.47 -29.48 -16.01
C ASP B 51 12.59 -28.47 -15.81
N SER B 52 12.63 -27.80 -14.66
CA SER B 52 13.73 -26.86 -14.42
C SER B 52 13.91 -26.62 -12.93
N VAL B 53 15.07 -26.96 -12.38
CA VAL B 53 15.36 -26.77 -10.98
C VAL B 53 16.48 -25.75 -10.84
N GLU B 54 16.28 -24.78 -9.94
CA GLU B 54 17.22 -23.70 -9.74
C GLU B 54 17.36 -23.41 -8.25
N LEU B 55 18.42 -22.67 -7.91
CA LEU B 55 18.72 -22.29 -6.53
C LEU B 55 18.64 -20.77 -6.44
N ALA B 56 17.54 -20.26 -5.90
CA ALA B 56 17.36 -18.82 -5.73
C ALA B 56 17.91 -18.41 -4.36
N HIS B 57 18.95 -17.59 -4.36
CA HIS B 57 19.63 -17.22 -3.13
C HIS B 57 19.37 -15.77 -2.79
N TYR B 58 19.27 -15.50 -1.48
CA TYR B 58 19.06 -14.16 -0.96
C TYR B 58 19.96 -13.95 0.24
N ASP B 59 20.52 -12.75 0.36
CA ASP B 59 21.39 -12.41 1.48
C ASP B 59 20.54 -11.73 2.54
N VAL B 60 20.07 -12.51 3.51
CA VAL B 60 19.14 -12.03 4.52
C VAL B 60 19.82 -12.05 5.87
N LEU B 61 19.25 -11.29 6.80
CA LEU B 61 19.82 -11.18 8.14
C LEU B 61 19.41 -12.39 8.98
N LEU B 62 20.39 -13.15 9.46
CA LEU B 62 20.18 -14.28 10.34
C LEU B 62 20.90 -14.03 11.65
N SER B 63 20.68 -14.92 12.62
CA SER B 63 21.27 -14.81 13.94
C SER B 63 21.88 -16.14 14.35
N TYR B 64 23.09 -16.09 14.90
CA TYR B 64 23.78 -17.29 15.33
C TYR B 64 24.44 -17.04 16.68
N PRO B 65 24.56 -18.07 17.51
CA PRO B 65 25.31 -17.92 18.76
C PRO B 65 26.81 -17.97 18.51
N ASN B 66 27.55 -17.34 19.41
CA ASN B 66 29.01 -17.33 19.32
C ASN B 66 29.54 -18.68 19.74
N LYS B 67 30.34 -19.31 18.87
CA LYS B 67 30.89 -20.63 19.18
C LYS B 67 31.98 -20.56 20.24
N THR B 68 32.51 -19.37 20.52
CA THR B 68 33.52 -19.20 21.56
C THR B 68 32.96 -18.60 22.84
N HIS B 69 31.86 -17.86 22.75
CA HIS B 69 31.22 -17.21 23.90
C HIS B 69 29.81 -17.77 24.04
N PRO B 70 29.61 -18.81 24.84
CA PRO B 70 28.28 -19.41 24.96
C PRO B 70 27.32 -18.51 25.74
N ASN B 71 26.04 -18.72 25.47
CA ASN B 71 24.97 -18.02 26.18
C ASN B 71 24.48 -18.88 27.34
N TYR B 72 24.37 -18.27 28.51
CA TYR B 72 23.87 -19.00 29.68
C TYR B 72 23.34 -18.02 30.72
N ILE B 73 22.47 -18.54 31.58
CA ILE B 73 21.87 -17.76 32.66
C ILE B 73 22.45 -18.22 33.98
N SER B 74 22.75 -17.27 34.86
CA SER B 74 23.39 -17.57 36.12
C SER B 74 22.67 -16.88 37.26
N ILE B 75 22.84 -17.44 38.46
CA ILE B 75 22.36 -16.81 39.69
C ILE B 75 23.56 -16.16 40.36
N ILE B 76 23.49 -14.84 40.54
CA ILE B 76 24.63 -14.04 40.96
C ILE B 76 24.33 -13.47 42.35
N ASN B 77 25.26 -13.65 43.28
CA ASN B 77 25.12 -13.18 44.64
C ASN B 77 25.64 -11.74 44.74
N GLU B 78 25.81 -11.25 45.97
CA GLU B 78 26.26 -9.88 46.17
C GLU B 78 27.68 -9.67 45.66
N ASP B 79 28.52 -10.70 45.71
CA ASP B 79 29.92 -10.60 45.31
C ASP B 79 30.16 -11.05 43.88
N GLY B 80 29.11 -11.36 43.13
CA GLY B 80 29.27 -11.76 41.75
C GLY B 80 29.99 -13.07 41.56
N ASN B 81 29.65 -14.10 42.35
CA ASN B 81 30.33 -15.38 42.30
C ASN B 81 29.66 -16.39 41.40
N GLU B 82 28.47 -16.09 40.87
CA GLU B 82 27.75 -16.97 39.94
C GLU B 82 27.56 -18.37 40.55
N ILE B 83 26.74 -18.39 41.60
CA ILE B 83 26.54 -19.62 42.37
C ILE B 83 25.83 -20.69 41.56
N PHE B 84 25.14 -20.33 40.49
CA PHE B 84 24.43 -21.30 39.67
C PHE B 84 24.65 -20.99 38.20
N ASN B 85 24.70 -22.04 37.39
CA ASN B 85 24.88 -21.94 35.94
C ASN B 85 23.90 -22.90 35.26
N THR B 86 23.30 -22.45 34.17
CA THR B 86 22.45 -23.34 33.38
C THR B 86 23.28 -24.02 32.28
N SER B 87 22.64 -25.00 31.64
CA SER B 87 23.34 -25.84 30.68
C SER B 87 23.70 -25.07 29.42
N LEU B 88 24.87 -25.36 28.87
CA LEU B 88 25.30 -24.77 27.61
C LEU B 88 24.83 -25.56 26.40
N PHE B 89 24.42 -26.82 26.59
CA PHE B 89 23.91 -27.62 25.48
C PHE B 89 23.03 -28.72 26.06
N GLU B 90 22.22 -29.30 25.19
CA GLU B 90 21.44 -30.46 25.62
C GLU B 90 22.25 -31.74 25.46
N PRO B 91 22.03 -32.72 26.32
CA PRO B 91 22.70 -34.02 26.16
C PRO B 91 22.36 -34.63 24.82
N PRO B 92 23.35 -34.88 23.96
CA PRO B 92 23.06 -35.40 22.62
C PRO B 92 22.37 -36.74 22.70
N PRO B 93 21.42 -37.01 21.79
CA PRO B 93 20.74 -38.29 21.81
C PRO B 93 21.71 -39.42 21.51
N PRO B 94 21.45 -40.63 22.03
CA PRO B 94 22.33 -41.76 21.75
C PRO B 94 22.46 -42.01 20.26
N GLY B 95 23.67 -42.35 19.83
CA GLY B 95 23.96 -42.46 18.42
C GLY B 95 24.26 -41.15 17.73
N TYR B 96 24.36 -40.05 18.47
CA TYR B 96 24.65 -38.75 17.89
C TYR B 96 25.71 -38.00 18.68
N GLU B 97 26.50 -38.68 19.52
CA GLU B 97 27.50 -38.01 20.33
C GLU B 97 28.68 -37.51 19.51
N ASN B 98 28.94 -38.12 18.36
CA ASN B 98 30.05 -37.73 17.51
C ASN B 98 29.61 -36.85 16.34
N VAL B 99 28.37 -36.36 16.36
CA VAL B 99 27.88 -35.48 15.31
C VAL B 99 28.29 -34.05 15.65
N SER B 100 28.96 -33.38 14.71
CA SER B 100 29.47 -32.05 14.92
C SER B 100 28.49 -31.00 14.40
N ASP B 101 28.81 -29.74 14.69
CA ASP B 101 28.02 -28.58 14.24
C ASP B 101 26.61 -28.63 14.80
N ILE B 102 26.51 -28.82 16.11
CA ILE B 102 25.24 -28.80 16.83
C ILE B 102 25.17 -27.47 17.56
N VAL B 103 24.38 -26.55 17.02
CA VAL B 103 24.25 -25.23 17.63
C VAL B 103 23.50 -25.35 18.95
N PRO B 104 23.98 -24.73 20.03
CA PRO B 104 23.27 -24.80 21.31
C PRO B 104 21.94 -24.06 21.23
N PRO B 105 20.98 -24.41 22.09
CA PRO B 105 19.69 -23.72 22.07
C PRO B 105 19.85 -22.23 22.30
N PHE B 106 19.10 -21.45 21.52
CA PHE B 106 19.16 -20.00 21.62
C PHE B 106 17.92 -19.39 20.97
N SER B 107 17.52 -18.24 21.49
CA SER B 107 16.42 -17.47 20.89
C SER B 107 17.00 -16.60 19.78
N ALA B 108 16.62 -16.90 18.54
CA ALA B 108 17.18 -16.21 17.40
C ALA B 108 16.83 -14.72 17.45
N PHE B 109 17.78 -13.89 16.99
CA PHE B 109 17.63 -12.44 16.90
C PHE B 109 17.56 -11.76 18.25
N SER B 110 18.02 -12.42 19.30
CA SER B 110 18.06 -11.80 20.61
C SER B 110 19.27 -10.88 20.71
N PRO B 111 19.09 -9.61 21.11
CA PRO B 111 20.25 -8.71 21.21
C PRO B 111 21.24 -9.17 22.27
N GLN B 112 22.50 -8.83 22.05
CA GLN B 112 23.53 -9.11 23.03
C GLN B 112 23.31 -8.28 24.29
N GLY B 113 23.73 -8.83 25.42
CA GLY B 113 23.63 -8.11 26.68
C GLY B 113 23.97 -8.93 27.90
N MET B 114 24.17 -8.26 29.03
CA MET B 114 24.40 -8.92 30.32
C MET B 114 23.47 -8.32 31.37
N PRO B 115 22.15 -8.46 31.21
CA PRO B 115 21.23 -7.86 32.17
C PRO B 115 21.29 -8.54 33.52
N GLU B 116 21.05 -7.76 34.57
CA GLU B 116 20.99 -8.24 35.93
C GLU B 116 19.76 -7.67 36.62
N GLY B 117 19.26 -8.40 37.60
CA GLY B 117 18.12 -7.94 38.37
C GLY B 117 17.30 -9.12 38.86
N ASP B 118 16.16 -8.80 39.46
CA ASP B 118 15.30 -9.78 40.10
C ASP B 118 14.46 -10.51 39.07
N LEU B 119 13.93 -11.66 39.49
CA LEU B 119 13.09 -12.50 38.65
C LEU B 119 11.62 -12.25 38.95
N VAL B 120 10.80 -12.16 37.91
CA VAL B 120 9.36 -12.00 38.05
C VAL B 120 8.69 -13.09 37.23
N TYR B 121 7.96 -13.97 37.91
CA TYR B 121 7.19 -14.99 37.20
C TYR B 121 6.02 -14.32 36.48
N VAL B 122 5.80 -14.69 35.23
CA VAL B 122 4.90 -13.94 34.37
C VAL B 122 3.92 -14.92 33.73
N ASN B 123 4.12 -16.21 34.00
CA ASN B 123 3.26 -17.30 33.51
C ASN B 123 3.45 -17.39 32.00
N TYR B 124 2.38 -17.31 31.20
CA TYR B 124 2.48 -17.50 29.76
C TYR B 124 2.79 -16.22 28.99
N ALA B 125 3.02 -15.12 29.71
CA ALA B 125 3.43 -13.84 29.11
C ALA B 125 2.40 -13.36 28.07
N ARG B 126 1.13 -13.51 28.40
CA ARG B 126 0.07 -12.94 27.57
C ARG B 126 -0.32 -11.57 28.12
N THR B 127 -1.25 -10.92 27.42
CA THR B 127 -1.67 -9.59 27.84
C THR B 127 -2.39 -9.62 29.19
N GLU B 128 -3.15 -10.69 29.46
CA GLU B 128 -3.85 -10.79 30.73
C GLU B 128 -2.88 -11.04 31.89
N ASP B 129 -1.85 -11.85 31.68
CA ASP B 129 -0.86 -12.10 32.72
C ASP B 129 -0.04 -10.88 33.07
N PHE B 130 0.02 -9.89 32.18
CA PHE B 130 0.64 -8.60 32.49
C PHE B 130 -0.36 -7.58 33.02
N PHE B 131 -1.63 -7.69 32.61
CA PHE B 131 -2.69 -6.90 33.20
C PHE B 131 -2.78 -7.16 34.70
N LYS B 132 -2.79 -8.45 35.07
CA LYS B 132 -2.94 -8.82 36.46
C LYS B 132 -1.79 -8.32 37.33
N LEU B 133 -0.60 -8.18 36.73
CA LEU B 133 0.60 -7.89 37.52
C LEU B 133 0.51 -6.53 38.20
N GLU B 134 -0.01 -5.52 37.50
CA GLU B 134 -0.15 -4.20 38.10
C GLU B 134 -1.58 -3.83 38.44
N ARG B 135 -2.58 -4.35 37.70
CA ARG B 135 -3.97 -4.07 38.04
C ARG B 135 -4.35 -4.70 39.38
N ASP B 136 -3.90 -5.93 39.62
CA ASP B 136 -4.29 -6.70 40.80
C ASP B 136 -3.17 -6.85 41.83
N MET B 137 -1.97 -7.23 41.39
CA MET B 137 -0.88 -7.46 42.32
C MET B 137 -0.18 -6.18 42.77
N LYS B 138 -0.33 -5.09 42.01
CA LYS B 138 0.47 -3.88 42.19
C LYS B 138 1.96 -4.20 42.10
N ILE B 139 2.31 -5.00 41.09
CA ILE B 139 3.69 -5.44 40.86
C ILE B 139 4.20 -4.78 39.59
N ASN B 140 5.31 -4.06 39.70
CA ASN B 140 5.96 -3.40 38.57
C ASN B 140 7.13 -4.26 38.13
N CYS B 141 7.05 -4.81 36.92
CA CYS B 141 8.07 -5.69 36.39
C CYS B 141 9.03 -4.97 35.44
N SER B 142 9.10 -3.65 35.51
CA SER B 142 10.06 -2.89 34.70
C SER B 142 11.43 -2.94 35.34
N GLY B 143 12.44 -3.29 34.55
CA GLY B 143 13.77 -3.50 35.06
C GLY B 143 14.00 -4.88 35.66
N LYS B 144 13.01 -5.77 35.57
CA LYS B 144 13.10 -7.11 36.10
C LYS B 144 13.31 -8.11 34.97
N ILE B 145 14.03 -9.19 35.28
CA ILE B 145 14.17 -10.29 34.34
C ILE B 145 12.89 -11.12 34.37
N VAL B 146 12.16 -11.13 33.25
CA VAL B 146 10.88 -11.80 33.18
C VAL B 146 11.09 -13.24 32.75
N ILE B 147 10.61 -14.18 33.54
CA ILE B 147 10.66 -15.60 33.22
C ILE B 147 9.24 -16.06 32.88
N ALA B 148 9.04 -16.51 31.65
CA ALA B 148 7.77 -17.01 31.19
C ALA B 148 7.89 -18.49 30.85
N ARG B 149 6.78 -19.06 30.37
CA ARG B 149 6.74 -20.45 29.96
C ARG B 149 6.14 -20.55 28.57
N TYR B 150 6.62 -21.52 27.81
CA TYR B 150 6.14 -21.73 26.45
C TYR B 150 4.67 -22.14 26.46
N GLY B 151 3.92 -21.61 25.50
CA GLY B 151 2.53 -22.01 25.34
C GLY B 151 1.53 -20.87 25.29
N LYS B 152 0.40 -21.14 24.64
CA LYS B 152 -0.79 -20.30 24.60
C LYS B 152 -0.60 -19.04 23.74
N VAL B 153 0.63 -18.75 23.34
CA VAL B 153 0.95 -17.60 22.50
C VAL B 153 2.23 -17.87 21.72
N PHE B 154 2.54 -17.01 20.77
CA PHE B 154 3.81 -17.06 20.05
C PHE B 154 4.91 -16.42 20.88
N ARG B 155 6.15 -16.88 20.67
CA ARG B 155 7.28 -16.35 21.43
C ARG B 155 7.45 -14.86 21.21
N GLY B 156 7.31 -14.41 19.96
CA GLY B 156 7.45 -12.99 19.67
C GLY B 156 6.44 -12.14 20.42
N ASN B 157 5.22 -12.65 20.58
CA ASN B 157 4.22 -11.93 21.37
C ASN B 157 4.63 -11.83 22.83
N LYS B 158 5.19 -12.91 23.39
CA LYS B 158 5.67 -12.88 24.76
C LYS B 158 6.76 -11.82 24.92
N VAL B 159 7.72 -11.79 24.00
CA VAL B 159 8.80 -10.82 24.09
C VAL B 159 8.27 -9.40 23.91
N LYS B 160 7.31 -9.22 22.99
CA LYS B 160 6.73 -7.90 22.77
C LYS B 160 6.02 -7.39 24.03
N ASN B 161 5.25 -8.26 24.69
CA ASN B 161 4.61 -7.87 25.93
C ASN B 161 5.64 -7.56 27.01
N ALA B 162 6.72 -8.33 27.06
CA ALA B 162 7.76 -8.07 28.05
C ALA B 162 8.42 -6.70 27.82
N GLN B 163 8.69 -6.35 26.57
CA GLN B 163 9.21 -5.01 26.29
C GLN B 163 8.19 -3.93 26.64
N LEU B 164 6.92 -4.17 26.30
CA LEU B 164 5.88 -3.20 26.64
C LEU B 164 5.74 -3.01 28.14
N ALA B 165 6.11 -4.00 28.93
CA ALA B 165 6.08 -3.89 30.38
C ALA B 165 7.41 -3.41 30.97
N GLY B 166 8.44 -3.25 30.14
CA GLY B 166 9.70 -2.70 30.61
C GLY B 166 10.70 -3.69 31.14
N ALA B 167 10.55 -4.98 30.82
CA ALA B 167 11.47 -5.99 31.34
C ALA B 167 12.86 -5.85 30.73
N LYS B 168 13.88 -6.13 31.54
CA LYS B 168 15.25 -6.10 31.04
C LYS B 168 15.60 -7.33 30.21
N GLY B 169 15.04 -8.48 30.56
CA GLY B 169 15.33 -9.70 29.85
C GLY B 169 14.21 -10.70 29.96
N VAL B 170 14.21 -11.67 29.06
CA VAL B 170 13.16 -12.69 28.98
C VAL B 170 13.81 -14.06 29.07
N ILE B 171 13.25 -14.92 29.91
CA ILE B 171 13.66 -16.32 30.02
C ILE B 171 12.45 -17.19 29.74
N LEU B 172 12.62 -18.16 28.85
CA LEU B 172 11.57 -19.09 28.48
C LEU B 172 11.94 -20.50 28.91
N TYR B 173 10.96 -21.23 29.43
CA TYR B 173 11.18 -22.62 29.82
C TYR B 173 9.95 -23.44 29.47
N SER B 174 10.16 -24.73 29.27
CA SER B 174 9.10 -25.66 28.89
C SER B 174 8.62 -26.37 30.14
N ASP B 175 7.44 -25.96 30.63
CA ASP B 175 6.88 -26.57 31.82
C ASP B 175 6.48 -28.01 31.53
N PRO B 176 6.76 -28.95 32.45
CA PRO B 176 6.28 -30.32 32.27
C PRO B 176 4.77 -30.44 32.45
N ALA B 177 4.11 -29.30 32.73
CA ALA B 177 2.67 -29.25 32.72
C ALA B 177 2.08 -29.10 31.32
N ASP B 178 2.87 -28.57 30.38
CA ASP B 178 2.43 -28.40 29.00
C ASP B 178 3.23 -29.21 27.98
N TYR B 179 4.38 -29.74 28.36
CA TYR B 179 5.25 -30.48 27.44
C TYR B 179 5.69 -31.80 28.05
N PHE B 180 4.78 -32.47 28.75
CA PHE B 180 5.07 -33.79 29.33
C PHE B 180 3.76 -34.56 29.38
N ALA B 181 3.55 -35.43 28.41
CA ALA B 181 2.34 -36.24 28.39
C ALA B 181 2.34 -37.21 29.57
N PRO B 182 1.19 -37.43 30.21
CA PRO B 182 1.18 -38.32 31.38
C PRO B 182 1.35 -39.77 30.99
N GLY B 183 2.12 -40.49 31.81
CA GLY B 183 2.34 -41.91 31.57
C GLY B 183 3.30 -42.23 30.43
N VAL B 184 4.19 -41.30 30.08
CA VAL B 184 5.13 -41.50 28.99
C VAL B 184 6.54 -41.22 29.51
N LYS B 185 7.50 -41.97 28.99
CA LYS B 185 8.90 -41.81 29.36
C LYS B 185 9.59 -40.79 28.46
N SER B 186 10.79 -40.38 28.86
CA SER B 186 11.55 -39.40 28.11
C SER B 186 12.01 -39.99 26.77
N TYR B 187 12.60 -39.12 25.94
CA TYR B 187 12.89 -39.44 24.55
C TYR B 187 13.66 -40.75 24.34
N PRO B 188 14.74 -41.04 25.08
CA PRO B 188 15.45 -42.30 24.81
C PRO B 188 14.59 -43.54 24.95
N ASP B 189 13.60 -43.51 25.84
CA ASP B 189 12.68 -44.63 26.03
C ASP B 189 11.23 -44.20 25.86
N GLY B 190 10.99 -43.13 25.10
CA GLY B 190 9.66 -42.62 24.89
C GLY B 190 9.65 -41.39 24.00
N TRP B 191 8.68 -40.49 24.22
CA TRP B 191 8.56 -39.30 23.41
C TRP B 191 8.23 -38.07 24.25
N ASN B 192 8.62 -38.08 25.52
CA ASN B 192 8.40 -36.95 26.42
C ASN B 192 9.67 -36.11 26.52
N LEU B 193 9.47 -34.85 26.88
CA LEU B 193 10.59 -33.92 26.96
C LEU B 193 11.49 -34.27 28.14
N PRO B 194 12.78 -34.49 27.93
CA PRO B 194 13.70 -34.66 29.06
C PRO B 194 13.92 -33.34 29.79
N GLY B 195 14.68 -33.41 30.88
CA GLY B 195 14.97 -32.22 31.64
C GLY B 195 15.93 -31.27 30.95
N GLY B 196 16.74 -31.78 30.01
CA GLY B 196 17.69 -30.94 29.30
C GLY B 196 17.17 -30.49 27.95
N GLY B 197 16.00 -31.00 27.56
CA GLY B 197 15.42 -30.59 26.29
C GLY B 197 14.99 -29.14 26.30
N VAL B 198 15.40 -28.41 25.27
CA VAL B 198 15.12 -26.98 25.15
C VAL B 198 14.53 -26.73 23.77
N GLN B 199 13.50 -25.87 23.72
CA GLN B 199 12.85 -25.52 22.46
C GLN B 199 13.47 -24.24 21.91
N ARG B 200 13.82 -24.26 20.63
CA ARG B 200 14.35 -23.09 19.94
C ARG B 200 13.23 -22.40 19.17
N GLY B 201 13.58 -21.31 18.51
CA GLY B 201 12.65 -20.56 17.70
C GLY B 201 12.93 -19.07 17.78
N ASN B 202 12.58 -18.37 16.70
CA ASN B 202 12.81 -16.94 16.63
C ASN B 202 11.80 -16.19 17.52
N ILE B 203 12.18 -14.96 17.87
CA ILE B 203 11.33 -14.11 18.69
C ILE B 203 11.00 -12.84 17.92
N LEU B 204 10.91 -12.96 16.60
CA LEU B 204 10.68 -11.83 15.73
C LEU B 204 9.19 -11.55 15.55
N ASN B 205 8.84 -10.28 15.45
CA ASN B 205 7.48 -9.83 15.14
C ASN B 205 7.56 -9.08 13.81
N LEU B 206 7.50 -9.82 12.71
CA LEU B 206 7.69 -9.23 11.39
C LEU B 206 6.41 -8.77 10.73
N ASN B 207 5.27 -9.34 11.12
CA ASN B 207 3.96 -8.97 10.56
C ASN B 207 3.95 -9.10 9.04
N GLY B 208 4.54 -10.18 8.54
CA GLY B 208 4.57 -10.46 7.12
C GLY B 208 5.59 -9.68 6.32
N ALA B 209 6.55 -9.03 6.98
CA ALA B 209 7.56 -8.28 6.25
C ALA B 209 8.57 -9.19 5.58
N GLY B 210 9.00 -10.23 6.27
CA GLY B 210 10.02 -11.14 5.76
C GLY B 210 11.40 -10.81 6.33
N ASP B 211 12.37 -10.68 5.44
CA ASP B 211 13.71 -10.26 5.87
C ASP B 211 13.62 -8.89 6.51
N PRO B 212 14.13 -8.71 7.73
CA PRO B 212 13.99 -7.41 8.42
C PRO B 212 14.61 -6.24 7.68
N LEU B 213 15.66 -6.47 6.90
CA LEU B 213 16.41 -5.36 6.31
C LEU B 213 15.89 -4.92 4.94
N THR B 214 14.99 -5.69 4.33
CA THR B 214 14.44 -5.36 3.01
C THR B 214 12.94 -5.61 3.02
N PRO B 215 12.16 -4.72 3.63
CA PRO B 215 10.70 -4.89 3.65
C PRO B 215 10.06 -4.43 2.35
N GLY B 216 9.41 -5.36 1.66
CA GLY B 216 8.69 -5.06 0.44
C GLY B 216 9.42 -5.44 -0.83
N TYR B 217 10.74 -5.64 -0.78
CA TYR B 217 11.54 -5.95 -1.94
C TYR B 217 12.51 -7.07 -1.59
N PRO B 218 12.90 -7.88 -2.57
CA PRO B 218 13.74 -9.04 -2.27
C PRO B 218 15.17 -8.64 -1.92
N ALA B 219 15.87 -9.56 -1.27
CA ALA B 219 17.23 -9.32 -0.81
C ALA B 219 18.23 -9.89 -1.82
N ASN B 220 18.28 -9.23 -2.98
CA ASN B 220 19.26 -9.57 -4.00
C ASN B 220 20.59 -8.89 -3.65
N GLU B 221 21.55 -8.95 -4.58
CA GLU B 221 22.87 -8.38 -4.29
C GLU B 221 22.89 -6.87 -4.45
N TYR B 222 22.12 -6.30 -5.38
CA TYR B 222 22.10 -4.86 -5.58
C TYR B 222 21.08 -4.18 -4.67
N ALA B 223 21.07 -4.56 -3.40
CA ALA B 223 20.00 -4.21 -2.50
C ALA B 223 20.48 -3.22 -1.45
N TYR B 224 19.68 -2.19 -1.21
CA TYR B 224 19.93 -1.24 -0.14
C TYR B 224 19.30 -1.78 1.14
N ARG B 225 20.14 -2.14 2.10
CA ARG B 225 19.69 -2.71 3.36
C ARG B 225 19.63 -1.62 4.42
N ARG B 226 18.51 -1.58 5.14
CA ARG B 226 18.41 -0.71 6.30
C ARG B 226 19.38 -1.17 7.36
N GLY B 227 20.04 -0.21 8.02
CA GLY B 227 20.87 -0.55 9.15
C GLY B 227 20.04 -1.06 10.31
N ILE B 228 20.71 -1.67 11.29
CA ILE B 228 19.91 -2.22 12.39
C ILE B 228 19.71 -1.10 13.40
N ALA B 229 18.84 -0.15 13.02
CA ALA B 229 18.13 0.74 13.92
C ALA B 229 16.69 0.96 13.49
N GLU B 230 16.38 0.78 12.20
CA GLU B 230 15.03 0.83 11.66
C GLU B 230 14.56 -0.53 11.19
N ALA B 231 15.22 -1.60 11.62
CA ALA B 231 14.87 -2.94 11.18
C ALA B 231 13.49 -3.32 11.71
N VAL B 232 12.83 -4.21 10.98
CA VAL B 232 11.44 -4.56 11.25
C VAL B 232 11.39 -5.74 12.21
N GLY B 233 10.81 -5.52 13.39
CA GLY B 233 10.46 -6.58 14.30
C GLY B 233 11.55 -7.09 15.21
N LEU B 234 12.74 -6.51 15.17
CA LEU B 234 13.81 -6.99 16.04
C LEU B 234 13.54 -6.57 17.49
N PRO B 235 13.66 -7.49 18.44
CA PRO B 235 13.46 -7.13 19.85
C PRO B 235 14.56 -6.23 20.36
N SER B 236 14.38 -5.76 21.60
CA SER B 236 15.34 -4.87 22.23
C SER B 236 15.92 -5.42 23.53
N ILE B 237 15.55 -6.63 23.92
CA ILE B 237 16.07 -7.22 25.15
C ILE B 237 16.55 -8.64 24.87
N PRO B 238 17.60 -9.12 25.54
CA PRO B 238 18.07 -10.48 25.32
C PRO B 238 17.07 -11.52 25.83
N VAL B 239 17.02 -12.65 25.12
CA VAL B 239 16.12 -13.75 25.43
C VAL B 239 16.89 -15.06 25.32
N HIS B 240 16.56 -16.02 26.20
CA HIS B 240 17.22 -17.33 26.17
C HIS B 240 16.27 -18.41 26.69
N PRO B 241 16.10 -19.51 25.96
CA PRO B 241 15.26 -20.61 26.45
C PRO B 241 16.04 -21.66 27.21
N ILE B 242 15.35 -22.31 28.15
CA ILE B 242 15.92 -23.35 29.00
C ILE B 242 14.92 -24.49 29.12
N GLY B 243 15.38 -25.61 29.69
CA GLY B 243 14.53 -26.71 30.04
C GLY B 243 13.96 -26.57 31.44
N TYR B 244 13.28 -27.63 31.89
CA TYR B 244 12.66 -27.63 33.20
C TYR B 244 13.54 -28.28 34.27
N TYR B 245 14.78 -28.62 33.93
CA TYR B 245 15.75 -29.04 34.94
C TYR B 245 16.50 -27.86 35.54
N ASP B 246 16.75 -26.82 34.75
CA ASP B 246 17.36 -25.59 35.22
C ASP B 246 16.31 -24.57 35.68
N ALA B 247 15.16 -24.54 35.00
CA ALA B 247 14.08 -23.65 35.42
C ALA B 247 13.59 -24.01 36.82
N GLN B 248 13.66 -25.28 37.20
CA GLN B 248 13.35 -25.65 38.58
C GLN B 248 14.31 -24.98 39.55
N LYS B 249 15.60 -24.96 39.22
CA LYS B 249 16.57 -24.31 40.08
C LYS B 249 16.33 -22.79 40.14
N LEU B 250 15.96 -22.18 39.01
CA LEU B 250 15.68 -20.75 39.02
C LEU B 250 14.42 -20.43 39.83
N LEU B 251 13.39 -21.26 39.71
CA LEU B 251 12.09 -20.97 40.32
C LEU B 251 12.00 -21.40 41.78
N GLU B 252 12.78 -22.41 42.20
CA GLU B 252 12.64 -22.96 43.54
C GLU B 252 12.96 -21.95 44.64
N LYS B 253 13.77 -20.93 44.35
CA LYS B 253 14.16 -19.94 45.33
C LYS B 253 13.34 -18.67 45.26
N MET B 254 12.30 -18.63 44.42
CA MET B 254 11.50 -17.43 44.27
C MET B 254 10.68 -17.15 45.53
N GLY B 255 10.34 -15.89 45.72
CA GLY B 255 9.50 -15.47 46.82
C GLY B 255 8.49 -14.42 46.40
N GLY B 256 7.96 -13.67 47.35
CA GLY B 256 7.00 -12.62 47.04
C GLY B 256 5.56 -13.08 47.04
N SER B 257 4.77 -12.50 46.14
CA SER B 257 3.34 -12.79 46.11
C SER B 257 3.06 -14.21 45.64
N ALA B 258 2.01 -14.81 46.20
CA ALA B 258 1.57 -16.13 45.81
C ALA B 258 0.95 -16.09 44.41
N PRO B 259 0.91 -17.22 43.72
CA PRO B 259 0.27 -17.25 42.40
C PRO B 259 -1.20 -16.88 42.49
N PRO B 260 -1.72 -16.16 41.49
CA PRO B 260 -3.13 -15.77 41.49
C PRO B 260 -4.09 -16.91 41.84
N ASP B 261 -4.04 -17.96 41.03
CA ASP B 261 -4.98 -19.06 41.10
C ASP B 261 -4.25 -20.33 40.68
N SER B 262 -5.01 -21.37 40.35
CA SER B 262 -4.38 -22.63 39.94
C SER B 262 -3.78 -22.56 38.55
N SER B 263 -4.29 -21.67 37.69
CA SER B 263 -3.78 -21.60 36.32
C SER B 263 -2.37 -21.03 36.28
N TRP B 264 -2.01 -20.18 37.25
CA TRP B 264 -0.65 -19.66 37.35
C TRP B 264 0.24 -20.67 38.06
N ARG B 265 0.24 -21.92 37.60
CA ARG B 265 0.97 -22.98 38.29
C ARG B 265 1.16 -24.14 37.33
N GLY B 266 2.29 -24.82 37.46
CA GLY B 266 2.61 -25.93 36.59
C GLY B 266 2.80 -27.24 37.32
N SER B 267 3.62 -28.12 36.74
CA SER B 267 3.86 -29.45 37.29
C SER B 267 5.18 -29.57 38.04
N LEU B 268 5.93 -28.48 38.16
CA LEU B 268 7.20 -28.53 38.87
C LEU B 268 6.97 -28.47 40.37
N LYS B 269 7.98 -28.91 41.12
CA LYS B 269 7.92 -28.89 42.58
C LYS B 269 8.44 -27.56 43.13
N VAL B 270 7.79 -26.49 42.69
CA VAL B 270 8.13 -25.14 43.13
C VAL B 270 6.85 -24.43 43.54
N PRO B 271 6.89 -23.45 44.45
CA PRO B 271 5.67 -22.75 44.85
C PRO B 271 5.06 -21.92 43.74
N TYR B 272 5.79 -21.64 42.66
CA TYR B 272 5.30 -20.82 41.55
C TYR B 272 4.91 -19.43 42.00
N ASN B 273 5.69 -18.86 42.92
CA ASN B 273 5.45 -17.50 43.37
C ASN B 273 5.74 -16.50 42.26
N VAL B 274 5.06 -15.35 42.33
CA VAL B 274 5.09 -14.36 41.28
C VAL B 274 5.98 -13.18 41.68
N GLY B 275 6.06 -12.93 42.98
CA GLY B 275 6.70 -11.74 43.50
C GLY B 275 8.13 -11.55 43.04
N PRO B 276 8.48 -10.30 42.71
CA PRO B 276 9.85 -10.00 42.26
C PRO B 276 10.91 -10.37 43.28
N GLY B 277 12.04 -10.87 42.80
CA GLY B 277 13.14 -11.26 43.67
C GLY B 277 12.94 -12.65 44.22
N PHE B 278 13.89 -13.03 45.09
CA PHE B 278 13.87 -14.32 45.74
C PHE B 278 13.38 -14.18 47.18
N THR B 279 13.31 -15.30 47.88
CA THR B 279 12.79 -15.33 49.24
C THR B 279 13.92 -15.45 50.26
N GLY B 280 13.67 -14.89 51.45
CA GLY B 280 14.61 -15.01 52.54
C GLY B 280 15.97 -14.44 52.22
N ASN B 281 17.01 -15.15 52.64
CA ASN B 281 18.38 -14.68 52.39
C ASN B 281 18.66 -14.57 50.90
N PHE B 282 18.10 -15.48 50.10
CA PHE B 282 18.24 -15.42 48.66
C PHE B 282 17.76 -14.10 48.06
N SER B 283 17.08 -13.26 48.85
CA SER B 283 16.70 -11.93 48.37
C SER B 283 17.93 -11.11 47.99
N THR B 284 19.11 -11.47 48.52
CA THR B 284 20.34 -10.80 48.18
C THR B 284 21.00 -11.38 46.91
N GLN B 285 20.24 -12.14 46.13
CA GLN B 285 20.74 -12.75 44.90
C GLN B 285 19.82 -12.37 43.74
N LYS B 286 20.40 -12.28 42.55
CA LYS B 286 19.66 -11.91 41.35
C LYS B 286 20.07 -12.83 40.21
N VAL B 287 19.53 -12.56 39.02
CA VAL B 287 19.76 -13.39 37.84
C VAL B 287 20.51 -12.57 36.81
N LYS B 288 21.59 -13.14 36.27
CA LYS B 288 22.42 -12.48 35.26
C LYS B 288 22.41 -13.31 34.00
N MET B 289 22.06 -12.68 32.88
CA MET B 289 22.06 -13.35 31.60
C MET B 289 23.38 -13.11 30.87
N HIS B 290 23.76 -14.08 30.04
CA HIS B 290 24.98 -14.01 29.24
C HIS B 290 24.57 -14.39 27.82
N ILE B 291 24.13 -13.39 27.05
CA ILE B 291 23.68 -13.60 25.68
C ILE B 291 24.69 -12.97 24.75
N HIS B 292 25.22 -13.77 23.81
CA HIS B 292 26.28 -13.32 22.92
C HIS B 292 25.97 -13.61 21.46
N SER B 293 24.75 -14.01 21.14
CA SER B 293 24.39 -14.28 19.76
C SER B 293 24.46 -13.00 18.93
N THR B 294 24.95 -13.13 17.71
CA THR B 294 25.14 -12.01 16.82
C THR B 294 24.32 -12.20 15.55
N ASN B 295 23.89 -11.06 14.99
CA ASN B 295 23.16 -11.03 13.73
C ASN B 295 24.10 -10.65 12.60
N GLU B 296 23.96 -11.33 11.47
CA GLU B 296 24.80 -11.08 10.30
C GLU B 296 24.03 -11.45 9.05
N VAL B 297 24.43 -10.84 7.93
CA VAL B 297 23.79 -11.09 6.66
C VAL B 297 24.42 -12.32 6.02
N THR B 298 23.62 -13.37 5.84
CA THR B 298 24.07 -14.64 5.31
C THR B 298 23.20 -15.02 4.12
N ARG B 299 23.78 -15.80 3.21
CA ARG B 299 23.09 -16.22 2.00
C ARG B 299 22.30 -17.50 2.25
N ILE B 300 21.02 -17.47 1.87
CA ILE B 300 20.12 -18.61 2.02
C ILE B 300 19.59 -18.99 0.65
N TYR B 301 19.48 -20.29 0.40
CA TYR B 301 19.14 -20.82 -0.91
C TYR B 301 17.80 -21.54 -0.84
N ASN B 302 16.90 -21.20 -1.78
CA ASN B 302 15.64 -21.89 -1.96
C ASN B 302 15.72 -22.73 -3.21
N VAL B 303 15.32 -24.00 -3.12
CA VAL B 303 15.31 -24.90 -4.26
C VAL B 303 13.96 -24.75 -4.95
N ILE B 304 13.95 -24.15 -6.15
CA ILE B 304 12.73 -23.91 -6.89
C ILE B 304 12.71 -24.83 -8.09
N GLY B 305 11.76 -25.76 -8.12
CA GLY B 305 11.60 -26.68 -9.24
C GLY B 305 10.31 -26.37 -9.98
N THR B 306 10.37 -26.50 -11.30
CA THR B 306 9.25 -26.17 -12.17
C THR B 306 8.92 -27.37 -13.02
N LEU B 307 7.64 -27.76 -13.03
CA LEU B 307 7.08 -28.75 -13.93
C LEU B 307 6.06 -28.04 -14.80
N ARG B 308 6.36 -27.90 -16.08
CA ARG B 308 5.55 -27.07 -16.97
C ARG B 308 4.14 -27.64 -17.13
N GLY B 309 3.16 -26.75 -17.24
CA GLY B 309 1.80 -27.18 -17.50
C GLY B 309 1.56 -27.43 -18.98
N ALA B 310 0.77 -28.47 -19.26
CA ALA B 310 0.54 -28.86 -20.65
C ALA B 310 -0.39 -27.88 -21.37
N VAL B 311 -1.45 -27.44 -20.70
CA VAL B 311 -2.46 -26.58 -21.30
C VAL B 311 -2.29 -25.13 -20.87
N GLU B 312 -2.00 -24.89 -19.59
CA GLU B 312 -1.87 -23.54 -19.05
C GLU B 312 -0.56 -23.41 -18.29
N PRO B 313 0.56 -23.27 -19.00
CA PRO B 313 1.85 -23.05 -18.31
C PRO B 313 1.90 -21.79 -17.47
N ASP B 314 1.06 -20.79 -17.75
CA ASP B 314 1.04 -19.59 -16.91
C ASP B 314 0.58 -19.93 -15.50
N ARG B 315 -0.40 -20.81 -15.37
CA ARG B 315 -1.09 -21.03 -14.10
C ARG B 315 -0.18 -21.83 -13.16
N TYR B 316 0.22 -21.20 -12.05
CA TYR B 316 1.15 -21.81 -11.10
C TYR B 316 0.38 -22.41 -9.94
N VAL B 317 0.54 -23.71 -9.72
CA VAL B 317 0.08 -24.38 -8.51
C VAL B 317 1.31 -24.80 -7.74
N ILE B 318 1.47 -24.28 -6.53
CA ILE B 318 2.73 -24.37 -5.80
C ILE B 318 2.57 -25.34 -4.63
N LEU B 319 3.50 -26.29 -4.54
CA LEU B 319 3.64 -27.16 -3.37
C LEU B 319 4.96 -26.81 -2.72
N GLY B 320 4.91 -26.14 -1.56
CA GLY B 320 6.10 -25.61 -0.94
C GLY B 320 6.24 -26.06 0.50
N GLY B 321 7.47 -25.96 0.99
CA GLY B 321 7.81 -26.30 2.36
C GLY B 321 9.27 -26.03 2.61
N HIS B 322 9.65 -25.77 3.85
CA HIS B 322 11.02 -25.36 4.12
C HIS B 322 11.93 -26.55 4.41
N ARG B 323 13.24 -26.27 4.38
CA ARG B 323 14.26 -27.29 4.47
C ARG B 323 15.20 -27.11 5.66
N ASP B 324 15.35 -25.90 6.19
CA ASP B 324 16.23 -25.69 7.32
C ASP B 324 15.63 -26.28 8.58
N SER B 325 16.51 -26.67 9.50
CA SER B 325 16.08 -27.23 10.78
C SER B 325 16.73 -26.45 11.92
N TRP B 326 16.58 -26.94 13.15
CA TRP B 326 17.26 -26.38 14.30
C TRP B 326 18.44 -27.23 14.75
N VAL B 327 18.23 -28.53 14.95
CA VAL B 327 19.36 -29.45 15.09
C VAL B 327 19.26 -30.55 14.04
N PHE B 328 18.23 -31.38 14.12
CA PHE B 328 18.05 -32.46 13.16
C PHE B 328 16.71 -32.42 12.44
N GLY B 329 15.67 -31.86 13.04
CA GLY B 329 14.39 -31.71 12.39
C GLY B 329 13.71 -33.01 12.04
N GLY B 330 13.68 -33.96 12.98
CA GLY B 330 13.07 -35.24 12.70
C GLY B 330 11.62 -35.12 12.24
N ILE B 331 10.86 -34.27 12.92
CA ILE B 331 9.51 -33.95 12.50
C ILE B 331 9.44 -32.57 11.84
N ASP B 332 10.07 -31.57 12.43
CA ASP B 332 10.01 -30.19 11.93
C ASP B 332 11.37 -29.79 11.36
N PRO B 333 11.52 -29.75 10.03
CA PRO B 333 10.51 -29.99 9.00
C PRO B 333 10.70 -31.29 8.20
N GLN B 334 11.76 -32.06 8.43
CA GLN B 334 12.08 -33.13 7.49
C GLN B 334 11.03 -34.23 7.43
N SER B 335 10.11 -34.31 8.39
CA SER B 335 8.94 -35.16 8.20
C SER B 335 8.10 -34.67 7.03
N GLY B 336 8.05 -33.37 6.81
CA GLY B 336 7.38 -32.82 5.65
C GLY B 336 8.28 -32.76 4.43
N ALA B 337 9.58 -32.52 4.65
CA ALA B 337 10.52 -32.48 3.54
C ALA B 337 10.66 -33.82 2.86
N ALA B 338 10.69 -34.92 3.63
CA ALA B 338 10.71 -36.25 3.05
C ALA B 338 9.44 -36.59 2.31
N VAL B 339 8.30 -36.06 2.75
CA VAL B 339 7.06 -36.25 2.02
C VAL B 339 7.08 -35.45 0.72
N VAL B 340 7.62 -34.23 0.75
CA VAL B 340 7.77 -33.43 -0.46
C VAL B 340 8.64 -34.15 -1.47
N HIS B 341 9.77 -34.71 -1.00
CA HIS B 341 10.67 -35.43 -1.89
C HIS B 341 9.95 -36.57 -2.59
N GLU B 342 9.11 -37.31 -1.85
CA GLU B 342 8.37 -38.41 -2.47
C GLU B 342 7.29 -37.92 -3.41
N ILE B 343 6.63 -36.80 -3.10
CA ILE B 343 5.64 -36.25 -4.03
C ILE B 343 6.31 -35.85 -5.33
N VAL B 344 7.47 -35.19 -5.25
CA VAL B 344 8.22 -34.85 -6.46
C VAL B 344 8.69 -36.09 -7.22
N ARG B 345 9.17 -37.12 -6.52
CA ARG B 345 9.56 -38.35 -7.19
C ARG B 345 8.40 -39.06 -7.88
N SER B 346 7.22 -39.09 -7.25
CA SER B 346 6.04 -39.69 -7.86
C SER B 346 5.53 -38.87 -9.03
N PHE B 347 5.61 -37.53 -8.96
CA PHE B 347 5.28 -36.71 -10.12
C PHE B 347 6.27 -36.97 -11.26
N GLY B 348 7.55 -37.07 -10.94
CA GLY B 348 8.55 -37.31 -11.97
C GLY B 348 8.43 -38.69 -12.59
N THR B 349 7.93 -39.67 -11.83
CA THR B 349 7.74 -41.00 -12.41
C THR B 349 6.68 -40.99 -13.51
N LEU B 350 5.60 -40.21 -13.31
CA LEU B 350 4.63 -40.03 -14.37
C LEU B 350 5.15 -39.12 -15.47
N LYS B 351 6.01 -38.16 -15.11
CA LYS B 351 6.63 -37.28 -16.10
C LYS B 351 7.49 -38.07 -17.08
N LYS B 352 8.23 -39.07 -16.58
CA LYS B 352 9.08 -39.86 -17.45
C LYS B 352 8.28 -40.60 -18.50
N GLU B 353 7.11 -41.13 -18.12
CA GLU B 353 6.26 -41.86 -19.05
C GLU B 353 5.45 -40.95 -19.96
N GLY B 354 5.61 -39.64 -19.85
CA GLY B 354 4.98 -38.70 -20.74
C GLY B 354 3.74 -38.01 -20.22
N TRP B 355 3.59 -37.86 -18.92
CA TRP B 355 2.46 -37.14 -18.35
C TRP B 355 2.88 -35.72 -18.01
N ARG B 356 2.02 -34.75 -18.37
CA ARG B 356 2.27 -33.35 -18.09
C ARG B 356 1.03 -32.78 -17.40
N PRO B 357 1.21 -32.03 -16.32
CA PRO B 357 0.03 -31.41 -15.68
C PRO B 357 -0.60 -30.39 -16.60
N ARG B 358 -1.91 -30.20 -16.44
CA ARG B 358 -2.60 -29.19 -17.23
C ARG B 358 -2.17 -27.78 -16.84
N ARG B 359 -1.86 -27.56 -15.56
CA ARG B 359 -1.34 -26.30 -15.08
C ARG B 359 0.04 -26.50 -14.47
N THR B 360 0.89 -25.48 -14.59
CA THR B 360 2.26 -25.59 -14.13
C THR B 360 2.32 -25.79 -12.62
N ILE B 361 3.19 -26.70 -12.18
CA ILE B 361 3.40 -26.97 -10.77
C ILE B 361 4.78 -26.45 -10.37
N LEU B 362 4.82 -25.69 -9.28
CA LEU B 362 6.06 -25.20 -8.71
C LEU B 362 6.29 -25.91 -7.38
N PHE B 363 7.40 -26.63 -7.29
CA PHE B 363 7.82 -27.27 -6.04
C PHE B 363 8.89 -26.40 -5.40
N ALA B 364 8.81 -26.22 -4.09
CA ALA B 364 9.70 -25.30 -3.40
C ALA B 364 10.23 -25.91 -2.12
N SER B 365 11.55 -25.97 -2.01
CA SER B 365 12.24 -26.28 -0.76
C SER B 365 12.77 -24.95 -0.24
N TRP B 366 12.01 -24.33 0.66
CA TRP B 366 12.34 -23.00 1.15
C TRP B 366 13.53 -23.08 2.12
N ASP B 367 13.91 -21.91 2.63
CA ASP B 367 15.04 -21.79 3.54
C ASP B 367 14.76 -20.67 4.54
N ALA B 368 15.48 -20.71 5.66
CA ALA B 368 15.43 -19.68 6.70
C ALA B 368 14.01 -19.47 7.23
N GLU B 369 13.25 -20.57 7.34
CA GLU B 369 11.91 -20.48 7.89
C GLU B 369 11.91 -20.33 9.41
N GLU B 370 12.87 -20.97 10.09
CA GLU B 370 13.01 -20.84 11.54
C GLU B 370 13.52 -19.49 11.94
N PHE B 371 13.75 -18.61 10.97
CA PHE B 371 14.26 -17.26 11.21
C PHE B 371 13.24 -16.19 10.84
N GLY B 372 12.02 -16.57 10.49
CA GLY B 372 11.01 -15.57 10.15
C GLY B 372 10.40 -15.74 8.78
N LEU B 373 10.38 -16.96 8.27
CA LEU B 373 9.80 -17.28 6.95
C LEU B 373 10.52 -16.51 5.86
N LEU B 374 11.84 -16.38 5.98
CA LEU B 374 12.58 -15.44 5.15
C LEU B 374 12.67 -15.90 3.69
N GLY B 375 12.97 -17.18 3.46
CA GLY B 375 13.20 -17.63 2.10
C GLY B 375 11.97 -17.51 1.22
N SER B 376 10.85 -18.04 1.69
CA SER B 376 9.61 -17.96 0.92
C SER B 376 9.15 -16.53 0.74
N THR B 377 9.29 -15.71 1.78
CA THR B 377 8.84 -14.32 1.69
C THR B 377 9.69 -13.54 0.69
N GLU B 378 11.01 -13.74 0.70
CA GLU B 378 11.86 -13.06 -0.28
C GLU B 378 11.57 -13.55 -1.69
N TRP B 379 11.37 -14.86 -1.87
CA TRP B 379 11.06 -15.36 -3.20
C TRP B 379 9.75 -14.79 -3.72
N ALA B 380 8.72 -14.72 -2.87
CA ALA B 380 7.44 -14.16 -3.29
C ALA B 380 7.49 -12.65 -3.47
N GLU B 381 8.36 -11.95 -2.74
CA GLU B 381 8.58 -10.53 -2.99
C GLU B 381 9.25 -10.30 -4.33
N GLU B 382 10.18 -11.18 -4.72
CA GLU B 382 10.83 -11.09 -6.02
C GLU B 382 9.89 -11.48 -7.16
N ASN B 383 8.91 -12.33 -6.90
CA ASN B 383 8.05 -12.89 -7.93
C ASN B 383 6.59 -12.48 -7.76
N SER B 384 6.30 -11.41 -7.02
CA SER B 384 4.92 -11.04 -6.74
C SER B 384 4.16 -10.69 -8.02
N ARG B 385 4.82 -10.02 -8.96
CA ARG B 385 4.14 -9.61 -10.18
C ARG B 385 3.73 -10.80 -11.05
N LEU B 386 4.37 -11.94 -10.89
CA LEU B 386 3.92 -13.16 -11.56
C LEU B 386 2.93 -13.95 -10.73
N LEU B 387 3.10 -13.95 -9.40
CA LEU B 387 2.22 -14.71 -8.53
C LEU B 387 0.82 -14.12 -8.50
N GLN B 388 0.71 -12.79 -8.55
CA GLN B 388 -0.59 -12.14 -8.44
C GLN B 388 -1.48 -12.44 -9.63
N GLU B 389 -0.90 -12.74 -10.79
CA GLU B 389 -1.67 -13.01 -11.99
C GLU B 389 -1.61 -14.45 -12.45
N ARG B 390 -0.74 -15.27 -11.85
CA ARG B 390 -0.56 -16.65 -12.27
C ARG B 390 -0.66 -17.66 -11.13
N GLY B 391 -0.82 -17.21 -9.90
CA GLY B 391 -0.87 -18.14 -8.77
C GLY B 391 -2.26 -18.66 -8.51
N VAL B 392 -2.55 -19.87 -9.00
CA VAL B 392 -3.87 -20.47 -8.80
C VAL B 392 -4.09 -20.77 -7.33
N ALA B 393 -3.26 -21.64 -6.76
CA ALA B 393 -3.35 -21.98 -5.35
C ALA B 393 -2.01 -22.48 -4.85
N TYR B 394 -1.86 -22.52 -3.53
CA TYR B 394 -0.63 -22.90 -2.86
C TYR B 394 -0.92 -24.04 -1.88
N ILE B 395 0.05 -24.94 -1.71
CA ILE B 395 -0.06 -26.03 -0.74
C ILE B 395 1.18 -26.04 0.13
N ASN B 396 1.00 -25.78 1.42
CA ASN B 396 2.10 -25.80 2.38
C ASN B 396 2.37 -27.24 2.83
N ALA B 397 3.65 -27.59 2.91
CA ALA B 397 4.08 -28.92 3.36
C ALA B 397 5.17 -28.76 4.42
N ASP B 398 4.74 -28.54 5.66
CA ASP B 398 5.58 -28.55 6.84
C ASP B 398 5.48 -29.93 7.51
N SER B 399 5.93 -30.04 8.75
CA SER B 399 5.94 -31.28 9.52
C SER B 399 4.68 -32.10 9.27
N SER B 400 4.88 -33.39 9.00
CA SER B 400 3.80 -34.27 8.57
C SER B 400 2.96 -34.79 9.75
N ILE B 401 3.61 -35.22 10.81
CA ILE B 401 2.92 -35.82 11.96
C ILE B 401 3.23 -35.01 13.21
N GLU B 402 2.29 -34.15 13.61
CA GLU B 402 2.28 -33.57 14.94
C GLU B 402 1.65 -34.51 15.95
N GLY B 403 1.24 -35.67 15.50
CA GLY B 403 0.54 -36.62 16.34
C GLY B 403 0.14 -37.83 15.53
N ASN B 404 -0.66 -38.68 16.18
CA ASN B 404 -0.98 -40.00 15.63
C ASN B 404 -2.43 -40.41 15.84
N TYR B 405 -3.33 -39.44 16.05
CA TYR B 405 -4.74 -39.75 16.29
C TYR B 405 -5.61 -39.51 15.05
N THR B 406 -5.61 -38.29 14.51
CA THR B 406 -6.52 -37.97 13.42
C THR B 406 -5.93 -36.87 12.55
N LEU B 407 -6.53 -36.73 11.36
CA LEU B 407 -6.13 -35.73 10.39
C LEU B 407 -6.48 -34.33 10.86
N ARG B 408 -5.84 -33.34 10.24
CA ARG B 408 -6.10 -31.93 10.52
C ARG B 408 -5.83 -31.16 9.24
N VAL B 409 -6.83 -30.41 8.77
CA VAL B 409 -6.74 -29.64 7.54
C VAL B 409 -7.10 -28.20 7.84
N ASP B 410 -6.25 -27.27 7.39
CA ASP B 410 -6.48 -25.83 7.50
C ASP B 410 -6.39 -25.25 6.09
N CYS B 411 -7.52 -24.86 5.51
CA CYS B 411 -7.53 -24.32 4.16
C CYS B 411 -8.52 -23.18 4.06
N THR B 412 -8.44 -22.46 2.95
CA THR B 412 -9.42 -21.45 2.60
C THR B 412 -10.75 -22.11 2.29
N PRO B 413 -11.87 -21.42 2.49
CA PRO B 413 -13.18 -22.02 2.23
C PRO B 413 -13.37 -22.47 0.79
N LEU B 414 -12.61 -21.92 -0.16
CA LEU B 414 -12.73 -22.35 -1.54
C LEU B 414 -12.29 -23.79 -1.76
N MET B 415 -11.43 -24.32 -0.89
CA MET B 415 -10.90 -25.67 -1.04
C MET B 415 -11.49 -26.64 -0.01
N TYR B 416 -12.56 -26.25 0.67
CA TYR B 416 -13.21 -27.18 1.60
C TYR B 416 -13.74 -28.40 0.86
N SER B 417 -14.67 -28.19 -0.07
CA SER B 417 -15.32 -29.30 -0.75
C SER B 417 -14.31 -30.25 -1.38
N LEU B 418 -13.35 -29.71 -2.16
CA LEU B 418 -12.33 -30.56 -2.76
C LEU B 418 -11.67 -31.43 -1.72
N VAL B 419 -11.27 -30.85 -0.59
CA VAL B 419 -10.61 -31.62 0.47
C VAL B 419 -11.49 -32.79 0.86
N HIS B 420 -12.77 -32.51 1.14
CA HIS B 420 -13.69 -33.57 1.52
C HIS B 420 -13.68 -34.68 0.48
N ASN B 421 -13.80 -34.33 -0.80
CA ASN B 421 -13.81 -35.35 -1.83
C ASN B 421 -12.51 -36.14 -1.84
N LEU B 422 -11.38 -35.44 -1.75
CA LEU B 422 -10.10 -36.13 -1.73
C LEU B 422 -10.00 -37.02 -0.50
N THR B 423 -10.62 -36.59 0.61
CA THR B 423 -10.56 -37.39 1.81
C THR B 423 -11.50 -38.59 1.72
N LYS B 424 -12.52 -38.52 0.85
CA LYS B 424 -13.46 -39.63 0.73
C LYS B 424 -12.87 -40.79 -0.05
N GLU B 425 -12.04 -40.51 -1.05
CA GLU B 425 -11.52 -41.55 -1.93
C GLU B 425 -10.25 -42.19 -1.41
N LEU B 426 -9.71 -41.74 -0.28
CA LEU B 426 -8.50 -42.31 0.30
C LEU B 426 -8.87 -43.31 1.39
N LYS B 427 -7.84 -43.87 2.02
CA LYS B 427 -8.00 -44.88 3.06
C LYS B 427 -7.65 -44.31 4.42
N SER B 428 -8.06 -45.03 5.46
CA SER B 428 -7.80 -44.65 6.83
C SER B 428 -6.78 -45.58 7.46
N PRO B 429 -5.64 -45.07 7.93
CA PRO B 429 -4.63 -45.93 8.55
C PRO B 429 -4.86 -46.25 10.02
N ASP B 430 -5.82 -45.61 10.67
CA ASP B 430 -6.02 -45.79 12.11
C ASP B 430 -6.57 -47.17 12.42
N GLU B 431 -6.20 -47.67 13.60
CA GLU B 431 -6.69 -48.97 14.04
C GLU B 431 -8.19 -48.90 14.32
N GLY B 432 -8.89 -49.99 14.02
CA GLY B 432 -10.34 -50.00 14.10
C GLY B 432 -11.02 -49.33 12.93
N PHE B 433 -10.26 -48.86 11.94
CA PHE B 433 -10.81 -48.20 10.76
C PHE B 433 -10.32 -48.85 9.47
N GLU B 434 -9.90 -50.11 9.54
CA GLU B 434 -9.42 -50.80 8.35
C GLU B 434 -10.56 -51.04 7.38
N GLY B 435 -10.29 -50.83 6.08
CA GLY B 435 -11.31 -50.93 5.07
C GLY B 435 -12.20 -49.72 4.95
N LYS B 436 -11.98 -48.69 5.77
CA LYS B 436 -12.77 -47.48 5.73
C LYS B 436 -12.04 -46.41 4.90
N SER B 437 -12.64 -45.23 4.83
CA SER B 437 -12.03 -44.08 4.19
C SER B 437 -11.55 -43.09 5.25
N LEU B 438 -10.61 -42.25 4.85
CA LEU B 438 -10.14 -41.19 5.75
C LEU B 438 -11.26 -40.25 6.14
N TYR B 439 -12.31 -40.16 5.34
CA TYR B 439 -13.46 -39.33 5.68
C TYR B 439 -14.12 -39.80 6.97
N GLU B 440 -14.36 -41.10 7.09
CA GLU B 440 -15.04 -41.64 8.27
C GLU B 440 -14.23 -41.38 9.53
N SER B 441 -12.94 -41.71 9.51
CA SER B 441 -12.11 -41.52 10.69
C SER B 441 -11.96 -40.05 11.03
N TRP B 442 -11.73 -39.20 10.03
CA TRP B 442 -11.57 -37.77 10.28
C TRP B 442 -12.84 -37.17 10.86
N THR B 443 -14.00 -37.57 10.35
CA THR B 443 -15.27 -37.05 10.86
C THR B 443 -15.54 -37.54 12.28
N LYS B 444 -15.40 -38.85 12.50
CA LYS B 444 -15.72 -39.41 13.82
C LYS B 444 -14.78 -38.86 14.88
N LYS B 445 -13.49 -38.80 14.58
CA LYS B 445 -12.52 -38.31 15.57
C LYS B 445 -12.56 -36.79 15.67
N SER B 446 -12.81 -36.10 14.57
CA SER B 446 -12.84 -34.63 14.54
C SER B 446 -14.11 -34.17 13.85
N PRO B 447 -15.25 -34.23 14.54
CA PRO B 447 -16.50 -33.74 13.94
C PRO B 447 -16.57 -32.23 13.94
N SER B 448 -17.34 -31.70 12.98
CA SER B 448 -17.51 -30.27 12.88
C SER B 448 -18.26 -29.74 14.10
N PRO B 449 -17.87 -28.58 14.64
CA PRO B 449 -18.61 -28.01 15.78
C PRO B 449 -19.93 -27.37 15.40
N GLU B 450 -20.23 -27.26 14.11
CA GLU B 450 -21.49 -26.68 13.64
C GLU B 450 -22.36 -27.68 12.92
N PHE B 451 -21.83 -28.36 11.91
CA PHE B 451 -22.59 -29.33 11.15
C PHE B 451 -22.50 -30.71 11.77
N SER B 452 -23.21 -31.67 11.20
CA SER B 452 -23.19 -33.06 11.64
C SER B 452 -22.81 -33.95 10.47
N GLY B 453 -21.86 -34.85 10.70
CA GLY B 453 -21.34 -35.67 9.64
C GLY B 453 -20.27 -35.03 8.79
N MET B 454 -19.84 -33.82 9.13
CA MET B 454 -18.80 -33.11 8.39
C MET B 454 -17.54 -33.02 9.23
N PRO B 455 -16.38 -33.27 8.65
CA PRO B 455 -15.13 -33.11 9.41
C PRO B 455 -14.83 -31.63 9.68
N ARG B 456 -14.07 -31.38 10.74
CA ARG B 456 -13.74 -30.02 11.13
C ARG B 456 -12.51 -29.52 10.37
N ILE B 457 -12.64 -28.37 9.73
CA ILE B 457 -11.54 -27.70 9.05
C ILE B 457 -11.32 -26.36 9.74
N SER B 458 -10.10 -26.14 10.21
CA SER B 458 -9.79 -24.94 10.97
C SER B 458 -9.44 -23.80 10.01
N LYS B 459 -9.04 -22.66 10.56
CA LYS B 459 -8.73 -21.48 9.77
C LYS B 459 -7.26 -21.47 9.38
N LEU B 460 -6.97 -20.80 8.27
CA LEU B 460 -5.59 -20.57 7.83
C LEU B 460 -5.05 -19.34 8.56
N GLY B 461 -4.08 -19.55 9.45
CA GLY B 461 -3.55 -18.46 10.24
C GLY B 461 -2.27 -17.88 9.68
N SER B 462 -1.16 -18.15 10.35
CA SER B 462 0.14 -17.63 9.95
C SER B 462 1.23 -18.42 10.66
N GLY B 463 2.47 -18.10 10.33
CA GLY B 463 3.62 -18.73 10.95
C GLY B 463 4.30 -19.81 10.15
N ASN B 464 3.89 -20.05 8.92
CA ASN B 464 4.55 -21.01 8.04
C ASN B 464 4.69 -20.39 6.65
N ASP B 465 5.19 -21.17 5.70
CA ASP B 465 5.50 -20.62 4.39
C ASP B 465 4.25 -20.55 3.53
N PHE B 466 3.17 -20.02 4.09
CA PHE B 466 1.97 -19.68 3.34
C PHE B 466 1.48 -18.29 3.69
N GLU B 467 2.07 -17.65 4.71
CA GLU B 467 1.62 -16.34 5.15
C GLU B 467 1.78 -15.30 4.05
N VAL B 468 2.91 -15.32 3.34
CA VAL B 468 3.11 -14.36 2.27
C VAL B 468 2.17 -14.64 1.10
N PHE B 469 1.91 -15.93 0.82
CA PHE B 469 1.07 -16.29 -0.32
C PHE B 469 -0.40 -15.98 -0.06
N PHE B 470 -0.84 -16.13 1.19
CA PHE B 470 -2.26 -16.00 1.53
C PHE B 470 -2.61 -14.63 2.08
N GLN B 471 -1.90 -14.17 3.11
CA GLN B 471 -2.28 -12.96 3.83
C GLN B 471 -1.78 -11.67 3.17
N ARG B 472 -0.91 -11.76 2.17
CA ARG B 472 -0.49 -10.58 1.43
C ARG B 472 -0.85 -10.64 -0.04
N LEU B 473 -0.57 -11.75 -0.71
CA LEU B 473 -0.82 -11.85 -2.14
C LEU B 473 -2.26 -12.23 -2.45
N GLY B 474 -2.86 -13.12 -1.67
CA GLY B 474 -4.23 -13.52 -1.90
C GLY B 474 -4.35 -14.75 -2.77
N ILE B 475 -3.56 -15.78 -2.46
CA ILE B 475 -3.58 -17.06 -3.17
C ILE B 475 -4.20 -18.10 -2.26
N ALA B 476 -5.15 -18.87 -2.78
CA ALA B 476 -5.77 -19.93 -2.00
C ALA B 476 -4.72 -20.94 -1.55
N SER B 477 -4.74 -21.27 -0.26
CA SER B 477 -3.72 -22.13 0.33
C SER B 477 -4.39 -23.28 1.08
N GLY B 478 -3.57 -24.23 1.50
CA GLY B 478 -4.08 -25.40 2.20
C GLY B 478 -2.99 -26.12 2.96
N ARG B 479 -3.38 -26.72 4.09
CA ARG B 479 -2.50 -27.51 4.92
C ARG B 479 -3.24 -28.78 5.33
N ALA B 480 -2.52 -29.90 5.34
CA ALA B 480 -3.09 -31.16 5.80
C ALA B 480 -1.99 -31.95 6.48
N ARG B 481 -2.30 -32.51 7.65
CA ARG B 481 -1.32 -33.26 8.42
C ARG B 481 -2.06 -34.17 9.40
N TYR B 482 -1.30 -34.85 10.25
CA TYR B 482 -1.85 -35.68 11.31
C TYR B 482 -1.44 -35.11 12.67
N THR B 483 -2.41 -35.00 13.57
CA THR B 483 -2.16 -34.35 14.85
C THR B 483 -2.57 -35.24 16.01
N LYS B 484 -2.52 -34.70 17.23
CA LYS B 484 -2.83 -35.44 18.43
C LYS B 484 -4.34 -35.51 18.64
N ASN B 485 -4.75 -36.14 19.74
CA ASN B 485 -6.15 -36.12 20.13
C ASN B 485 -6.50 -34.76 20.71
N TRP B 486 -7.59 -34.17 20.21
CA TRP B 486 -7.93 -32.79 20.55
C TRP B 486 -8.34 -32.62 22.01
N GLU B 487 -8.72 -33.70 22.69
CA GLU B 487 -9.29 -33.54 24.04
C GLU B 487 -8.56 -34.38 25.09
N THR B 488 -8.13 -35.59 24.73
CA THR B 488 -7.51 -36.46 25.73
C THR B 488 -6.09 -36.03 26.07
N ASN B 489 -5.31 -35.61 25.07
CA ASN B 489 -3.94 -35.19 25.34
C ASN B 489 -3.88 -33.76 25.84
N LYS B 490 -4.32 -32.81 25.01
CA LYS B 490 -4.48 -31.41 25.40
C LYS B 490 -3.17 -30.82 25.94
N PHE B 491 -2.16 -30.76 25.07
CA PHE B 491 -0.93 -30.05 25.39
C PHE B 491 -0.38 -29.44 24.11
N SER B 492 0.49 -28.44 24.28
CA SER B 492 0.95 -27.64 23.17
C SER B 492 1.95 -28.41 22.31
N GLY B 493 1.69 -28.45 21.01
CA GLY B 493 2.61 -29.09 20.07
C GLY B 493 2.90 -30.52 20.44
N TYR B 494 4.18 -30.87 20.43
CA TYR B 494 4.65 -32.15 20.95
C TYR B 494 5.80 -31.87 21.89
N PRO B 495 6.06 -32.77 22.86
CA PRO B 495 7.10 -32.48 23.85
C PRO B 495 8.47 -32.20 23.27
N LEU B 496 8.85 -32.85 22.16
CA LEU B 496 10.16 -32.68 21.56
C LEU B 496 10.15 -31.71 20.39
N TYR B 497 9.34 -30.66 20.47
CA TYR B 497 9.28 -29.65 19.43
C TYR B 497 10.50 -28.74 19.49
N HIS B 498 11.14 -28.52 18.35
CA HIS B 498 12.32 -27.66 18.23
C HIS B 498 13.43 -28.11 19.18
N SER B 499 13.64 -29.41 19.29
CA SER B 499 14.58 -29.97 20.24
C SER B 499 15.68 -30.74 19.51
N VAL B 500 16.77 -31.01 20.24
CA VAL B 500 17.83 -31.89 19.74
C VAL B 500 17.39 -33.34 19.73
N TYR B 501 16.35 -33.68 20.47
CA TYR B 501 15.83 -35.04 20.54
C TYR B 501 14.81 -35.33 19.45
N GLU B 502 14.54 -34.35 18.59
CA GLU B 502 13.63 -34.53 17.45
C GLU B 502 14.43 -35.16 16.31
N THR B 503 14.73 -36.44 16.48
CA THR B 503 15.59 -37.19 15.58
C THR B 503 14.78 -38.21 14.78
N TYR B 504 15.50 -38.99 13.98
CA TYR B 504 14.85 -40.02 13.17
C TYR B 504 14.32 -41.16 14.02
N GLU B 505 15.07 -41.56 15.05
CA GLU B 505 14.64 -42.68 15.89
C GLU B 505 13.35 -42.37 16.63
N LEU B 506 13.14 -41.10 17.00
CA LEU B 506 11.88 -40.72 17.64
C LEU B 506 10.69 -41.07 16.75
N VAL B 507 10.73 -40.62 15.50
CA VAL B 507 9.65 -40.91 14.55
C VAL B 507 9.56 -42.41 14.30
N GLU B 508 10.71 -43.08 14.14
CA GLU B 508 10.69 -44.46 13.71
C GLU B 508 10.19 -45.41 14.80
N LYS B 509 10.41 -45.06 16.07
CA LYS B 509 10.08 -45.97 17.16
C LYS B 509 8.93 -45.51 18.04
N PHE B 510 8.49 -44.26 17.94
CA PHE B 510 7.43 -43.77 18.82
C PHE B 510 6.30 -43.06 18.11
N TYR B 511 6.51 -42.48 16.93
CA TYR B 511 5.50 -41.68 16.26
C TYR B 511 4.90 -42.35 15.03
N ASP B 512 5.73 -42.98 14.18
CA ASP B 512 5.27 -43.57 12.93
C ASP B 512 6.15 -44.75 12.58
N PRO B 513 6.00 -45.86 13.30
CA PRO B 513 6.89 -47.02 13.05
C PRO B 513 6.81 -47.57 11.65
N MET B 514 5.62 -47.60 11.05
CA MET B 514 5.43 -48.14 9.71
C MET B 514 5.29 -47.05 8.65
N PHE B 515 5.41 -45.79 9.04
CA PHE B 515 5.28 -44.66 8.12
C PHE B 515 3.98 -44.72 7.33
N LYS B 516 2.89 -45.06 8.02
CA LYS B 516 1.56 -45.02 7.44
C LYS B 516 0.89 -43.66 7.63
N TYR B 517 1.08 -43.05 8.81
CA TYR B 517 0.57 -41.71 9.02
C TYR B 517 1.38 -40.65 8.28
N HIS B 518 2.59 -40.98 7.85
CA HIS B 518 3.30 -40.17 6.86
C HIS B 518 2.74 -40.37 5.47
N LEU B 519 2.43 -41.62 5.12
CA LEU B 519 1.90 -41.92 3.79
C LEU B 519 0.55 -41.25 3.56
N THR B 520 -0.31 -41.24 4.59
CA THR B 520 -1.61 -40.61 4.43
C THR B 520 -1.48 -39.10 4.22
N VAL B 521 -0.58 -38.45 4.96
CA VAL B 521 -0.36 -37.02 4.78
C VAL B 521 0.25 -36.73 3.41
N ALA B 522 1.19 -37.58 2.97
CA ALA B 522 1.73 -37.44 1.62
C ALA B 522 0.64 -37.56 0.58
N GLN B 523 -0.26 -38.53 0.75
CA GLN B 523 -1.34 -38.72 -0.21
C GLN B 523 -2.28 -37.53 -0.22
N VAL B 524 -2.64 -36.99 0.94
CA VAL B 524 -3.60 -35.89 0.95
C VAL B 524 -2.97 -34.63 0.34
N ARG B 525 -1.71 -34.33 0.66
CA ARG B 525 -1.08 -33.17 0.03
C ARG B 525 -0.88 -33.38 -1.47
N GLY B 526 -0.47 -34.58 -1.89
CA GLY B 526 -0.23 -34.84 -3.30
C GLY B 526 -1.51 -34.78 -4.12
N GLY B 527 -2.58 -35.38 -3.62
CA GLY B 527 -3.86 -35.30 -4.30
C GLY B 527 -4.52 -33.93 -4.17
N MET B 528 -4.16 -33.17 -3.14
CA MET B 528 -4.55 -31.77 -3.08
C MET B 528 -3.95 -31.00 -4.24
N VAL B 529 -2.65 -31.22 -4.49
CA VAL B 529 -1.98 -30.57 -5.62
C VAL B 529 -2.50 -31.11 -6.94
N PHE B 530 -2.77 -32.41 -7.02
CA PHE B 530 -3.16 -33.03 -8.29
C PHE B 530 -4.46 -32.45 -8.81
N GLU B 531 -5.56 -32.57 -8.07
CA GLU B 531 -6.82 -31.96 -8.52
C GLU B 531 -6.81 -30.52 -8.07
N LEU B 532 -5.72 -29.81 -8.38
CA LEU B 532 -5.63 -28.37 -8.20
C LEU B 532 -4.91 -27.76 -9.38
N ALA B 533 -4.29 -28.63 -10.17
CA ALA B 533 -3.54 -28.25 -11.35
C ALA B 533 -3.90 -29.11 -12.55
N ASN B 534 -4.85 -30.04 -12.41
CA ASN B 534 -5.26 -30.92 -13.50
C ASN B 534 -6.75 -30.88 -13.80
N SER B 535 -7.61 -30.46 -12.88
CA SER B 535 -9.04 -30.37 -13.16
C SER B 535 -9.31 -29.28 -14.19
N ILE B 536 -10.24 -29.58 -15.11
CA ILE B 536 -10.62 -28.61 -16.14
C ILE B 536 -11.07 -27.31 -15.50
N VAL B 537 -12.14 -27.37 -14.71
CA VAL B 537 -12.59 -26.21 -13.93
C VAL B 537 -11.93 -26.25 -12.57
N LEU B 538 -11.45 -25.10 -12.11
CA LEU B 538 -10.76 -25.04 -10.83
C LEU B 538 -11.67 -25.57 -9.73
N PRO B 539 -11.19 -26.49 -8.89
CA PRO B 539 -12.05 -27.07 -7.84
C PRO B 539 -12.26 -26.10 -6.69
N PHE B 540 -12.94 -24.99 -6.95
CA PHE B 540 -13.18 -23.96 -5.97
C PHE B 540 -14.68 -23.74 -5.82
N ASP B 541 -15.12 -23.58 -4.57
CA ASP B 541 -16.53 -23.37 -4.27
C ASP B 541 -16.67 -22.08 -3.48
N CYS B 542 -17.48 -21.15 -3.99
CA CYS B 542 -17.67 -19.85 -3.37
C CYS B 542 -18.79 -19.84 -2.33
N ARG B 543 -19.70 -20.81 -2.36
CA ARG B 543 -20.79 -20.82 -1.39
C ARG B 543 -20.31 -21.18 0.01
N ASP B 544 -19.23 -21.99 0.10
CA ASP B 544 -18.60 -22.19 1.41
C ASP B 544 -18.08 -20.87 1.95
N TYR B 545 -17.47 -20.06 1.10
CA TYR B 545 -17.02 -18.73 1.51
C TYR B 545 -18.18 -17.86 1.94
N ALA B 546 -19.31 -17.93 1.22
CA ALA B 546 -20.48 -17.15 1.61
C ALA B 546 -21.01 -17.58 2.97
N VAL B 547 -21.08 -18.89 3.22
CA VAL B 547 -21.59 -19.39 4.49
C VAL B 547 -20.68 -18.96 5.64
N VAL B 548 -19.37 -19.14 5.47
CA VAL B 548 -18.45 -18.74 6.53
C VAL B 548 -18.45 -17.23 6.70
N LEU B 549 -18.69 -16.48 5.62
CA LEU B 549 -18.78 -15.02 5.74
C LEU B 549 -19.98 -14.61 6.56
N ARG B 550 -21.13 -15.26 6.35
CA ARG B 550 -22.30 -15.00 7.17
C ARG B 550 -22.02 -15.35 8.63
N LYS B 551 -21.37 -16.48 8.87
CA LYS B 551 -21.04 -16.87 10.25
C LYS B 551 -20.10 -15.88 10.91
N TYR B 552 -19.06 -15.43 10.19
CA TYR B 552 -18.12 -14.46 10.75
C TYR B 552 -18.78 -13.12 11.00
N ALA B 553 -19.67 -12.69 10.10
CA ALA B 553 -20.40 -11.45 10.33
C ALA B 553 -21.28 -11.56 11.56
N ASP B 554 -21.96 -12.69 11.74
CA ASP B 554 -22.76 -12.90 12.94
C ASP B 554 -21.90 -12.85 14.19
N LYS B 555 -20.73 -13.49 14.16
CA LYS B 555 -19.85 -13.49 15.32
C LYS B 555 -19.34 -12.09 15.65
N ILE B 556 -18.93 -11.33 14.64
CA ILE B 556 -18.45 -9.98 14.88
C ILE B 556 -19.57 -9.09 15.39
N TYR B 557 -20.79 -9.30 14.88
CA TYR B 557 -21.94 -8.52 15.35
C TYR B 557 -22.27 -8.86 16.79
N SER B 558 -22.18 -10.14 17.16
CA SER B 558 -22.44 -10.53 18.55
C SER B 558 -21.36 -9.99 19.49
N ILE B 559 -20.11 -9.96 19.03
CA ILE B 559 -19.05 -9.34 19.83
C ILE B 559 -19.31 -7.85 20.01
N SER B 560 -19.73 -7.17 18.95
CA SER B 560 -20.00 -5.74 19.03
C SER B 560 -21.18 -5.46 19.95
N MET B 561 -22.23 -6.28 19.89
CA MET B 561 -23.43 -6.06 20.69
C MET B 561 -23.21 -6.29 22.17
N LYS B 562 -21.99 -6.62 22.61
CA LYS B 562 -21.68 -6.60 24.03
C LYS B 562 -21.67 -5.18 24.58
N HIS B 563 -21.72 -4.16 23.72
CA HIS B 563 -21.82 -2.76 24.12
C HIS B 563 -22.99 -2.13 23.36
N PRO B 564 -24.23 -2.53 23.68
CA PRO B 564 -25.38 -1.98 22.95
C PRO B 564 -25.57 -0.48 23.15
N GLN B 565 -25.14 0.06 24.29
CA GLN B 565 -25.33 1.48 24.55
C GLN B 565 -24.46 2.34 23.64
N GLU B 566 -23.17 1.98 23.51
CA GLU B 566 -22.28 2.72 22.64
C GLU B 566 -22.62 2.50 21.17
N MET B 567 -23.22 1.37 20.83
CA MET B 567 -23.67 1.11 19.47
C MET B 567 -24.85 2.00 19.08
N LYS B 568 -25.49 2.66 20.04
CA LYS B 568 -26.61 3.57 19.77
C LYS B 568 -26.22 5.03 19.86
N THR B 569 -25.28 5.38 20.73
CA THR B 569 -24.84 6.77 20.84
C THR B 569 -24.16 7.23 19.56
N TYR B 570 -23.29 6.39 18.99
CA TYR B 570 -22.51 6.74 17.81
C TYR B 570 -23.08 6.17 16.53
N SER B 571 -24.28 5.59 16.58
CA SER B 571 -24.99 5.09 15.39
C SER B 571 -24.14 4.05 14.64
N VAL B 572 -23.62 3.09 15.39
CA VAL B 572 -22.86 1.99 14.82
C VAL B 572 -23.85 0.98 14.25
N SER B 573 -23.79 0.77 12.93
CA SER B 573 -24.71 -0.12 12.24
C SER B 573 -23.92 -1.14 11.45
N PHE B 574 -24.31 -2.41 11.56
CA PHE B 574 -23.71 -3.49 10.80
C PHE B 574 -24.54 -3.86 9.58
N ASP B 575 -25.55 -3.04 9.24
CA ASP B 575 -26.43 -3.37 8.12
C ASP B 575 -25.66 -3.44 6.80
N SER B 576 -24.63 -2.62 6.64
CA SER B 576 -23.83 -2.66 5.43
C SER B 576 -23.12 -4.00 5.27
N LEU B 577 -22.51 -4.51 6.34
CA LEU B 577 -21.81 -5.78 6.26
C LEU B 577 -22.77 -6.91 5.96
N PHE B 578 -23.93 -6.91 6.61
CA PHE B 578 -24.90 -7.98 6.38
C PHE B 578 -25.47 -7.93 4.97
N SER B 579 -25.74 -6.72 4.46
CA SER B 579 -26.20 -6.59 3.09
C SER B 579 -25.14 -7.04 2.09
N ALA B 580 -23.87 -6.73 2.37
CA ALA B 580 -22.79 -7.21 1.51
C ALA B 580 -22.69 -8.72 1.52
N VAL B 581 -22.85 -9.34 2.70
CA VAL B 581 -22.81 -10.79 2.79
C VAL B 581 -23.99 -11.41 2.04
N LYS B 582 -25.17 -10.80 2.15
CA LYS B 582 -26.34 -11.32 1.44
C LYS B 582 -26.17 -11.21 -0.07
N ASN B 583 -25.64 -10.08 -0.54
CA ASN B 583 -25.37 -9.95 -1.97
C ASN B 583 -24.30 -10.93 -2.43
N PHE B 584 -23.28 -11.17 -1.61
CA PHE B 584 -22.28 -12.18 -1.96
C PHE B 584 -22.93 -13.55 -2.07
N THR B 585 -23.84 -13.87 -1.16
CA THR B 585 -24.54 -15.15 -1.21
C THR B 585 -25.33 -15.28 -2.51
N GLU B 586 -26.09 -14.24 -2.87
CA GLU B 586 -26.92 -14.30 -4.07
C GLU B 586 -26.06 -14.39 -5.33
N ILE B 587 -25.02 -13.58 -5.43
CA ILE B 587 -24.16 -13.59 -6.62
C ILE B 587 -23.39 -14.90 -6.71
N ALA B 588 -22.96 -15.45 -5.57
CA ALA B 588 -22.30 -16.74 -5.57
C ALA B 588 -23.23 -17.84 -6.04
N SER B 589 -24.49 -17.80 -5.61
CA SER B 589 -25.47 -18.79 -6.06
C SER B 589 -25.68 -18.70 -7.57
N LYS B 590 -25.81 -17.48 -8.09
CA LYS B 590 -26.01 -17.33 -9.53
C LYS B 590 -24.77 -17.73 -10.32
N PHE B 591 -23.57 -17.40 -9.84
CA PHE B 591 -22.35 -17.80 -10.53
C PHE B 591 -22.19 -19.32 -10.52
N SER B 592 -22.49 -19.96 -9.40
CA SER B 592 -22.49 -21.42 -9.34
C SER B 592 -23.55 -22.02 -10.26
N GLU B 593 -24.67 -21.34 -10.46
CA GLU B 593 -25.64 -21.80 -11.44
C GLU B 593 -25.12 -21.67 -12.87
N ARG B 594 -24.38 -20.61 -13.19
CA ARG B 594 -23.74 -20.54 -14.49
C ARG B 594 -22.63 -21.57 -14.64
N LEU B 595 -22.03 -22.00 -13.53
CA LEU B 595 -20.95 -22.97 -13.58
C LEU B 595 -21.44 -24.36 -13.99
N GLN B 596 -22.75 -24.60 -13.97
CA GLN B 596 -23.31 -25.89 -14.34
C GLN B 596 -24.20 -25.81 -15.58
N ASP B 597 -24.13 -24.69 -16.30
CA ASP B 597 -24.84 -24.52 -17.57
C ASP B 597 -23.90 -23.90 -18.59
N PHE B 598 -22.65 -24.35 -18.60
CA PHE B 598 -21.58 -23.74 -19.37
C PHE B 598 -20.77 -24.85 -20.04
N ASP B 599 -20.59 -24.75 -21.35
CA ASP B 599 -19.88 -25.80 -22.09
C ASP B 599 -18.38 -25.64 -21.90
N LYS B 600 -17.73 -26.72 -21.45
CA LYS B 600 -16.33 -26.66 -21.06
C LYS B 600 -15.39 -26.97 -22.20
N SER B 601 -15.89 -27.16 -23.42
CA SER B 601 -15.04 -27.38 -24.58
C SER B 601 -14.57 -26.07 -25.22
N ASN B 602 -14.97 -24.93 -24.69
CA ASN B 602 -14.52 -23.64 -25.20
C ASN B 602 -13.38 -23.13 -24.33
N PRO B 603 -12.15 -23.08 -24.84
CA PRO B 603 -11.03 -22.66 -23.98
C PRO B 603 -11.16 -21.25 -23.43
N ILE B 604 -11.73 -20.33 -24.21
CA ILE B 604 -11.73 -18.93 -23.77
C ILE B 604 -12.68 -18.72 -22.59
N VAL B 605 -13.89 -19.28 -22.67
N VAL B 605 -13.89 -19.28 -22.67
CA VAL B 605 -14.86 -19.14 -21.59
CA VAL B 605 -14.86 -19.14 -21.59
C VAL B 605 -14.39 -19.91 -20.36
C VAL B 605 -14.39 -19.91 -20.36
N LEU B 606 -13.75 -21.06 -20.56
CA LEU B 606 -13.15 -21.79 -19.46
C LEU B 606 -12.11 -20.94 -18.74
N ARG B 607 -11.27 -20.26 -19.52
CA ARG B 607 -10.30 -19.34 -18.94
C ARG B 607 -11.00 -18.22 -18.17
N MET B 608 -12.09 -17.68 -18.73
CA MET B 608 -12.82 -16.62 -18.05
C MET B 608 -13.29 -17.08 -16.67
N MET B 609 -13.95 -18.24 -16.63
CA MET B 609 -14.51 -18.70 -15.36
C MET B 609 -13.42 -19.10 -14.37
N ASN B 610 -12.35 -19.73 -14.85
CA ASN B 610 -11.26 -20.10 -13.94
C ASN B 610 -10.54 -18.87 -13.42
N ASP B 611 -10.40 -17.82 -14.23
CA ASP B 611 -9.84 -16.57 -13.74
C ASP B 611 -10.75 -15.94 -12.69
N GLN B 612 -12.07 -15.99 -12.91
CA GLN B 612 -12.99 -15.52 -11.89
C GLN B 612 -12.79 -16.27 -10.57
N LEU B 613 -12.71 -17.60 -10.64
CA LEU B 613 -12.50 -18.40 -9.44
C LEU B 613 -11.18 -18.06 -8.76
N MET B 614 -10.11 -17.94 -9.55
CA MET B 614 -8.78 -17.71 -8.99
C MET B 614 -8.67 -16.33 -8.36
N PHE B 615 -9.27 -15.31 -8.97
CA PHE B 615 -9.21 -13.95 -8.44
C PHE B 615 -10.29 -13.68 -7.41
N LEU B 616 -11.20 -14.63 -7.17
CA LEU B 616 -12.09 -14.53 -6.02
C LEU B 616 -11.30 -14.33 -4.73
N GLU B 617 -10.28 -15.16 -4.51
CA GLU B 617 -9.44 -15.02 -3.33
C GLU B 617 -8.68 -13.69 -3.36
N ARG B 618 -8.19 -13.29 -4.53
CA ARG B 618 -7.45 -12.05 -4.66
C ARG B 618 -8.30 -10.82 -4.39
N ALA B 619 -9.62 -10.94 -4.56
CA ALA B 619 -10.52 -9.80 -4.36
C ALA B 619 -10.66 -9.42 -2.89
N PHE B 620 -10.36 -10.32 -1.96
CA PHE B 620 -10.40 -9.99 -0.54
C PHE B 620 -9.14 -9.26 -0.07
N ILE B 621 -8.24 -8.92 -0.98
CA ILE B 621 -6.98 -8.28 -0.63
C ILE B 621 -7.17 -6.77 -0.67
N ASP B 622 -6.95 -6.12 0.47
CA ASP B 622 -6.96 -4.67 0.51
C ASP B 622 -5.60 -4.14 0.06
N PRO B 623 -5.53 -3.29 -0.97
CA PRO B 623 -4.22 -2.78 -1.40
C PRO B 623 -3.49 -2.01 -0.31
N LEU B 624 -4.20 -1.35 0.59
CA LEU B 624 -3.60 -0.60 1.67
C LEU B 624 -3.30 -1.46 2.90
N GLY B 625 -3.79 -2.70 2.94
CA GLY B 625 -3.50 -3.57 4.05
C GLY B 625 -4.30 -3.22 5.30
N LEU B 626 -3.88 -3.84 6.40
CA LEU B 626 -4.49 -3.60 7.70
C LEU B 626 -3.86 -2.41 8.38
N PRO B 627 -4.53 -1.81 9.38
CA PRO B 627 -3.93 -0.69 10.12
C PRO B 627 -2.59 -1.08 10.73
N ASP B 628 -1.56 -0.32 10.37
CA ASP B 628 -0.19 -0.47 10.85
C ASP B 628 0.47 -1.77 10.40
N ARG B 629 -0.18 -2.53 9.52
CA ARG B 629 0.36 -3.79 9.00
C ARG B 629 0.19 -3.79 7.48
N PRO B 630 1.09 -3.11 6.76
CA PRO B 630 0.92 -3.01 5.30
C PRO B 630 1.00 -4.34 4.58
N PHE B 631 1.64 -5.36 5.16
CA PHE B 631 1.83 -6.64 4.48
C PHE B 631 0.81 -7.69 4.92
N TYR B 632 -0.12 -7.34 5.79
CA TYR B 632 -1.28 -8.18 6.10
C TYR B 632 -2.46 -7.56 5.37
N ARG B 633 -2.79 -8.10 4.19
CA ARG B 633 -3.74 -7.47 3.30
C ARG B 633 -5.03 -8.25 3.08
N HIS B 634 -5.13 -9.46 3.62
CA HIS B 634 -6.36 -10.24 3.48
C HIS B 634 -7.42 -9.67 4.44
N VAL B 635 -8.55 -9.22 3.88
CA VAL B 635 -9.55 -8.55 4.69
C VAL B 635 -10.24 -9.52 5.64
N ILE B 636 -10.44 -10.77 5.21
CA ILE B 636 -11.22 -11.71 6.01
C ILE B 636 -10.33 -12.46 7.01
N TYR B 637 -9.19 -12.98 6.56
CA TYR B 637 -8.45 -13.98 7.32
C TYR B 637 -7.07 -13.51 7.77
N ALA B 638 -6.84 -12.20 7.82
CA ALA B 638 -5.53 -11.77 8.28
C ALA B 638 -5.40 -11.95 9.79
N PRO B 639 -4.19 -12.19 10.29
CA PRO B 639 -3.99 -12.29 11.73
C PRO B 639 -4.34 -11.00 12.45
N SER B 640 -4.91 -11.13 13.64
CA SER B 640 -5.25 -9.99 14.47
C SER B 640 -4.04 -9.55 15.28
N SER B 641 -3.88 -8.24 15.44
CA SER B 641 -2.71 -7.72 16.16
C SER B 641 -2.81 -7.97 17.66
N HIS B 642 -4.02 -8.11 18.20
CA HIS B 642 -4.18 -8.22 19.64
C HIS B 642 -4.05 -9.65 20.14
N ASN B 643 -4.44 -10.64 19.33
CA ASN B 643 -4.31 -12.04 19.73
C ASN B 643 -3.31 -12.79 18.87
N LYS B 644 -3.52 -12.85 17.55
CA LYS B 644 -2.61 -13.40 16.55
C LYS B 644 -2.58 -14.93 16.67
N TYR B 645 -3.16 -15.47 17.75
CA TYR B 645 -3.21 -16.91 17.96
C TYR B 645 -4.61 -17.47 17.75
N ALA B 646 -5.59 -16.93 18.49
CA ALA B 646 -6.99 -17.31 18.36
C ALA B 646 -7.79 -16.02 18.24
N GLY B 647 -7.89 -15.50 17.01
CA GLY B 647 -8.63 -14.29 16.75
C GLY B 647 -9.71 -14.53 15.72
N GLU B 648 -10.81 -13.82 15.86
CA GLU B 648 -11.94 -14.00 14.96
C GLU B 648 -11.67 -13.33 13.62
N SER B 649 -12.41 -13.76 12.60
CA SER B 649 -12.27 -13.19 11.27
C SER B 649 -12.72 -11.73 11.27
N PHE B 650 -12.57 -11.09 10.11
CA PHE B 650 -12.64 -9.63 10.00
C PHE B 650 -11.68 -9.04 11.04
N PRO B 651 -10.37 -9.21 10.85
CA PRO B 651 -9.43 -8.72 11.87
C PRO B 651 -9.48 -7.22 12.09
N GLY B 652 -9.84 -6.43 11.07
CA GLY B 652 -9.92 -4.99 11.27
C GLY B 652 -10.97 -4.60 12.29
N ILE B 653 -12.19 -5.11 12.13
CA ILE B 653 -13.25 -4.80 13.07
C ILE B 653 -12.96 -5.41 14.43
N TYR B 654 -12.35 -6.60 14.46
CA TYR B 654 -12.05 -7.23 15.74
C TYR B 654 -11.00 -6.44 16.52
N ASP B 655 -9.96 -5.95 15.84
CA ASP B 655 -8.97 -5.12 16.52
C ASP B 655 -9.55 -3.76 16.90
N ALA B 656 -10.45 -3.21 16.09
CA ALA B 656 -11.11 -1.96 16.47
C ALA B 656 -11.95 -2.15 17.72
N LEU B 657 -12.65 -3.29 17.83
CA LEU B 657 -13.50 -3.56 18.97
C LEU B 657 -12.73 -4.08 20.19
N PHE B 658 -11.49 -4.51 20.01
CA PHE B 658 -10.73 -5.09 21.11
C PHE B 658 -10.35 -4.02 22.12
N ASP B 659 -10.70 -4.27 23.38
CA ASP B 659 -10.43 -3.33 24.48
C ASP B 659 -10.99 -1.95 24.17
N ILE B 660 -12.18 -1.92 23.56
CA ILE B 660 -12.79 -0.64 23.20
C ILE B 660 -13.23 0.11 24.45
N GLU B 661 -13.60 -0.60 25.51
CA GLU B 661 -14.01 0.03 26.76
C GLU B 661 -12.83 0.52 27.60
N SER B 662 -11.62 0.52 27.03
CA SER B 662 -10.43 0.95 27.74
C SER B 662 -9.75 2.15 27.08
N LYS B 663 -10.40 2.77 26.10
CA LYS B 663 -9.83 3.91 25.38
C LYS B 663 -10.44 5.21 25.90
N VAL B 664 -9.61 6.24 26.01
CA VAL B 664 -10.04 7.51 26.58
C VAL B 664 -11.10 8.15 25.70
N ASP B 665 -10.88 8.16 24.38
CA ASP B 665 -11.83 8.75 23.45
C ASP B 665 -12.73 7.65 22.91
N PRO B 666 -14.01 7.60 23.29
CA PRO B 666 -14.89 6.54 22.77
C PRO B 666 -15.43 6.84 21.39
N SER B 667 -15.64 8.14 21.10
CA SER B 667 -16.15 8.53 19.79
C SER B 667 -15.18 8.19 18.68
N LYS B 668 -13.89 8.44 18.86
CA LYS B 668 -12.87 8.07 17.88
C LYS B 668 -12.76 6.56 17.71
N ALA B 669 -12.84 5.81 18.81
CA ALA B 669 -12.76 4.35 18.72
C ALA B 669 -13.94 3.79 17.95
N TRP B 670 -15.15 4.29 18.23
CA TRP B 670 -16.31 3.76 17.51
C TRP B 670 -16.35 4.28 16.07
N GLY B 671 -15.76 5.45 15.81
CA GLY B 671 -15.59 5.87 14.43
C GLY B 671 -14.64 4.96 13.68
N GLU B 672 -13.57 4.50 14.33
CA GLU B 672 -12.70 3.51 13.74
C GLU B 672 -13.43 2.19 13.49
N VAL B 673 -14.28 1.79 14.45
CA VAL B 673 -15.10 0.59 14.27
C VAL B 673 -16.00 0.73 13.04
N LYS B 674 -16.64 1.88 12.90
CA LYS B 674 -17.51 2.11 11.75
C LYS B 674 -16.71 2.14 10.45
N ARG B 675 -15.50 2.71 10.48
CA ARG B 675 -14.66 2.71 9.28
C ARG B 675 -14.29 1.29 8.88
N GLN B 676 -13.97 0.44 9.85
CA GLN B 676 -13.63 -0.94 9.52
C GLN B 676 -14.85 -1.72 9.05
N ILE B 677 -16.04 -1.43 9.59
CA ILE B 677 -17.26 -2.02 9.06
C ILE B 677 -17.45 -1.60 7.60
N TYR B 678 -17.21 -0.32 7.30
CA TYR B 678 -17.35 0.17 5.94
C TYR B 678 -16.36 -0.51 5.00
N VAL B 679 -15.11 -0.66 5.44
CA VAL B 679 -14.09 -1.31 4.61
C VAL B 679 -14.45 -2.77 4.38
N ALA B 680 -14.87 -3.47 5.44
CA ALA B 680 -15.22 -4.88 5.30
C ALA B 680 -16.42 -5.08 4.38
N ALA B 681 -17.45 -4.24 4.53
CA ALA B 681 -18.62 -4.34 3.67
C ALA B 681 -18.27 -4.04 2.22
N PHE B 682 -17.44 -3.01 1.99
CA PHE B 682 -17.03 -2.71 0.63
C PHE B 682 -16.22 -3.85 0.03
N THR B 683 -15.33 -4.45 0.81
CA THR B 683 -14.53 -5.57 0.30
C THR B 683 -15.40 -6.78 -0.02
N VAL B 684 -16.38 -7.08 0.83
CA VAL B 684 -17.26 -8.21 0.56
C VAL B 684 -18.08 -7.96 -0.68
N GLN B 685 -18.63 -6.75 -0.82
CA GLN B 685 -19.40 -6.43 -2.01
C GLN B 685 -18.53 -6.47 -3.27
N ALA B 686 -17.31 -5.93 -3.20
CA ALA B 686 -16.42 -5.93 -4.35
C ALA B 686 -16.04 -7.35 -4.76
N ALA B 687 -15.74 -8.21 -3.78
CA ALA B 687 -15.46 -9.61 -4.09
C ALA B 687 -16.69 -10.32 -4.65
N ALA B 688 -17.89 -9.84 -4.28
CA ALA B 688 -19.09 -10.38 -4.90
C ALA B 688 -19.22 -9.96 -6.36
N GLU B 689 -18.90 -8.71 -6.66
CA GLU B 689 -19.03 -8.22 -8.03
C GLU B 689 -18.05 -8.87 -9.00
N THR B 690 -16.99 -9.52 -8.50
CA THR B 690 -16.10 -10.24 -9.39
C THR B 690 -16.75 -11.47 -9.99
N LEU B 691 -17.75 -12.04 -9.30
CA LEU B 691 -18.52 -13.16 -9.83
C LEU B 691 -19.79 -12.70 -10.53
N SER B 692 -20.06 -11.40 -10.57
CA SER B 692 -21.14 -10.89 -11.39
C SER B 692 -20.81 -11.09 -12.86
N GLU B 693 -21.86 -11.18 -13.68
CA GLU B 693 -21.66 -11.40 -15.11
C GLU B 693 -20.77 -10.30 -15.69
N VAL B 694 -19.78 -10.71 -16.48
CA VAL B 694 -18.87 -9.74 -17.06
C VAL B 694 -19.62 -8.84 -18.05
N ALA B 695 -19.05 -7.67 -18.29
CA ALA B 695 -19.68 -6.67 -19.15
C ALA B 695 -19.90 -7.19 -20.56
N VAL C 1 -29.22 57.83 -26.80
CA VAL C 1 -28.54 57.70 -25.52
C VAL C 1 -28.71 58.98 -24.70
N GLN C 2 -29.34 58.85 -23.53
CA GLN C 2 -29.53 59.99 -22.63
C GLN C 2 -29.12 59.60 -21.23
N LEU C 3 -28.45 60.53 -20.55
CA LEU C 3 -28.00 60.35 -19.17
C LEU C 3 -28.68 61.43 -18.33
N GLN C 4 -29.80 61.09 -17.70
CA GLN C 4 -30.57 62.03 -16.90
C GLN C 4 -29.88 62.20 -15.55
N GLU C 5 -29.45 63.41 -15.24
CA GLU C 5 -28.76 63.71 -13.98
C GLU C 5 -29.76 64.40 -13.05
N SER C 6 -30.32 63.61 -12.13
CA SER C 6 -31.31 64.11 -11.19
C SER C 6 -30.76 64.05 -9.77
N GLY C 7 -31.51 64.63 -8.83
CA GLY C 7 -31.11 64.65 -7.44
C GLY C 7 -30.12 65.73 -7.08
N GLY C 8 -29.76 66.60 -8.01
CA GLY C 8 -28.83 67.68 -7.73
C GLY C 8 -29.44 68.83 -6.94
N GLY C 9 -23.99 67.98 5.79
CA GLY C 9 -25.17 67.51 5.07
C GLY C 9 -24.87 66.37 4.12
N SER C 10 -25.88 65.95 3.36
CA SER C 10 -25.72 64.87 2.40
C SER C 10 -26.65 65.11 1.23
N LEU C 11 -26.33 64.47 0.10
CA LEU C 11 -27.14 64.59 -1.10
C LEU C 11 -26.89 63.37 -1.98
N ARG C 12 -27.97 62.79 -2.52
CA ARG C 12 -27.83 61.64 -3.39
C ARG C 12 -28.14 62.04 -4.83
N LEU C 13 -27.16 61.89 -5.71
CA LEU C 13 -27.33 62.18 -7.13
C LEU C 13 -27.60 60.88 -7.88
N SER C 14 -28.33 60.99 -9.00
CA SER C 14 -28.72 59.82 -9.77
C SER C 14 -28.48 60.07 -11.25
N CYS C 15 -27.81 59.13 -11.89
CA CYS C 15 -27.61 59.09 -13.34
C CYS C 15 -28.49 57.98 -13.89
N ALA C 16 -29.55 58.36 -14.59
CA ALA C 16 -30.46 57.39 -15.22
C ALA C 16 -30.07 57.24 -16.68
N ARG C 17 -29.76 56.01 -17.08
CA ARG C 17 -29.29 55.70 -18.42
C ARG C 17 -30.46 55.22 -19.26
N SER C 18 -30.76 55.94 -20.34
CA SER C 18 -31.84 55.56 -21.24
C SER C 18 -31.30 55.41 -22.65
N GLY C 19 -31.74 54.34 -23.33
CA GLY C 19 -31.30 54.07 -24.68
C GLY C 19 -29.83 53.70 -24.77
N TRP C 20 -29.46 52.55 -24.19
CA TRP C 20 -28.07 52.09 -24.20
C TRP C 20 -27.95 50.92 -25.16
N PRO C 21 -27.36 51.10 -26.34
CA PRO C 21 -27.34 50.01 -27.33
C PRO C 21 -26.58 48.77 -26.88
N TYR C 22 -25.55 48.93 -26.07
CA TYR C 22 -24.70 47.82 -25.67
C TYR C 22 -25.17 47.20 -24.36
N SER C 23 -24.63 46.01 -24.07
CA SER C 23 -24.98 45.27 -22.87
C SER C 23 -24.00 45.51 -21.72
N THR C 24 -23.01 46.36 -21.92
CA THR C 24 -21.99 46.61 -20.91
C THR C 24 -21.74 48.11 -20.82
N TYR C 25 -21.44 48.58 -19.61
CA TYR C 25 -21.22 50.00 -19.40
C TYR C 25 -20.26 50.20 -18.23
N SER C 26 -19.63 51.38 -18.23
CA SER C 26 -18.89 51.89 -17.08
C SER C 26 -19.33 53.34 -16.90
N MET C 27 -19.88 53.65 -15.73
CA MET C 27 -20.41 54.98 -15.44
C MET C 27 -19.53 55.65 -14.40
N ASN C 28 -19.00 56.82 -14.74
CA ASN C 28 -18.15 57.58 -13.84
C ASN C 28 -18.78 58.93 -13.55
N TRP C 29 -18.76 59.30 -12.27
CA TRP C 29 -19.15 60.64 -11.84
C TRP C 29 -17.91 61.53 -11.82
N PHE C 30 -17.92 62.56 -12.66
CA PHE C 30 -16.90 63.59 -12.74
C PHE C 30 -17.41 64.87 -12.10
N ARG C 31 -16.49 65.79 -11.82
CA ARG C 31 -16.87 67.11 -11.34
C ARG C 31 -15.85 68.13 -11.79
N GLN C 32 -16.30 69.38 -11.92
CA GLN C 32 -15.45 70.49 -12.31
C GLN C 32 -15.70 71.66 -11.37
N ALA C 33 -14.64 72.09 -10.69
CA ALA C 33 -14.67 73.28 -9.84
C ALA C 33 -14.44 74.53 -10.67
N PRO C 34 -14.90 75.69 -10.19
CA PRO C 34 -14.66 76.95 -10.92
C PRO C 34 -13.19 77.16 -11.29
N GLY C 35 -12.91 77.20 -12.59
CA GLY C 35 -11.57 77.43 -13.09
C GLY C 35 -10.71 76.21 -13.23
N LYS C 36 -11.18 75.04 -12.81
CA LYS C 36 -10.40 73.81 -12.90
C LYS C 36 -10.91 72.96 -14.06
N GLU C 37 -10.36 71.77 -14.18
CA GLU C 37 -10.74 70.81 -15.21
C GLU C 37 -11.56 69.68 -14.59
N ARG C 38 -12.25 68.94 -15.45
CA ARG C 38 -13.08 67.83 -15.00
C ARG C 38 -12.25 66.75 -14.33
N GLU C 39 -12.47 66.54 -13.04
CA GLU C 39 -11.77 65.53 -12.27
C GLU C 39 -12.73 64.39 -11.93
N ALA C 40 -12.26 63.16 -12.09
CA ALA C 40 -13.10 62.00 -11.81
C ALA C 40 -13.32 61.85 -10.31
N VAL C 41 -14.59 61.76 -9.91
CA VAL C 41 -14.93 61.60 -8.51
C VAL C 41 -15.15 60.14 -8.16
N ALA C 42 -15.91 59.42 -8.98
CA ALA C 42 -16.22 58.03 -8.66
C ALA C 42 -16.47 57.26 -9.95
N GLY C 43 -16.47 55.93 -9.83
CA GLY C 43 -16.71 55.08 -10.99
C GLY C 43 -17.27 53.72 -10.63
N ILE C 44 -18.25 53.25 -11.41
CA ILE C 44 -18.86 51.94 -11.22
C ILE C 44 -18.97 51.27 -12.59
N SER C 45 -19.17 49.96 -12.56
CA SER C 45 -19.21 49.15 -13.76
C SER C 45 -20.42 48.23 -13.74
N SER C 46 -20.80 47.75 -14.93
CA SER C 46 -21.88 46.78 -15.02
C SER C 46 -21.51 45.45 -14.38
N THR C 47 -20.24 45.22 -14.12
CA THR C 47 -19.76 44.05 -13.42
C THR C 47 -19.77 44.22 -11.91
N MET C 48 -20.45 45.26 -11.42
CA MET C 48 -20.49 45.63 -10.00
C MET C 48 -19.11 45.98 -9.45
N SER C 49 -18.16 46.27 -10.33
CA SER C 49 -16.87 46.77 -9.88
C SER C 49 -17.00 48.23 -9.48
N GLY C 50 -16.36 48.58 -8.37
CA GLY C 50 -16.44 49.95 -7.88
C GLY C 50 -15.10 50.50 -7.47
N ILE C 51 -14.89 51.80 -7.69
CA ILE C 51 -13.68 52.48 -7.28
C ILE C 51 -14.01 53.92 -6.95
N ILE C 52 -13.34 54.47 -5.94
CA ILE C 52 -13.45 55.88 -5.58
C ILE C 52 -12.16 56.53 -6.03
N PHE C 53 -12.20 57.19 -7.19
CA PHE C 53 -10.99 57.82 -7.73
C PHE C 53 -10.49 58.92 -6.81
N ALA C 54 -11.39 59.69 -6.23
CA ALA C 54 -11.04 60.71 -5.24
C ALA C 54 -10.90 60.02 -3.88
N GLU C 55 -9.76 59.35 -3.69
CA GLU C 55 -9.53 58.59 -2.47
C GLU C 55 -9.40 59.47 -1.24
N SER C 56 -9.22 60.78 -1.41
CA SER C 56 -9.09 61.69 -0.27
C SER C 56 -10.37 61.77 0.55
N LYS C 57 -11.51 61.43 -0.04
CA LYS C 57 -12.80 61.48 0.67
C LYS C 57 -13.55 60.17 0.51
N ALA C 58 -12.82 59.05 0.41
CA ALA C 58 -13.46 57.75 0.34
C ALA C 58 -14.20 57.45 1.62
N GLY C 59 -15.35 56.78 1.50
CA GLY C 59 -16.23 56.52 2.62
C GLY C 59 -17.28 57.59 2.86
N GLN C 60 -17.09 58.77 2.28
CA GLN C 60 -18.09 59.83 2.32
C GLN C 60 -18.86 59.94 1.01
N PHE C 61 -18.17 59.85 -0.13
CA PHE C 61 -18.81 59.78 -1.43
C PHE C 61 -18.84 58.32 -1.86
N THR C 62 -20.02 57.71 -1.79
CA THR C 62 -20.19 56.30 -2.07
C THR C 62 -20.91 56.09 -3.40
N ILE C 63 -20.54 55.03 -4.11
CA ILE C 63 -21.17 54.69 -5.37
C ILE C 63 -22.07 53.47 -5.17
N SER C 64 -23.14 53.43 -5.95
CA SER C 64 -24.04 52.28 -5.94
C SER C 64 -24.84 52.32 -7.24
N GLN C 65 -25.56 51.24 -7.52
CA GLN C 65 -26.34 51.19 -8.75
C GLN C 65 -27.52 50.25 -8.58
N ASP C 66 -28.65 50.64 -9.19
CA ASP C 66 -29.82 49.78 -9.34
C ASP C 66 -29.86 49.34 -10.79
N ASN C 67 -29.53 48.08 -11.03
CA ASN C 67 -29.45 47.58 -12.41
C ASN C 67 -30.83 47.46 -13.03
N ALA C 68 -31.83 47.04 -12.24
CA ALA C 68 -33.19 46.94 -12.77
C ALA C 68 -33.72 48.30 -13.19
N LYS C 69 -33.43 49.34 -12.41
CA LYS C 69 -33.85 50.69 -12.75
C LYS C 69 -32.92 51.35 -13.76
N ASN C 70 -31.81 50.71 -14.13
CA ASN C 70 -30.81 51.28 -15.03
C ASN C 70 -30.29 52.61 -14.50
N THR C 71 -30.08 52.69 -13.19
CA THR C 71 -29.70 53.94 -12.54
C THR C 71 -28.42 53.73 -11.72
N VAL C 72 -27.62 54.78 -11.63
CA VAL C 72 -26.40 54.78 -10.83
C VAL C 72 -26.51 55.92 -9.82
N TYR C 73 -26.41 55.59 -8.54
CA TYR C 73 -26.54 56.57 -7.46
C TYR C 73 -25.18 56.89 -6.86
N LEU C 74 -24.97 58.16 -6.57
CA LEU C 74 -23.79 58.65 -5.87
C LEU C 74 -24.26 59.33 -4.59
N GLN C 75 -23.97 58.74 -3.44
CA GLN C 75 -24.30 59.33 -2.15
C GLN C 75 -23.12 60.21 -1.73
N MET C 76 -23.29 61.52 -1.87
CA MET C 76 -22.27 62.50 -1.51
C MET C 76 -22.58 62.96 -0.09
N ASN C 77 -21.84 62.44 0.87
CA ASN C 77 -22.02 62.75 2.28
C ASN C 77 -20.93 63.68 2.77
N ASN C 78 -21.16 64.29 3.93
CA ASN C 78 -20.22 65.23 4.55
C ASN C 78 -19.91 66.39 3.60
N LEU C 79 -20.96 67.18 3.36
CA LEU C 79 -20.91 68.25 2.36
C LEU C 79 -20.06 69.41 2.89
N LYS C 80 -18.75 69.25 2.73
CA LYS C 80 -17.84 70.34 3.02
C LYS C 80 -17.97 71.42 1.95
N PRO C 81 -17.63 72.68 2.28
CA PRO C 81 -17.85 73.77 1.31
C PRO C 81 -17.13 73.60 -0.01
N GLU C 82 -15.99 72.89 -0.04
CA GLU C 82 -15.25 72.73 -1.29
C GLU C 82 -15.98 71.85 -2.30
N ASP C 83 -17.02 71.12 -1.87
CA ASP C 83 -17.75 70.23 -2.77
C ASP C 83 -18.55 71.00 -3.82
N THR C 84 -18.70 72.31 -3.68
CA THR C 84 -19.43 73.10 -4.67
C THR C 84 -18.74 73.05 -6.03
N ALA C 85 -19.37 72.38 -6.99
CA ALA C 85 -18.81 72.20 -8.33
C ALA C 85 -19.94 71.74 -9.24
N ILE C 86 -19.62 71.66 -10.54
CA ILE C 86 -20.56 71.15 -11.53
C ILE C 86 -20.28 69.66 -11.71
N TYR C 87 -21.27 68.83 -11.41
CA TYR C 87 -21.11 67.38 -11.43
C TYR C 87 -21.72 66.79 -12.68
N TYR C 88 -21.03 65.82 -13.27
CA TYR C 88 -21.46 65.17 -14.50
C TYR C 88 -21.42 63.66 -14.32
N CYS C 89 -22.32 62.97 -15.02
CA CYS C 89 -22.31 61.51 -15.09
C CYS C 89 -22.02 61.12 -16.53
N ALA C 90 -21.02 60.27 -16.73
CA ALA C 90 -20.61 59.83 -18.05
C ALA C 90 -20.62 58.30 -18.10
N ALA C 91 -20.69 57.78 -19.32
CA ALA C 91 -20.79 56.33 -19.51
C ALA C 91 -20.02 55.92 -20.75
N ARG C 92 -19.38 54.76 -20.69
CA ARG C 92 -18.68 54.20 -21.83
C ARG C 92 -19.03 52.73 -21.97
N ARG C 93 -18.82 52.18 -23.17
CA ARG C 93 -19.18 50.79 -23.41
C ARG C 93 -18.27 49.84 -22.63
N ASP C 94 -16.96 50.06 -22.71
CA ASP C 94 -16.01 49.19 -22.01
C ASP C 94 -16.15 49.38 -20.51
N TYR C 95 -15.93 48.30 -19.77
CA TYR C 95 -16.26 48.27 -18.35
C TYR C 95 -15.08 48.62 -17.43
N SER C 96 -13.95 49.07 -17.99
CA SER C 96 -12.84 49.47 -17.15
CA SER C 96 -12.84 49.47 -17.15
C SER C 96 -13.17 50.75 -16.38
N LEU C 97 -12.66 50.85 -15.16
CA LEU C 97 -12.83 52.05 -14.35
C LEU C 97 -11.67 53.00 -14.66
N SER C 98 -11.94 54.02 -15.46
CA SER C 98 -10.92 54.92 -15.95
C SER C 98 -11.25 56.36 -15.60
N SER C 99 -10.22 57.13 -15.25
CA SER C 99 -10.37 58.55 -14.91
C SER C 99 -9.83 59.44 -16.02
N SER C 100 -9.72 58.91 -17.25
CA SER C 100 -9.13 59.68 -18.34
C SER C 100 -10.02 60.85 -18.74
N SER C 101 -11.34 60.67 -18.69
CA SER C 101 -12.37 61.61 -19.12
C SER C 101 -12.39 61.80 -20.64
N ASP C 102 -11.46 61.18 -21.37
CA ASP C 102 -11.48 61.17 -22.83
C ASP C 102 -12.06 59.89 -23.40
N ASP C 103 -12.26 58.88 -22.58
CA ASP C 103 -12.88 57.62 -23.01
C ASP C 103 -14.39 57.64 -22.86
N PHE C 104 -14.96 58.78 -22.48
CA PHE C 104 -16.39 58.92 -22.18
C PHE C 104 -17.01 59.77 -23.28
N ASP C 105 -17.59 59.11 -24.28
CA ASP C 105 -18.22 59.79 -25.40
C ASP C 105 -19.66 60.21 -25.11
N TYR C 106 -20.13 60.03 -23.87
CA TYR C 106 -21.46 60.45 -23.48
C TYR C 106 -21.37 61.29 -22.22
N TRP C 107 -22.22 62.31 -22.15
CA TRP C 107 -22.20 63.23 -21.02
C TRP C 107 -23.62 63.70 -20.72
N GLY C 108 -23.89 63.95 -19.43
CA GLY C 108 -25.19 64.42 -19.01
C GLY C 108 -25.34 65.92 -19.13
N GLN C 109 -26.44 66.42 -18.57
CA GLN C 109 -26.72 67.85 -18.63
C GLN C 109 -25.77 68.67 -17.75
N GLY C 110 -25.13 68.05 -16.76
CA GLY C 110 -24.20 68.77 -15.91
C GLY C 110 -24.86 69.45 -14.72
N THR C 111 -25.48 68.66 -13.85
CA THR C 111 -26.14 69.21 -12.68
C THR C 111 -25.12 69.89 -11.77
N GLN C 112 -25.62 70.84 -10.97
CA GLN C 112 -24.78 71.67 -10.11
C GLN C 112 -25.15 71.42 -8.66
N VAL C 113 -24.13 71.23 -7.83
CA VAL C 113 -24.29 71.00 -6.39
C VAL C 113 -23.54 72.10 -5.66
N THR C 114 -24.22 72.81 -4.76
CA THR C 114 -23.63 73.89 -3.99
C THR C 114 -23.98 73.69 -2.52
N VAL C 115 -22.99 73.82 -1.65
CA VAL C 115 -23.19 73.68 -0.22
C VAL C 115 -23.66 75.00 0.38
N VAL D 1 32.98 -49.15 37.43
CA VAL D 1 32.85 -47.75 37.79
C VAL D 1 33.72 -47.44 39.00
N GLN D 2 34.69 -46.54 38.82
CA GLN D 2 35.55 -46.10 39.92
C GLN D 2 35.66 -44.60 39.91
N LEU D 3 35.58 -44.00 41.10
CA LEU D 3 35.74 -42.57 41.30
C LEU D 3 37.01 -42.35 42.12
N GLN D 4 38.07 -41.90 41.46
CA GLN D 4 39.37 -41.69 42.10
C GLN D 4 39.40 -40.28 42.68
N GLU D 5 39.46 -40.18 44.01
CA GLU D 5 39.46 -38.90 44.71
C GLU D 5 40.90 -38.57 45.08
N SER D 6 41.55 -37.75 44.26
CA SER D 6 42.93 -37.36 44.47
C SER D 6 43.01 -35.87 44.80
N GLY D 7 44.22 -35.42 45.15
CA GLY D 7 44.46 -34.05 45.50
C GLY D 7 44.10 -33.66 46.92
N GLY D 8 43.68 -34.62 47.74
CA GLY D 8 43.32 -34.34 49.12
C GLY D 8 44.52 -34.15 50.02
N GLY D 9 44.65 -20.59 52.99
CA GLY D 9 45.23 -21.45 51.98
C GLY D 9 44.22 -22.00 51.00
N SER D 10 44.66 -22.92 50.14
CA SER D 10 43.77 -23.53 49.16
C SER D 10 44.21 -24.97 48.91
N LEU D 11 43.27 -25.77 48.43
CA LEU D 11 43.55 -27.18 48.13
C LEU D 11 42.55 -27.64 47.06
N ARG D 12 43.04 -27.80 45.84
CA ARG D 12 42.20 -28.26 44.74
C ARG D 12 42.10 -29.78 44.77
N LEU D 13 40.88 -30.29 44.85
CA LEU D 13 40.62 -31.73 44.81
C LEU D 13 40.18 -32.13 43.41
N SER D 14 40.44 -33.39 43.06
CA SER D 14 40.11 -33.91 41.74
C SER D 14 39.40 -35.25 41.87
N CYS D 15 38.42 -35.48 41.00
CA CYS D 15 37.68 -36.73 40.95
C CYS D 15 37.77 -37.26 39.52
N ALA D 16 38.47 -38.36 39.35
CA ALA D 16 38.63 -39.01 38.05
C ALA D 16 37.59 -40.12 37.92
N ARG D 17 36.78 -40.05 36.87
CA ARG D 17 35.73 -41.03 36.62
C ARG D 17 36.24 -42.06 35.62
N SER D 18 36.26 -43.33 36.02
CA SER D 18 36.73 -44.40 35.17
C SER D 18 35.62 -45.45 35.02
N GLY D 19 35.40 -45.92 33.80
CA GLY D 19 34.38 -46.91 33.54
C GLY D 19 32.98 -46.40 33.76
N TRP D 20 32.54 -45.45 32.94
CA TRP D 20 31.21 -44.88 33.06
C TRP D 20 30.34 -45.42 31.93
N PRO D 21 29.43 -46.35 32.20
CA PRO D 21 28.65 -46.97 31.10
C PRO D 21 27.79 -45.98 30.33
N TYR D 22 27.26 -44.96 30.99
CA TYR D 22 26.32 -44.04 30.36
C TYR D 22 27.04 -42.83 29.79
N SER D 23 26.32 -42.10 28.95
CA SER D 23 26.86 -40.91 28.28
C SER D 23 26.57 -39.62 29.04
N THR D 24 25.85 -39.69 30.16
CA THR D 24 25.48 -38.52 30.92
C THR D 24 25.76 -38.77 32.40
N TYR D 25 26.13 -37.69 33.10
CA TYR D 25 26.47 -37.82 34.51
C TYR D 25 26.20 -36.50 35.23
N SER D 26 26.09 -36.60 36.56
CA SER D 26 26.09 -35.45 37.45
C SER D 26 26.97 -35.83 38.63
N MET D 27 28.00 -35.03 38.89
CA MET D 27 28.97 -35.29 39.95
C MET D 27 28.84 -34.24 41.03
N ASN D 28 28.61 -34.68 42.25
CA ASN D 28 28.49 -33.79 43.41
C ASN D 28 29.59 -34.09 44.41
N TRP D 29 30.22 -33.03 44.90
CA TRP D 29 31.15 -33.10 46.00
C TRP D 29 30.38 -32.94 47.30
N PHE D 30 30.35 -34.01 48.10
CA PHE D 30 29.76 -34.03 49.43
C PHE D 30 30.87 -33.94 50.48
N ARG D 31 30.46 -33.67 51.72
CA ARG D 31 31.40 -33.71 52.83
C ARG D 31 30.67 -34.08 54.10
N GLN D 32 31.42 -34.64 55.05
CA GLN D 32 30.89 -35.02 56.36
C GLN D 32 31.84 -34.55 57.43
N ALA D 33 31.36 -33.71 58.33
CA ALA D 33 32.10 -33.27 59.50
C ALA D 33 31.98 -34.29 60.62
N PRO D 34 32.93 -34.30 61.56
CA PRO D 34 32.84 -35.23 62.70
C PRO D 34 31.51 -35.15 63.43
N GLY D 35 30.76 -36.25 63.41
CA GLY D 35 29.49 -36.33 64.10
C GLY D 35 28.29 -35.85 63.32
N LYS D 36 28.48 -35.32 62.12
CA LYS D 36 27.39 -34.82 61.30
C LYS D 36 27.09 -35.81 60.17
N GLU D 37 26.15 -35.44 59.32
CA GLU D 37 25.77 -36.23 58.16
C GLU D 37 26.37 -35.65 56.89
N ARG D 38 26.38 -36.45 55.83
CA ARG D 38 26.93 -36.02 54.55
C ARG D 38 26.15 -34.85 53.97
N GLU D 39 26.78 -33.69 53.90
CA GLU D 39 26.17 -32.48 53.35
C GLU D 39 26.78 -32.18 51.98
N ALA D 40 25.93 -31.85 51.02
CA ALA D 40 26.40 -31.57 49.68
C ALA D 40 27.13 -30.23 49.66
N VAL D 41 28.35 -30.23 49.12
CA VAL D 41 29.15 -29.01 49.02
C VAL D 41 28.98 -28.36 47.65
N ALA D 42 29.07 -29.15 46.58
CA ALA D 42 29.00 -28.58 45.24
C ALA D 42 28.49 -29.62 44.27
N GLY D 43 28.12 -29.17 43.08
CA GLY D 43 27.62 -30.07 42.05
C GLY D 43 27.81 -29.56 40.64
N ILE D 44 28.21 -30.45 39.72
CA ILE D 44 28.39 -30.13 38.32
C ILE D 44 27.72 -31.22 37.49
N SER D 45 27.46 -30.89 36.23
CA SER D 45 26.77 -31.80 35.32
C SER D 45 27.53 -31.88 34.00
N SER D 46 27.26 -32.94 33.25
CA SER D 46 27.84 -33.09 31.92
C SER D 46 27.32 -32.05 30.94
N THR D 47 26.26 -31.34 31.29
CA THR D 47 25.71 -30.26 30.48
C THR D 47 26.34 -28.92 30.80
N MET D 48 27.47 -28.90 31.51
CA MET D 48 28.16 -27.72 31.99
C MET D 48 27.38 -26.96 33.05
N SER D 49 26.26 -27.51 33.53
CA SER D 49 25.50 -26.88 34.59
C SER D 49 26.24 -27.01 35.91
N GLY D 50 26.33 -25.91 36.64
CA GLY D 50 27.01 -25.91 37.92
C GLY D 50 26.19 -25.19 38.97
N ILE D 51 26.31 -25.67 40.21
CA ILE D 51 25.65 -25.06 41.35
C ILE D 51 26.52 -25.24 42.58
N ILE D 52 26.50 -24.26 43.45
CA ILE D 52 27.19 -24.32 44.74
C ILE D 52 26.10 -24.47 45.80
N PHE D 53 25.89 -25.71 46.26
CA PHE D 53 24.85 -25.95 47.25
C PHE D 53 25.14 -25.23 48.55
N ALA D 54 26.40 -25.21 48.97
CA ALA D 54 26.83 -24.45 50.15
C ALA D 54 27.04 -23.00 49.73
N GLU D 55 25.91 -22.29 49.61
CA GLU D 55 25.95 -20.90 49.14
C GLU D 55 26.67 -19.97 50.11
N SER D 56 26.82 -20.38 51.37
CA SER D 56 27.51 -19.54 52.35
C SER D 56 28.99 -19.38 52.03
N LYS D 57 29.55 -20.25 51.19
CA LYS D 57 30.95 -20.17 50.79
C LYS D 57 31.11 -20.07 49.27
N ALA D 58 30.07 -19.63 48.58
CA ALA D 58 30.16 -19.46 47.14
C ALA D 58 31.20 -18.40 46.79
N GLY D 59 31.97 -18.67 45.74
CA GLY D 59 33.09 -17.84 45.37
C GLY D 59 34.41 -18.25 45.97
N GLN D 60 34.39 -19.07 47.02
CA GLN D 60 35.58 -19.65 47.63
C GLN D 60 35.75 -21.11 47.26
N PHE D 61 34.68 -21.91 47.35
CA PHE D 61 34.68 -23.28 46.88
C PHE D 61 34.00 -23.27 45.51
N THR D 62 34.79 -23.37 44.46
CA THR D 62 34.28 -23.37 43.10
C THR D 62 34.47 -24.73 42.47
N ILE D 63 33.72 -24.99 41.40
CA ILE D 63 33.77 -26.26 40.71
C ILE D 63 34.08 -26.02 39.23
N SER D 64 34.70 -27.03 38.62
CA SER D 64 34.99 -27.02 37.19
C SER D 64 35.25 -28.47 36.79
N GLN D 65 35.49 -28.70 35.50
CA GLN D 65 35.77 -30.06 35.07
C GLN D 65 36.45 -30.05 33.71
N ASP D 66 37.33 -31.04 33.52
CA ASP D 66 37.93 -31.32 32.22
C ASP D 66 37.21 -32.54 31.65
N ASN D 67 36.42 -32.31 30.61
CA ASN D 67 35.64 -33.40 30.03
C ASN D 67 36.53 -34.38 29.28
N ALA D 68 37.57 -33.88 28.59
CA ALA D 68 38.48 -34.77 27.88
C ALA D 68 39.21 -35.70 28.85
N LYS D 69 39.62 -35.17 30.00
CA LYS D 69 40.28 -35.98 31.03
C LYS D 69 39.29 -36.78 31.87
N ASN D 70 37.98 -36.58 31.67
CA ASN D 70 36.94 -37.23 32.48
C ASN D 70 37.15 -36.94 33.96
N THR D 71 37.52 -35.70 34.28
CA THR D 71 37.85 -35.32 35.64
C THR D 71 37.04 -34.12 36.08
N VAL D 72 36.68 -34.08 37.36
CA VAL D 72 35.94 -32.97 37.94
C VAL D 72 36.80 -32.38 39.06
N TYR D 73 37.11 -31.09 38.95
CA TYR D 73 37.96 -30.41 39.93
C TYR D 73 37.11 -29.51 40.82
N LEU D 74 37.44 -29.52 42.11
CA LEU D 74 36.84 -28.63 43.10
C LEU D 74 37.96 -27.78 43.68
N GLN D 75 37.96 -26.49 43.33
CA GLN D 75 38.93 -25.55 43.89
C GLN D 75 38.41 -25.07 45.23
N MET D 76 39.07 -25.51 46.31
CA MET D 76 38.67 -25.20 47.68
C MET D 76 39.61 -24.12 48.19
N ASN D 77 39.16 -22.87 48.12
CA ASN D 77 39.95 -21.72 48.52
C ASN D 77 39.47 -21.20 49.87
N ASN D 78 40.31 -20.39 50.52
CA ASN D 78 40.03 -19.78 51.82
C ASN D 78 39.74 -20.87 52.86
N LEU D 79 40.78 -21.64 53.14
CA LEU D 79 40.67 -22.81 54.01
C LEU D 79 40.52 -22.36 55.47
N LYS D 80 39.28 -22.07 55.84
CA LYS D 80 38.97 -21.80 57.23
C LYS D 80 39.01 -23.10 58.03
N PRO D 81 39.25 -23.02 59.35
CA PRO D 81 39.42 -24.25 60.13
C PRO D 81 38.23 -25.19 60.09
N GLU D 82 37.01 -24.67 59.91
CA GLU D 82 35.84 -25.54 59.90
C GLU D 82 35.78 -26.45 58.68
N ASP D 83 36.61 -26.20 57.66
CA ASP D 83 36.61 -27.02 56.45
C ASP D 83 37.12 -28.44 56.70
N THR D 84 37.71 -28.71 57.86
CA THR D 84 38.20 -30.05 58.17
C THR D 84 37.04 -31.05 58.22
N ALA D 85 37.00 -31.94 57.24
CA ALA D 85 35.93 -32.93 57.12
C ALA D 85 36.38 -34.00 56.12
N ILE D 86 35.58 -35.05 56.02
CA ILE D 86 35.82 -36.11 55.05
C ILE D 86 35.03 -35.79 53.79
N TYR D 87 35.73 -35.59 52.68
CA TYR D 87 35.12 -35.18 51.43
C TYR D 87 34.95 -36.36 50.50
N TYR D 88 33.81 -36.43 49.83
CA TYR D 88 33.47 -37.51 48.93
C TYR D 88 33.03 -36.95 47.59
N CYS D 89 33.23 -37.74 46.53
CA CYS D 89 32.80 -37.38 45.19
C CYS D 89 31.84 -38.47 44.71
N ALA D 90 30.58 -38.10 44.49
CA ALA D 90 29.56 -39.04 44.05
C ALA D 90 29.06 -38.66 42.67
N ALA D 91 28.57 -39.67 41.93
CA ALA D 91 28.11 -39.45 40.56
C ALA D 91 26.84 -40.24 40.33
N ARG D 92 25.96 -39.66 39.50
CA ARG D 92 24.72 -40.31 39.10
C ARG D 92 24.53 -40.17 37.59
N ARG D 93 23.70 -41.05 37.04
CA ARG D 93 23.46 -41.02 35.59
C ARG D 93 22.68 -39.77 35.19
N ASP D 94 21.59 -39.48 35.90
CA ASP D 94 20.79 -38.31 35.57
C ASP D 94 21.57 -37.04 35.86
N TYR D 95 21.36 -36.03 35.02
CA TYR D 95 22.19 -34.83 35.03
C TYR D 95 21.66 -33.71 35.90
N SER D 96 20.55 -33.93 36.62
CA SER D 96 20.04 -32.90 37.52
CA SER D 96 20.04 -32.90 37.52
C SER D 96 20.97 -32.68 38.70
N LEU D 97 21.08 -31.44 39.13
CA LEU D 97 21.91 -31.10 40.29
C LEU D 97 21.08 -31.29 41.55
N SER D 98 21.36 -32.35 42.29
CA SER D 98 20.58 -32.70 43.48
C SER D 98 21.50 -32.89 44.68
N SER D 99 21.01 -32.46 45.85
CA SER D 99 21.72 -32.62 47.11
C SER D 99 21.14 -33.72 47.98
N SER D 100 20.41 -34.66 47.36
CA SER D 100 19.72 -35.69 48.13
C SER D 100 20.69 -36.62 48.86
N SER D 101 21.80 -36.97 48.19
CA SER D 101 22.80 -37.95 48.63
C SER D 101 22.25 -39.37 48.61
N ASP D 102 20.98 -39.57 48.30
CA ASP D 102 20.41 -40.89 48.09
C ASP D 102 20.25 -41.24 46.62
N ASP D 103 20.37 -40.25 45.73
CA ASP D 103 20.33 -40.47 44.30
C ASP D 103 21.70 -40.85 43.73
N PHE D 104 22.71 -40.97 44.59
CA PHE D 104 24.09 -41.17 44.18
C PHE D 104 24.48 -42.60 44.57
N ASP D 105 24.38 -43.52 43.62
CA ASP D 105 24.71 -44.92 43.84
C ASP D 105 26.19 -45.23 43.68
N TYR D 106 27.04 -44.21 43.53
CA TYR D 106 28.48 -44.38 43.42
C TYR D 106 29.17 -43.45 44.39
N TRP D 107 30.26 -43.91 44.99
CA TRP D 107 30.99 -43.12 45.97
C TRP D 107 32.48 -43.42 45.85
N GLY D 108 33.29 -42.42 46.18
CA GLY D 108 34.73 -42.54 46.13
C GLY D 108 35.30 -43.12 47.42
N GLN D 109 36.64 -43.07 47.50
CA GLN D 109 37.32 -43.60 48.67
C GLN D 109 37.10 -42.75 49.92
N GLY D 110 36.71 -41.49 49.75
CA GLY D 110 36.49 -40.63 50.90
C GLY D 110 37.72 -39.93 51.40
N THR D 111 38.34 -39.11 50.54
CA THR D 111 39.55 -38.39 50.92
C THR D 111 39.25 -37.42 52.07
N GLN D 112 40.30 -37.14 52.85
CA GLN D 112 40.18 -36.31 54.04
C GLN D 112 41.00 -35.04 53.86
N VAL D 113 40.40 -33.90 54.21
CA VAL D 113 41.04 -32.59 54.13
C VAL D 113 41.02 -31.98 55.52
N THR D 114 42.19 -31.56 55.99
CA THR D 114 42.33 -30.95 57.32
C THR D 114 43.15 -29.68 57.19
N VAL D 115 42.68 -28.60 57.80
CA VAL D 115 43.39 -27.33 57.78
C VAL D 115 44.44 -27.29 58.88
C1 NAG E . -32.20 18.90 -27.66
C2 NAG E . -32.63 19.18 -26.22
C3 NAG E . -33.29 17.95 -25.60
C4 NAG E . -33.29 16.79 -26.57
C5 NAG E . -31.86 16.55 -27.05
C6 NAG E . -31.75 15.40 -28.03
C7 NAG E . -31.36 20.88 -24.97
C8 NAG E . -32.45 21.84 -25.35
N2 NAG E . -31.50 19.62 -25.41
O3 NAG E . -34.62 18.28 -25.21
O4 NAG E . -33.76 15.60 -25.94
O5 NAG E . -31.35 17.71 -27.70
O6 NAG E . -32.19 14.19 -27.45
O7 NAG E . -30.41 21.23 -24.28
C1 NAG E . -35.14 15.35 -26.23
C2 NAG E . -35.80 14.91 -24.92
C3 NAG E . -37.29 14.65 -25.13
C4 NAG E . -37.95 15.87 -25.76
C5 NAG E . -37.21 16.26 -27.04
C6 NAG E . -37.74 17.54 -27.66
C7 NAG E . -34.28 13.74 -23.37
C8 NAG E . -34.02 15.09 -22.76
N2 NAG E . -35.14 13.72 -24.39
O3 NAG E . -37.90 14.37 -23.88
O4 NAG E . -39.30 15.58 -26.08
O5 NAG E . -35.82 16.50 -26.76
O6 NAG E . -37.68 18.63 -26.75
O7 NAG E . -33.75 12.72 -22.94
C1 NAG F . 18.27 -42.61 1.61
C2 NAG F . 19.75 -42.68 1.24
C3 NAG F . 20.01 -41.88 -0.03
C4 NAG F . 18.99 -42.16 -1.13
C5 NAG F . 17.56 -42.22 -0.58
C6 NAG F . 16.58 -42.77 -1.59
C7 NAG F . 20.75 -42.83 3.49
C8 NAG F . 21.65 -42.17 4.48
N2 NAG F . 20.58 -42.19 2.33
O3 NAG F . 21.31 -42.22 -0.49
O4 NAG F . 19.04 -41.08 -2.06
O5 NAG F . 17.50 -43.08 0.56
O6 NAG F . 15.61 -43.60 -0.97
O7 NAG F . 20.19 -43.91 3.73
C1 NAG F . 19.59 -41.43 -3.35
C2 NAG F . 21.05 -40.97 -3.40
C3 NAG F . 21.67 -41.33 -4.75
C4 NAG F . 21.47 -42.81 -5.05
C5 NAG F . 20.00 -43.19 -4.92
C6 NAG F . 19.74 -44.68 -5.10
C7 NAG F . 22.09 -39.02 -2.33
C8 NAG F . 23.05 -39.97 -1.69
N2 NAG F . 21.17 -39.55 -3.14
O3 NAG F . 23.05 -41.02 -4.74
O4 NAG F . 21.91 -43.10 -6.37
O5 NAG F . 19.51 -42.84 -3.62
O6 NAG F . 18.43 -45.03 -4.71
O7 NAG F . 22.15 -37.80 -2.13
C1 NAG G . 2.78 -1.70 -36.84
C2 NAG G . 2.50 -3.08 -36.25
C3 NAG G . 3.70 -4.01 -36.47
C4 NAG G . 4.16 -3.99 -37.93
C5 NAG G . 4.30 -2.56 -38.44
C6 NAG G . 4.54 -2.46 -39.93
C7 NAG G . 1.07 -2.44 -34.36
C8 NAG G . 0.94 -2.42 -32.87
N2 NAG G . 2.20 -2.98 -34.84
O3 NAG G . 3.34 -5.34 -36.09
O4 NAG G . 5.43 -4.64 -37.98
O5 NAG G . 3.08 -1.83 -38.20
O6 NAG G . 3.49 -1.78 -40.59
O7 NAG G . 0.19 -2.02 -35.10
C1 NAG G . 5.58 -5.54 -39.11
C2 NAG G . 7.09 -5.73 -39.28
C3 NAG G . 7.37 -6.65 -40.47
C4 NAG G . 6.56 -7.94 -40.37
C5 NAG G . 5.09 -7.66 -40.07
C6 NAG G . 4.29 -8.90 -39.77
C7 NAG G . 8.48 -3.87 -38.48
C8 NAG G . 8.56 -4.61 -37.18
N2 NAG G . 7.77 -4.46 -39.45
O3 NAG G . 8.76 -6.94 -40.54
O4 NAG G . 6.65 -8.62 -41.62
O5 NAG G . 4.96 -6.80 -38.93
O6 NAG G . 3.01 -8.86 -40.39
O7 NAG G . 9.04 -2.79 -38.65
C1 BMA G . 7.15 -9.98 -41.53
C2 BMA G . 8.67 -10.01 -41.90
C3 BMA G . 9.50 -10.77 -40.85
C4 BMA G . 8.81 -12.07 -40.33
C5 BMA G . 7.29 -11.92 -40.22
C6 BMA G . 6.71 -12.54 -38.95
O2 BMA G . 9.23 -8.71 -42.00
O3 BMA G . 9.87 -9.94 -39.76
O4 BMA G . 9.13 -13.17 -41.18
O5 BMA G . 6.97 -10.53 -40.23
O6 BMA G . 5.41 -13.04 -39.27
C1 NAG H . 20.85 -8.56 -14.87
C2 NAG H . 21.16 -8.47 -13.38
C3 NAG H . 22.59 -8.92 -13.13
C4 NAG H . 22.81 -10.32 -13.69
C5 NAG H . 22.36 -10.39 -15.15
C6 NAG H . 22.36 -11.80 -15.71
C7 NAG H . 19.87 -6.81 -12.14
C8 NAG H . 18.92 -7.93 -11.84
N2 NAG H . 20.93 -7.13 -12.88
O3 NAG H . 22.84 -8.90 -11.72
O4 NAG H . 24.18 -10.66 -13.61
O5 NAG H . 21.02 -9.90 -15.30
O6 NAG H . 21.88 -11.84 -17.04
O7 NAG H . 19.68 -5.67 -11.73
C1 NAG H . 24.37 -11.53 -12.48
C2 NAG H . 25.33 -12.64 -12.87
C3 NAG H . 25.57 -13.56 -11.67
C4 NAG H . 26.03 -12.75 -10.46
C5 NAG H . 25.08 -11.58 -10.19
C6 NAG H . 25.60 -10.63 -9.14
C7 NAG H . 25.39 -13.32 -15.22
C8 NAG H . 26.55 -12.38 -15.38
N2 NAG H . 24.85 -13.39 -14.00
O3 NAG H . 26.55 -14.53 -12.03
O4 NAG H . 26.03 -13.58 -9.30
O5 NAG H . 24.90 -10.80 -11.39
O6 NAG H . 24.98 -9.35 -9.24
O7 NAG H . 24.95 -13.96 -16.17
C1 BMA H . 27.35 -14.12 -9.08
C2 BMA H . 27.58 -14.25 -7.57
C3 BMA H . 28.92 -14.95 -7.29
C4 BMA H . 29.06 -16.25 -8.12
C5 BMA H . 28.75 -15.98 -9.61
C6 BMA H . 28.74 -17.25 -10.45
O2 BMA H . 26.58 -15.04 -6.96
O3 BMA H . 29.07 -15.25 -5.91
O4 BMA H . 30.37 -16.77 -8.00
O5 BMA H . 27.46 -15.39 -9.71
O6 BMA H . 27.91 -17.03 -11.58
C1 MAN H . 30.36 -14.77 -5.47
C2 MAN H . 31.01 -15.89 -4.61
C3 MAN H . 30.30 -16.01 -3.26
C4 MAN H . 30.20 -14.63 -2.57
C5 MAN H . 29.49 -13.65 -3.50
C6 MAN H . 29.40 -12.24 -2.92
O2 MAN H . 32.37 -15.60 -4.30
O3 MAN H . 30.93 -16.95 -2.40
O4 MAN H . 29.48 -14.75 -1.36
O5 MAN H . 30.23 -13.55 -4.74
O6 MAN H . 28.80 -11.40 -3.90
C1 MAN H . 27.03 -18.17 -11.75
C2 MAN H . 26.50 -18.14 -13.20
C3 MAN H . 25.01 -18.52 -13.26
C4 MAN H . 24.13 -17.67 -12.29
C5 MAN H . 24.94 -17.18 -11.08
C6 MAN H . 24.08 -17.05 -9.83
O2 MAN H . 27.17 -19.10 -14.02
O3 MAN H . 24.80 -19.91 -13.03
O4 MAN H . 23.58 -16.55 -12.99
O5 MAN H . 25.98 -18.13 -10.80
O6 MAN H . 23.86 -18.35 -9.31
C1 NAG I . -17.20 -32.03 -5.20
C2 NAG I . -17.16 -31.09 -6.39
C3 NAG I . -18.58 -30.68 -6.80
C4 NAG I . -19.49 -31.90 -6.95
C5 NAG I . -19.35 -32.82 -5.73
C6 NAG I . -20.09 -34.14 -5.89
C7 NAG I . -15.02 -29.95 -5.96
C8 NAG I . -14.38 -28.63 -5.62
N2 NAG I . -16.36 -29.92 -6.09
O3 NAG I . -18.53 -29.95 -8.01
O4 NAG I . -20.82 -31.42 -7.05
O5 NAG I . -17.99 -33.15 -5.51
O6 NAG I . -19.98 -34.93 -4.73
O7 NAG I . -14.37 -30.97 -6.12
C1 NAG I . -21.55 -32.05 -8.14
C2 NAG I . -22.96 -31.45 -8.13
C3 NAG I . -23.79 -32.06 -9.24
C4 NAG I . -23.08 -31.93 -10.58
C5 NAG I . -21.65 -32.47 -10.49
C6 NAG I . -20.84 -32.24 -11.75
C7 NAG I . -23.86 -32.79 -6.26
C8 NAG I . -24.54 -32.71 -4.92
N2 NAG I . -23.60 -31.61 -6.84
O3 NAG I . -25.06 -31.41 -9.30
O4 NAG I . -23.77 -32.67 -11.58
O5 NAG I . -20.94 -31.83 -9.42
O6 NAG I . -21.29 -33.07 -12.81
O7 NAG I . -23.56 -33.86 -6.78
C1 BMA I . -24.58 -31.78 -12.39
C2 BMA I . -24.60 -32.32 -13.83
C3 BMA I . -25.60 -31.53 -14.68
C4 BMA I . -26.96 -31.41 -13.97
C5 BMA I . -26.77 -30.82 -12.57
C6 BMA I . -28.06 -30.71 -11.79
O2 BMA I . -25.03 -33.68 -13.85
O3 BMA I . -25.78 -32.11 -15.96
O4 BMA I . -27.82 -30.58 -14.72
O5 BMA I . -25.89 -31.69 -11.84
O6 BMA I . -28.44 -32.01 -11.37
C1 NAG J . -26.49 -4.41 -1.46
C2 NAG J . -26.15 -2.97 -1.11
C3 NAG J . -27.43 -2.15 -0.98
C4 NAG J . -28.28 -2.29 -2.24
C5 NAG J . -28.49 -3.77 -2.57
C6 NAG J . -29.19 -3.99 -3.88
C7 NAG J . -24.09 -3.25 0.17
C8 NAG J . -23.43 -3.13 1.51
N2 NAG J . -25.37 -2.90 0.12
O3 NAG J . -27.07 -0.78 -0.78
O4 NAG J . -29.56 -1.68 -2.06
O5 NAG J . -27.23 -4.45 -2.66
O6 NAG J . -28.38 -3.58 -4.97
O7 NAG J . -23.48 -3.65 -0.81
C1 NAG J . -29.54 -0.29 -2.47
C2 NAG J . -30.83 0.01 -3.23
C3 NAG J . -30.89 1.49 -3.61
C4 NAG J . -30.69 2.37 -2.39
C5 NAG J . -29.43 1.96 -1.64
C6 NAG J . -29.24 2.69 -0.33
C7 NAG J . -31.85 -1.82 -4.51
C8 NAG J . -31.84 -2.59 -5.80
N2 NAG J . -30.96 -0.83 -4.41
O3 NAG J . -32.15 1.73 -4.23
O4 NAG J . -30.53 3.74 -2.74
O5 NAG J . -29.46 0.55 -1.32
O6 NAG J . -28.09 2.22 0.37
O7 NAG J . -32.61 -2.10 -3.58
C1 BMA J . -31.76 4.42 -3.11
C2 BMA J . -32.32 5.27 -1.89
C3 BMA J . -31.76 6.71 -1.83
C4 BMA J . -31.41 7.29 -3.22
C5 BMA J . -32.08 6.49 -4.31
C6 BMA J . -31.84 7.06 -5.69
O2 BMA J . -32.01 4.64 -0.65
O3 BMA J . -30.65 6.78 -0.92
O4 BMA J . -31.85 8.65 -3.29
O5 BMA J . -31.51 5.20 -4.28
O6 BMA J . -31.12 6.08 -6.44
C1 MAN J . -30.32 8.14 -0.55
C2 MAN J . -29.82 8.12 0.93
C3 MAN J . -29.32 9.51 1.34
C4 MAN J . -29.85 10.60 0.38
C5 MAN J . -31.32 10.30 0.05
C6 MAN J . -31.99 11.40 -0.77
O2 MAN J . -28.72 7.24 1.10
O3 MAN J . -27.89 9.56 1.41
O4 MAN J . -29.73 11.88 0.99
O5 MAN J . -31.42 9.06 -0.70
O6 MAN J . -31.20 11.60 -1.94
C1 MAN J . -31.69 5.87 -7.75
C2 MAN J . -33.23 5.60 -7.62
C3 MAN J . -33.48 4.21 -7.02
C4 MAN J . -32.69 3.13 -7.78
C5 MAN J . -31.20 3.51 -7.78
C6 MAN J . -30.33 2.52 -8.52
O2 MAN J . -33.88 5.60 -8.89
O3 MAN J . -34.88 3.88 -7.00
O4 MAN J . -32.87 1.87 -7.17
O5 MAN J . -31.04 4.79 -8.39
O6 MAN J . -28.97 2.79 -8.21
C1 NAG K . -25.04 32.54 2.47
C2 NAG K . -25.32 31.36 3.41
C3 NAG K . -26.56 31.64 4.26
C4 NAG K . -26.41 32.98 4.98
C5 NAG K . -26.10 34.08 4.00
C6 NAG K . -25.82 35.42 4.65
C7 NAG K . -24.89 28.98 2.98
C8 NAG K . -23.99 29.02 4.18
N2 NAG K . -25.50 30.13 2.66
O3 NAG K . -26.73 30.59 5.21
O4 NAG K . -27.62 33.29 5.68
O5 NAG K . -24.92 33.75 3.24
O6 NAG K . -24.77 35.32 5.60
O7 NAG K . -25.06 27.96 2.32
C1 NAG L . -17.77 47.84 -2.36
C2 NAG L . -18.40 49.24 -2.34
C3 NAG L . -19.00 49.54 -0.97
C4 NAG L . -19.97 48.43 -0.58
C5 NAG L . -19.28 47.07 -0.64
C6 NAG L . -20.20 45.91 -0.36
C7 NAG L . -17.20 50.68 -3.94
C8 NAG L . -16.16 51.73 -4.12
N2 NAG L . -17.42 50.26 -2.69
O3 NAG L . -19.68 50.79 -1.00
O4 NAG L . -20.44 48.65 0.75
O5 NAG L . -18.75 46.87 -1.97
O6 NAG L . -21.41 46.01 -1.11
O7 NAG L . -17.83 50.21 -4.89
C1 NAG M . 8.15 34.83 9.46
C2 NAG M . 9.46 34.31 10.04
C3 NAG M . 9.25 33.84 11.48
C4 NAG M . 8.61 34.95 12.31
C5 NAG M . 7.34 35.47 11.62
C6 NAG M . 6.74 36.66 12.32
C7 NAG M . 10.76 33.43 8.15
C8 NAG M . 11.22 32.21 7.43
N2 NAG M . 9.99 33.23 9.24
O3 NAG M . 10.50 33.46 12.05
O4 NAG M . 8.28 34.46 13.61
O5 NAG M . 7.65 35.88 10.29
O6 NAG M . 6.56 37.75 11.44
O7 NAG M . 11.06 34.56 7.78
C1 NAG N . -6.27 28.68 -37.41
C2 NAG N . -6.08 29.86 -36.45
C3 NAG N . -5.73 31.11 -37.24
C4 NAG N . -4.53 30.86 -38.14
C5 NAG N . -4.77 29.64 -39.01
C6 NAG N . -3.56 29.26 -39.85
C7 NAG N . -7.24 30.07 -34.30
C8 NAG N . -5.91 29.84 -33.66
N2 NAG N . -7.27 30.07 -35.64
O3 NAG N . -5.44 32.17 -36.33
O4 NAG N . -4.30 32.01 -38.95
O5 NAG N . -5.08 28.50 -38.20
O6 NAG N . -2.41 30.01 -39.48
O7 NAG N . -8.25 30.24 -33.64
ZN ZN O . -11.69 21.88 -16.90
ZN ZN P . -11.48 18.95 -19.02
CA CA Q . -12.96 7.90 -2.71
C1 NAG R . 32.93 -14.46 19.99
C2 NAG R . 33.17 -13.38 18.92
C3 NAG R . 34.66 -13.07 18.81
C4 NAG R . 35.24 -12.74 20.17
C5 NAG R . 34.93 -13.84 21.18
C6 NAG R . 35.37 -13.51 22.58
C7 NAG R . 31.87 -12.99 16.87
C8 NAG R . 31.59 -11.62 17.42
N2 NAG R . 32.62 -13.79 17.65
O3 NAG R . 34.85 -11.99 17.91
O4 NAG R . 36.66 -12.59 20.07
O5 NAG R . 33.50 -14.04 21.23
O6 NAG R . 34.83 -12.27 23.03
O7 NAG R . 31.43 -13.36 15.80
C1 NAG S . 29.65 -20.62 36.13
C2 NAG S . 30.62 -21.18 37.16
C3 NAG S . 31.80 -20.23 37.38
C4 NAG S . 32.45 -19.87 36.05
C5 NAG S . 31.39 -19.34 35.09
C6 NAG S . 31.95 -19.05 33.70
C7 NAG S . 29.39 -22.64 38.70
C8 NAG S . 28.75 -22.75 40.05
N2 NAG S . 29.96 -21.46 38.42
O3 NAG S . 32.75 -20.83 38.24
O4 NAG S . 33.45 -18.88 36.25
O5 NAG S . 30.35 -20.30 34.92
O6 NAG S . 32.69 -20.16 33.21
O7 NAG S . 29.40 -23.58 37.91
C1 NAG T . 8.13 1.82 36.11
C2 NAG T . 6.98 2.81 36.27
C3 NAG T . 7.49 4.23 35.99
C4 NAG T . 8.70 4.55 36.86
C5 NAG T . 9.76 3.47 36.69
C6 NAG T . 10.93 3.65 37.61
C7 NAG T . 4.72 1.95 35.84
C8 NAG T . 4.62 1.71 37.31
N2 NAG T . 5.87 2.49 35.40
O3 NAG T . 6.44 5.16 36.26
O4 NAG T . 9.24 5.80 36.48
O5 NAG T . 9.20 2.18 36.98
O6 NAG T . 11.06 2.55 38.52
O7 NAG T . 3.80 1.69 35.08
C1 NAG U . -0.34 -43.72 18.82
C2 NAG U . 0.28 -43.09 20.07
C3 NAG U . 0.07 -43.99 21.28
C4 NAG U . -1.40 -44.35 21.42
C5 NAG U . -1.95 -44.91 20.12
C6 NAG U . -3.44 -45.16 20.17
C7 NAG U . 2.21 -41.57 20.06
C8 NAG U . 1.25 -40.50 20.49
N2 NAG U . 1.68 -42.78 19.88
O3 NAG U . 0.54 -43.34 22.44
O4 NAG U . -1.57 -45.31 22.46
O5 NAG U . -1.72 -43.98 19.05
O6 NAG U . -4.05 -44.44 21.23
O7 NAG U . 3.41 -41.35 19.89
ZN ZN V . 10.35 -24.97 13.07
ZN ZN W . 8.42 -26.04 10.21
CA CA X . 12.60 -8.70 1.70
CL CL Y . 1.85 -27.87 7.32
#